data_4OK2
#
_entry.id   4OK2
#
_cell.length_a   84.954
_cell.length_b   136.635
_cell.length_c   88.856
_cell.angle_alpha   90.00
_cell.angle_beta   107.11
_cell.angle_gamma   90.00
#
_symmetry.space_group_name_H-M   'P 1 21 1'
#
loop_
_entity.id
_entity.type
_entity.pdbx_description
1 polymer 'Putative alginate lyase'
2 non-polymer 'ZINC ION'
3 water water
#
_entity_poly.entity_id   1
_entity_poly.type   'polypeptide(L)'
_entity_poly.pdbx_seq_one_letter_code
;MLSVNTIKNTLLAAVLVSVPATAQVSGNGHPNLIVTEQDVANIAASWESYDAYAEQLNADKTNLDAFMAEGVVVPMPKDA
GGGYTHEQHKRNYKAIRNAGFLYQVTGDEKYLTFAKDLLLAYAKMYPSLGEHPNRKEQSPGRLFWQSLNEAVWLVYSIQG
YDAIIDGLAAEEKQEIESGVFLPMAKFLSVESPETFNKIHNHGTWAVAAVGMTGYVLGNDELVEISLMGLDKTGKAGFMK
QLDKLFSPDGYYTEGPYAQRYALMPFIWFAKAIETNEPERKIFEYRNNILLKAVYTTIDLSYAGYFFPINDALKDKGIDT
VELVHALAIVYSITGDNTLLDIAQEQGRISLTGDGLKVAKAVGEGLTQPYNYRSILLGDGADGDQGALSIHRLGEGHNHM
ALVAKNTSQGMGHGHFDKLNWLLYDNGNEIVTDYGAARYLNVEAKYGGHYLAENNTWAKQTIAHNTLVVNEQSHFYGDVT
TADLHHPEVLSFYSGEDYQLSSAKEANAYDGVEFVRSMLLVNVPSLEHPIVVDVLNVSADKASTFDLPLYFNGQIIDFSF
KVKDNKNVMKMLGKRNGYQHLWLRNTAPVGDASERATWILDDRFYSYAFVTSTPSKKQNVLIAELGANDPNYNLRQQQVL
IRRVEKAKQASFVSVLEPHGKYDGSLETTSGAYSNVKSVKHVSENGKDVVVVDLKDGSNVVVALSYNANSEQVHKVNAGE
EAIEWKGFSSVVVRRK
;
_entity_poly.pdbx_strand_id   A,B
#
loop_
_chem_comp.id
_chem_comp.type
_chem_comp.name
_chem_comp.formula
ZN non-polymer 'ZINC ION' 'Zn 2'
#
# COMPACT_ATOMS: atom_id res chain seq x y z
N HIS A 30 29.08 30.67 -22.20
CA HIS A 30 29.25 29.71 -21.06
C HIS A 30 28.63 30.18 -19.74
N PRO A 31 27.73 29.36 -19.12
CA PRO A 31 27.20 28.10 -19.70
C PRO A 31 26.26 28.33 -20.89
N ASN A 32 26.31 27.43 -21.87
CA ASN A 32 25.40 27.49 -23.03
C ASN A 32 25.05 26.07 -23.55
N LEU A 33 24.35 25.30 -22.71
CA LEU A 33 24.08 23.88 -22.97
C LEU A 33 22.68 23.50 -22.51
N ILE A 34 22.58 22.92 -21.31
CA ILE A 34 21.27 22.64 -20.69
C ILE A 34 20.77 23.94 -20.02
N VAL A 35 21.70 24.65 -19.38
CA VAL A 35 21.47 26.00 -18.87
C VAL A 35 22.19 27.00 -19.78
N THR A 36 21.57 28.16 -20.02
CA THR A 36 22.25 29.30 -20.65
C THR A 36 22.62 30.30 -19.54
N GLU A 37 23.47 31.28 -19.87
CA GLU A 37 23.78 32.43 -18.99
C GLU A 37 22.53 33.21 -18.59
N GLN A 38 21.65 33.41 -19.58
CA GLN A 38 20.39 34.06 -19.35
C GLN A 38 19.59 33.31 -18.29
N ASP A 39 19.59 31.98 -18.40
CA ASP A 39 18.91 31.09 -17.45
C ASP A 39 19.43 31.25 -16.03
N VAL A 40 20.77 31.34 -15.87
CA VAL A 40 21.35 31.41 -14.53
C VAL A 40 21.02 32.74 -13.91
N ALA A 41 20.97 33.79 -14.73
CA ALA A 41 20.58 35.12 -14.24
C ALA A 41 19.16 35.07 -13.68
N ASN A 42 18.20 34.56 -14.45
CA ASN A 42 16.83 34.42 -13.94
C ASN A 42 16.80 33.56 -12.68
N ILE A 43 17.57 32.47 -12.66
CA ILE A 43 17.61 31.58 -11.48
C ILE A 43 18.11 32.34 -10.26
N ALA A 44 19.31 32.93 -10.38
CA ALA A 44 19.94 33.75 -9.33
C ALA A 44 18.98 34.83 -8.84
N ALA A 45 18.37 35.54 -9.78
CA ALA A 45 17.42 36.60 -9.45
C ALA A 45 16.23 36.17 -8.58
N SER A 46 15.68 34.98 -8.82
CA SER A 46 14.36 34.64 -8.26
C SER A 46 14.19 33.25 -7.64
N TRP A 47 15.24 32.47 -7.50
CA TRP A 47 15.04 31.08 -7.07
C TRP A 47 14.55 30.98 -5.62
N GLU A 48 14.97 31.93 -4.80
CA GLU A 48 14.65 31.89 -3.38
C GLU A 48 13.16 32.14 -3.16
N SER A 49 12.49 32.65 -4.20
CA SER A 49 11.07 33.01 -4.15
C SER A 49 10.08 31.86 -4.27
N TYR A 50 10.54 30.70 -4.73
CA TYR A 50 9.64 29.54 -4.86
C TYR A 50 10.04 28.42 -3.90
N ASP A 51 9.16 28.18 -2.93
CA ASP A 51 9.40 27.26 -1.80
C ASP A 51 9.98 25.90 -2.23
N ALA A 52 9.32 25.26 -3.19
CA ALA A 52 9.66 23.89 -3.60
C ALA A 52 11.00 23.85 -4.35
N TYR A 53 11.12 24.70 -5.37
CA TYR A 53 12.39 24.88 -6.08
C TYR A 53 13.53 25.15 -5.10
N ALA A 54 13.32 26.07 -4.14
CA ALA A 54 14.37 26.44 -3.19
C ALA A 54 14.70 25.31 -2.23
N GLU A 55 13.68 24.61 -1.76
CA GLU A 55 13.89 23.45 -0.92
C GLU A 55 14.74 22.39 -1.63
N GLN A 56 14.39 22.11 -2.88
CA GLN A 56 15.11 21.11 -3.67
C GLN A 56 16.54 21.55 -4.02
N LEU A 57 16.71 22.84 -4.36
CA LEU A 57 18.04 23.41 -4.62
C LEU A 57 18.89 23.41 -3.35
N ASN A 58 18.28 23.77 -2.22
CA ASN A 58 18.97 23.70 -0.92
C ASN A 58 19.37 22.29 -0.52
N ALA A 59 18.51 21.31 -0.80
CA ALA A 59 18.80 19.90 -0.51
C ALA A 59 20.04 19.46 -1.27
N ASP A 60 20.05 19.72 -2.57
CA ASP A 60 21.19 19.39 -3.44
C ASP A 60 22.47 20.06 -2.98
N LYS A 61 22.34 21.29 -2.46
CA LYS A 61 23.48 22.04 -1.92
C LYS A 61 23.99 21.40 -0.63
N THR A 62 23.08 21.11 0.31
CA THR A 62 23.45 20.47 1.57
C THR A 62 24.25 19.21 1.28
N ASN A 63 23.70 18.38 0.40
CA ASN A 63 24.28 17.07 0.08
C ASN A 63 25.64 17.15 -0.62
N LEU A 64 25.76 18.06 -1.57
CA LEU A 64 27.05 18.32 -2.20
C LEU A 64 28.10 18.79 -1.19
N ASP A 65 27.72 19.70 -0.29
CA ASP A 65 28.60 20.22 0.77
C ASP A 65 29.14 19.08 1.62
N ALA A 66 28.28 18.09 1.91
CA ALA A 66 28.70 16.91 2.68
C ALA A 66 29.67 16.05 1.88
N PHE A 67 29.48 16.04 0.56
CA PHE A 67 30.33 15.31 -0.36
C PHE A 67 31.68 16.03 -0.58
N MET A 68 31.67 17.36 -0.59
CA MET A 68 32.90 18.14 -0.73
C MET A 68 33.78 17.94 0.48
N ALA A 69 33.15 17.97 1.66
CA ALA A 69 33.80 17.74 2.96
C ALA A 69 34.70 16.51 3.00
N GLU A 70 34.59 15.62 2.01
CA GLU A 70 35.38 14.39 1.97
C GLU A 70 36.57 14.48 1.02
N GLY A 71 36.61 15.57 0.26
CA GLY A 71 37.73 15.88 -0.63
C GLY A 71 37.56 15.31 -2.02
N VAL A 72 38.58 15.50 -2.85
CA VAL A 72 38.59 15.02 -4.23
C VAL A 72 39.01 13.54 -4.32
N VAL A 73 38.02 12.64 -4.35
CA VAL A 73 38.29 11.19 -4.38
C VAL A 73 37.95 10.58 -5.75
N VAL A 74 38.99 10.24 -6.51
CA VAL A 74 38.88 9.76 -7.88
C VAL A 74 39.73 8.48 -8.04
N PRO A 75 39.17 7.30 -7.64
CA PRO A 75 39.99 6.08 -7.60
C PRO A 75 40.20 5.46 -8.99
N MET A 76 41.08 4.46 -9.06
CA MET A 76 41.30 3.73 -10.30
C MET A 76 40.13 2.76 -10.52
N PRO A 77 39.57 2.73 -11.75
CA PRO A 77 38.51 1.79 -12.15
C PRO A 77 38.82 0.36 -11.72
N LYS A 78 37.86 -0.29 -11.06
CA LYS A 78 38.08 -1.58 -10.45
C LYS A 78 36.82 -2.46 -10.47
N ASP A 79 35.68 -1.89 -10.05
CA ASP A 79 34.45 -2.66 -9.85
C ASP A 79 33.38 -2.42 -10.92
N ALA A 80 32.41 -3.33 -11.00
CA ALA A 80 31.23 -3.18 -11.87
C ALA A 80 29.97 -2.85 -11.07
N GLY A 81 28.81 -3.04 -11.70
CA GLY A 81 27.49 -3.02 -11.05
C GLY A 81 27.22 -1.99 -9.97
N GLY A 82 27.08 -2.46 -8.74
CA GLY A 82 26.92 -1.59 -7.58
C GLY A 82 28.16 -1.61 -6.69
N GLY A 83 29.31 -1.90 -7.32
CA GLY A 83 30.59 -1.93 -6.63
C GLY A 83 31.14 -0.52 -6.42
N TYR A 84 32.12 -0.43 -5.52
CA TYR A 84 32.58 0.87 -5.04
C TYR A 84 32.95 1.88 -6.12
N THR A 85 33.89 1.53 -7.00
CA THR A 85 34.37 2.50 -7.99
C THR A 85 33.32 2.89 -9.03
N HIS A 86 32.43 1.98 -9.39
CA HIS A 86 31.28 2.32 -10.24
C HIS A 86 30.49 3.44 -9.56
N GLU A 87 30.14 3.25 -8.29
CA GLU A 87 29.28 4.20 -7.55
C GLU A 87 29.96 5.56 -7.29
N GLN A 88 31.24 5.49 -6.93
CA GLN A 88 32.05 6.68 -6.70
C GLN A 88 32.14 7.56 -7.94
N HIS A 89 32.42 6.94 -9.08
CA HIS A 89 32.50 7.67 -10.34
C HIS A 89 31.14 8.24 -10.75
N LYS A 90 30.06 7.63 -10.26
CA LYS A 90 28.70 8.16 -10.47
C LYS A 90 28.44 9.37 -9.58
N ARG A 91 28.81 9.27 -8.30
CA ARG A 91 28.73 10.41 -7.39
C ARG A 91 29.52 11.58 -7.95
N ASN A 92 30.72 11.30 -8.44
CA ASN A 92 31.57 12.33 -9.02
C ASN A 92 30.97 13.08 -10.18
N TYR A 93 30.36 12.39 -11.14
CA TYR A 93 29.78 13.09 -12.29
C TYR A 93 28.56 13.92 -11.89
N LYS A 94 27.88 13.52 -10.82
CA LYS A 94 26.77 14.33 -10.29
C LYS A 94 27.30 15.61 -9.63
N ALA A 95 28.31 15.45 -8.77
CA ALA A 95 28.99 16.58 -8.14
C ALA A 95 29.56 17.56 -9.15
N ILE A 96 30.18 17.06 -10.22
CA ILE A 96 30.74 17.97 -11.24
C ILE A 96 29.66 18.85 -11.87
N ARG A 97 28.51 18.25 -12.15
CA ARG A 97 27.38 18.98 -12.73
C ARG A 97 26.75 19.90 -11.67
N ASN A 98 26.53 19.35 -10.46
CA ASN A 98 25.97 20.14 -9.36
C ASN A 98 26.83 21.33 -8.93
N ALA A 99 28.14 21.12 -8.81
CA ALA A 99 29.05 22.17 -8.39
C ALA A 99 29.12 23.26 -9.44
N GLY A 100 29.18 22.86 -10.71
CA GLY A 100 29.18 23.80 -11.83
C GLY A 100 27.98 24.72 -11.75
N PHE A 101 26.82 24.11 -11.47
CA PHE A 101 25.54 24.80 -11.42
C PHE A 101 25.41 25.73 -10.22
N LEU A 102 25.85 25.26 -9.05
CA LEU A 102 25.79 26.07 -7.82
C LEU A 102 26.75 27.25 -7.85
N TYR A 103 27.92 27.07 -8.46
CA TYR A 103 28.87 28.14 -8.67
C TYR A 103 28.24 29.27 -9.49
N GLN A 104 27.59 28.89 -10.59
CA GLN A 104 26.90 29.85 -11.42
C GLN A 104 25.84 30.61 -10.63
N VAL A 105 25.11 29.87 -9.79
CA VAL A 105 23.91 30.39 -9.14
C VAL A 105 24.20 31.13 -7.83
N THR A 106 25.08 30.60 -6.99
CA THR A 106 25.37 31.28 -5.73
C THR A 106 26.55 32.26 -5.84
N GLY A 107 27.31 32.18 -6.93
CA GLY A 107 28.50 33.00 -7.16
C GLY A 107 29.67 32.54 -6.32
N ASP A 108 29.41 31.55 -5.46
CA ASP A 108 30.36 31.06 -4.46
C ASP A 108 31.51 30.25 -5.10
N GLU A 109 32.74 30.63 -4.77
CA GLU A 109 33.95 30.13 -5.43
C GLU A 109 34.32 28.67 -5.14
N LYS A 110 34.02 28.20 -3.92
CA LYS A 110 34.37 26.85 -3.48
C LYS A 110 33.84 25.77 -4.43
N TYR A 111 32.69 26.04 -5.04
CA TYR A 111 32.10 25.11 -5.99
C TYR A 111 32.92 25.00 -7.28
N LEU A 112 33.42 26.13 -7.78
CA LEU A 112 34.33 26.12 -8.93
C LEU A 112 35.59 25.29 -8.66
N THR A 113 36.26 25.52 -7.53
CA THR A 113 37.52 24.83 -7.23
C THR A 113 37.35 23.32 -6.99
N PHE A 114 36.22 22.91 -6.44
CA PHE A 114 35.92 21.48 -6.29
C PHE A 114 35.70 20.77 -7.66
N ALA A 115 34.84 21.36 -8.49
CA ALA A 115 34.61 20.85 -9.83
C ALA A 115 35.90 20.84 -10.66
N LYS A 116 36.66 21.93 -10.56
CA LYS A 116 37.97 22.06 -11.18
C LYS A 116 38.93 20.98 -10.71
N ASP A 117 39.05 20.81 -9.40
CA ASP A 117 39.96 19.82 -8.82
C ASP A 117 39.62 18.39 -9.18
N LEU A 118 38.31 18.08 -9.23
CA LEU A 118 37.81 16.77 -9.65
C LEU A 118 38.18 16.52 -11.09
N LEU A 119 37.90 17.49 -11.95
CA LEU A 119 38.22 17.38 -13.36
C LEU A 119 39.72 17.25 -13.67
N LEU A 120 40.56 17.95 -12.90
CA LEU A 120 42.01 17.87 -13.06
C LEU A 120 42.56 16.51 -12.66
N ALA A 121 42.03 15.95 -11.56
CA ALA A 121 42.38 14.59 -11.15
C ALA A 121 41.95 13.58 -12.21
N TYR A 122 40.81 13.84 -12.87
CA TYR A 122 40.35 13.03 -14.01
C TYR A 122 41.23 13.18 -15.24
N ALA A 123 41.67 14.42 -15.49
CA ALA A 123 42.55 14.75 -16.62
C ALA A 123 43.89 14.03 -16.52
N LYS A 124 44.42 13.96 -15.30
CA LYS A 124 45.70 13.32 -15.04
C LYS A 124 45.57 11.85 -14.61
N MET A 125 44.58 11.18 -15.16
CA MET A 125 44.39 9.75 -14.93
C MET A 125 43.82 9.08 -16.18
N TYR A 126 42.95 9.80 -16.89
CA TYR A 126 42.23 9.24 -18.03
C TYR A 126 43.10 8.73 -19.18
N PRO A 127 44.13 9.50 -19.59
CA PRO A 127 44.96 9.08 -20.74
C PRO A 127 45.75 7.78 -20.49
N SER A 128 45.85 7.36 -19.24
CA SER A 128 46.55 6.12 -18.89
C SER A 128 45.65 4.88 -18.88
N LEU A 129 44.33 5.09 -19.03
CA LEU A 129 43.37 3.99 -18.88
C LEU A 129 43.14 3.17 -20.15
N GLY A 130 43.37 1.87 -20.02
CA GLY A 130 42.93 0.90 -21.01
C GLY A 130 41.55 0.44 -20.56
N GLU A 131 41.01 -0.56 -21.25
CA GLU A 131 39.68 -1.06 -20.92
C GLU A 131 39.59 -1.50 -19.45
N HIS A 132 38.44 -1.19 -18.84
CA HIS A 132 38.14 -1.50 -17.45
C HIS A 132 38.46 -2.97 -17.10
N PRO A 133 39.15 -3.21 -15.97
CA PRO A 133 39.48 -4.56 -15.47
C PRO A 133 38.29 -5.52 -15.41
N ASN A 134 37.09 -5.00 -15.16
CA ASN A 134 35.90 -5.85 -15.00
C ASN A 134 34.84 -5.79 -16.11
N ARG A 135 35.29 -5.59 -17.36
CA ARG A 135 34.43 -5.60 -18.56
C ARG A 135 33.67 -6.93 -18.73
N LYS A 136 32.63 -6.93 -19.56
CA LYS A 136 31.94 -8.17 -19.93
C LYS A 136 31.98 -8.33 -21.44
N GLU A 137 30.96 -8.99 -22.00
CA GLU A 137 30.72 -8.98 -23.44
C GLU A 137 30.22 -7.60 -23.85
N GLN A 138 29.60 -6.90 -22.89
CA GLN A 138 29.23 -5.49 -23.06
C GLN A 138 30.44 -4.70 -23.53
N SER A 139 30.25 -3.94 -24.62
CA SER A 139 31.24 -2.97 -25.06
C SER A 139 31.83 -2.30 -23.83
N PRO A 140 33.13 -2.55 -23.59
CA PRO A 140 33.82 -2.13 -22.38
C PRO A 140 33.89 -0.61 -22.27
N GLY A 141 34.12 -0.13 -21.07
CA GLY A 141 34.49 1.27 -20.88
C GLY A 141 35.87 1.32 -20.25
N ARG A 142 36.26 2.49 -19.76
CA ARG A 142 37.53 2.68 -19.08
C ARG A 142 37.29 2.99 -17.60
N LEU A 143 36.71 4.16 -17.33
CA LEU A 143 36.18 4.53 -16.01
C LEU A 143 35.15 3.53 -15.49
N PHE A 144 34.43 2.89 -16.41
CA PHE A 144 33.33 2.02 -16.05
C PHE A 144 33.43 0.69 -16.76
N TRP A 145 32.76 -0.31 -16.18
CA TRP A 145 32.79 -1.66 -16.72
C TRP A 145 32.22 -1.71 -18.15
N GLN A 146 31.23 -0.86 -18.42
CA GLN A 146 30.60 -0.78 -19.74
C GLN A 146 30.56 0.66 -20.22
N SER A 147 30.73 0.88 -21.53
CA SER A 147 30.79 2.23 -22.10
C SER A 147 29.49 3.07 -22.00
N LEU A 148 28.36 2.44 -21.67
CA LEU A 148 27.12 3.19 -21.43
C LEU A 148 27.34 4.20 -20.31
N ASN A 149 27.88 3.71 -19.18
CA ASN A 149 28.18 4.56 -18.01
C ASN A 149 29.24 5.63 -18.31
N GLU A 150 30.22 5.26 -19.12
CA GLU A 150 31.16 6.22 -19.66
C GLU A 150 30.41 7.39 -20.30
N ALA A 151 29.49 7.10 -21.22
CA ALA A 151 28.74 8.16 -21.92
C ALA A 151 27.89 9.02 -20.96
N VAL A 152 27.31 8.39 -19.94
CA VAL A 152 26.53 9.14 -18.94
C VAL A 152 27.46 10.07 -18.12
N TRP A 153 28.60 9.55 -17.67
CA TRP A 153 29.61 10.37 -17.01
C TRP A 153 29.91 11.63 -17.83
N LEU A 154 30.11 11.47 -19.13
CA LEU A 154 30.36 12.59 -20.03
C LEU A 154 29.18 13.55 -20.16
N VAL A 155 27.96 13.03 -20.33
CA VAL A 155 26.77 13.90 -20.42
C VAL A 155 26.60 14.80 -19.19
N TYR A 156 26.80 14.23 -17.98
CA TYR A 156 26.79 15.01 -16.73
C TYR A 156 28.00 15.94 -16.58
N SER A 157 29.21 15.39 -16.62
CA SER A 157 30.43 16.16 -16.40
C SER A 157 30.60 17.37 -17.30
N ILE A 158 30.30 17.22 -18.59
CA ILE A 158 30.50 18.31 -19.53
C ILE A 158 29.65 19.51 -19.16
N GLN A 159 28.51 19.25 -18.51
CA GLN A 159 27.63 20.33 -18.06
C GLN A 159 28.27 21.12 -16.92
N GLY A 160 28.98 20.41 -16.03
CA GLY A 160 29.75 21.03 -14.95
C GLY A 160 30.87 21.90 -15.49
N TYR A 161 31.63 21.32 -16.42
CA TYR A 161 32.69 22.03 -17.12
C TYR A 161 32.17 23.24 -17.85
N ASP A 162 31.01 23.10 -18.50
CA ASP A 162 30.40 24.22 -19.23
C ASP A 162 30.10 25.39 -18.30
N ALA A 163 29.75 25.06 -17.07
CA ALA A 163 29.36 26.07 -16.10
C ALA A 163 30.58 26.72 -15.44
N ILE A 164 31.75 26.15 -15.70
CA ILE A 164 32.99 26.44 -14.97
C ILE A 164 34.10 27.08 -15.84
N ILE A 165 33.98 27.00 -17.18
CA ILE A 165 35.03 27.49 -18.10
C ILE A 165 35.44 28.96 -17.93
N ASP A 166 34.47 29.85 -17.84
CA ASP A 166 34.75 31.27 -17.69
C ASP A 166 35.62 31.59 -16.47
N GLY A 167 35.52 30.77 -15.42
CA GLY A 167 36.36 30.93 -14.23
C GLY A 167 37.71 30.21 -14.26
N LEU A 168 38.14 29.76 -15.43
CA LEU A 168 39.40 29.00 -15.56
C LEU A 168 40.51 29.65 -16.39
N ALA A 169 41.75 29.45 -15.95
CA ALA A 169 42.95 29.85 -16.71
C ALA A 169 43.17 28.89 -17.88
N ALA A 170 43.88 29.36 -18.91
CA ALA A 170 44.08 28.60 -20.16
C ALA A 170 44.81 27.26 -20.00
N GLU A 171 45.75 27.17 -19.06
CA GLU A 171 46.49 25.92 -18.82
C GLU A 171 45.67 24.89 -18.04
N GLU A 172 44.64 25.37 -17.35
CA GLU A 172 43.68 24.50 -16.65
C GLU A 172 42.73 23.83 -17.65
N LYS A 173 42.02 24.66 -18.43
CA LYS A 173 41.23 24.21 -19.58
C LYS A 173 41.96 23.20 -20.44
N GLN A 174 43.16 23.59 -20.86
CA GLN A 174 44.11 22.74 -21.59
C GLN A 174 44.25 21.34 -20.99
N GLU A 175 44.57 21.27 -19.70
CA GLU A 175 44.76 19.99 -19.02
C GLU A 175 43.47 19.16 -19.03
N ILE A 176 42.34 19.84 -18.82
CA ILE A 176 41.02 19.19 -18.79
C ILE A 176 40.63 18.66 -20.19
N GLU A 177 40.67 19.53 -21.19
CA GLU A 177 40.17 19.19 -22.51
C GLU A 177 41.03 18.11 -23.17
N SER A 178 42.34 18.28 -23.10
CA SER A 178 43.27 17.33 -23.70
C SER A 178 43.40 16.05 -22.87
N GLY A 179 43.09 16.15 -21.57
CA GLY A 179 43.20 15.03 -20.63
C GLY A 179 41.98 14.12 -20.54
N VAL A 180 40.81 14.69 -20.19
CA VAL A 180 39.55 13.90 -20.05
C VAL A 180 38.69 13.92 -21.30
N PHE A 181 38.19 15.12 -21.64
CA PHE A 181 37.13 15.29 -22.63
C PHE A 181 37.43 14.83 -24.06
N LEU A 182 38.44 15.43 -24.71
CA LEU A 182 38.80 15.05 -26.07
C LEU A 182 39.14 13.55 -26.20
N PRO A 183 39.99 13.01 -25.29
CA PRO A 183 40.24 11.55 -25.31
C PRO A 183 39.01 10.70 -25.05
N MET A 184 38.10 11.19 -24.20
CA MET A 184 36.89 10.43 -23.92
C MET A 184 35.91 10.49 -25.10
N ALA A 185 35.70 11.68 -25.66
CA ALA A 185 34.91 11.82 -26.90
C ALA A 185 35.42 10.91 -28.03
N LYS A 186 36.73 10.82 -28.18
CA LYS A 186 37.39 9.96 -29.17
C LYS A 186 37.05 8.48 -28.92
N PHE A 187 37.24 8.05 -27.68
CA PHE A 187 36.99 6.68 -27.26
C PHE A 187 35.53 6.25 -27.55
N LEU A 188 34.57 7.12 -27.24
CA LEU A 188 33.16 6.76 -27.40
C LEU A 188 32.66 6.88 -28.83
N SER A 189 33.41 7.62 -29.67
CA SER A 189 33.06 7.77 -31.09
C SER A 189 33.97 6.95 -32.02
N VAL A 190 35.05 7.55 -32.49
CA VAL A 190 35.96 6.92 -33.47
C VAL A 190 36.48 5.54 -33.05
N GLU A 191 36.80 5.35 -31.77
CA GLU A 191 37.33 4.04 -31.32
C GLU A 191 36.24 3.03 -30.96
N SER A 192 34.97 3.45 -30.94
CA SER A 192 33.86 2.54 -30.65
C SER A 192 32.71 2.63 -31.64
N PRO A 193 32.97 2.30 -32.92
CA PRO A 193 31.92 2.42 -33.95
C PRO A 193 30.73 1.46 -33.81
N GLU A 194 30.98 0.26 -33.28
CA GLU A 194 29.89 -0.71 -33.08
C GLU A 194 28.79 -0.17 -32.14
N THR A 195 29.15 0.83 -31.34
CA THR A 195 28.29 1.48 -30.34
C THR A 195 27.80 2.85 -30.86
N PHE A 196 28.75 3.71 -31.19
CA PHE A 196 28.46 5.07 -31.64
C PHE A 196 27.58 5.07 -32.87
N ASN A 197 27.75 4.06 -33.71
CA ASN A 197 26.92 3.89 -34.91
C ASN A 197 25.58 3.21 -34.67
N LYS A 198 25.36 2.69 -33.46
CA LYS A 198 24.18 1.87 -33.15
C LYS A 198 22.86 2.65 -33.20
N ILE A 199 21.81 2.00 -33.71
CA ILE A 199 20.48 2.60 -33.69
C ILE A 199 19.79 1.97 -32.49
N HIS A 200 20.24 2.41 -31.32
CA HIS A 200 19.92 1.81 -30.05
C HIS A 200 20.18 2.90 -29.01
N ASN A 201 19.62 2.71 -27.83
CA ASN A 201 19.80 3.58 -26.67
C ASN A 201 21.28 3.83 -26.39
N HIS A 202 22.08 2.76 -26.48
CA HIS A 202 23.53 2.86 -26.31
C HIS A 202 24.08 3.91 -27.24
N GLY A 203 23.59 3.93 -28.48
CA GLY A 203 23.99 4.93 -29.43
C GLY A 203 23.58 6.34 -29.02
N THR A 204 22.40 6.46 -28.40
CA THR A 204 21.83 7.77 -28.07
C THR A 204 22.67 8.41 -26.99
N TRP A 205 23.04 7.62 -25.98
CA TRP A 205 23.89 8.11 -24.91
C TRP A 205 25.27 8.53 -25.43
N ALA A 206 25.80 7.73 -26.35
CA ALA A 206 27.12 8.00 -26.92
C ALA A 206 27.13 9.28 -27.74
N VAL A 207 26.18 9.44 -28.68
CA VAL A 207 26.15 10.67 -29.49
C VAL A 207 25.82 11.88 -28.61
N ALA A 208 24.89 11.74 -27.68
CA ALA A 208 24.57 12.86 -26.82
C ALA A 208 25.83 13.35 -26.10
N ALA A 209 26.64 12.43 -25.57
CA ALA A 209 27.84 12.77 -24.81
C ALA A 209 28.90 13.46 -25.70
N VAL A 210 29.20 12.85 -26.85
CA VAL A 210 30.16 13.38 -27.80
C VAL A 210 29.69 14.71 -28.41
N GLY A 211 28.41 14.77 -28.79
CA GLY A 211 27.80 15.99 -29.32
C GLY A 211 27.71 17.16 -28.35
N MET A 212 27.43 16.87 -27.08
CA MET A 212 27.38 17.92 -26.06
C MET A 212 28.80 18.43 -25.75
N THR A 213 29.73 17.50 -25.65
CA THR A 213 31.13 17.85 -25.57
C THR A 213 31.48 18.75 -26.76
N GLY A 214 31.10 18.30 -27.94
CA GLY A 214 31.24 19.07 -29.17
C GLY A 214 30.85 20.52 -29.03
N TYR A 215 29.67 20.78 -28.47
CA TYR A 215 29.19 22.17 -28.30
C TYR A 215 29.98 23.04 -27.31
N VAL A 216 30.38 22.45 -26.19
CA VAL A 216 31.06 23.17 -25.12
C VAL A 216 32.47 23.58 -25.57
N LEU A 217 33.15 22.67 -26.24
CA LEU A 217 34.50 22.91 -26.78
C LEU A 217 34.52 23.69 -28.12
N GLY A 218 33.37 24.04 -28.68
CA GLY A 218 33.27 24.58 -30.04
C GLY A 218 34.03 23.71 -31.04
N ASN A 219 33.61 22.46 -31.17
CA ASN A 219 34.28 21.48 -32.03
C ASN A 219 33.30 20.88 -33.04
N ASP A 220 33.26 21.48 -34.23
CA ASP A 220 32.30 21.10 -35.28
C ASP A 220 32.33 19.62 -35.65
N GLU A 221 33.53 19.07 -35.76
CA GLU A 221 33.66 17.64 -36.03
C GLU A 221 32.79 16.77 -35.09
N LEU A 222 32.95 16.96 -33.78
CA LEU A 222 32.23 16.15 -32.78
C LEU A 222 30.71 16.30 -32.86
N VAL A 223 30.24 17.52 -33.16
CA VAL A 223 28.83 17.76 -33.45
C VAL A 223 28.37 16.97 -34.69
N GLU A 224 29.06 17.13 -35.83
CA GLU A 224 28.66 16.47 -37.09
C GLU A 224 28.67 14.95 -36.97
N ILE A 225 29.76 14.44 -36.41
CA ILE A 225 29.91 13.04 -35.98
C ILE A 225 28.65 12.55 -35.20
N SER A 226 28.23 13.35 -34.21
CA SER A 226 27.15 12.98 -33.31
C SER A 226 25.80 13.05 -33.99
N LEU A 227 25.65 14.02 -34.89
CA LEU A 227 24.40 14.22 -35.60
C LEU A 227 24.19 13.28 -36.78
N MET A 228 25.28 12.87 -37.44
CA MET A 228 25.20 12.20 -38.76
C MET A 228 26.03 10.93 -38.87
N GLY A 229 26.61 10.50 -37.75
CA GLY A 229 27.38 9.26 -37.72
C GLY A 229 28.81 9.55 -38.11
N LEU A 230 29.67 8.55 -37.95
CA LEU A 230 31.11 8.70 -38.18
C LEU A 230 31.41 9.22 -39.58
N ASP A 231 30.82 8.57 -40.57
CA ASP A 231 31.05 8.90 -41.98
C ASP A 231 30.26 10.12 -42.44
N LYS A 232 29.40 10.66 -41.57
CA LYS A 232 28.64 11.88 -41.86
C LYS A 232 27.64 11.72 -43.01
N THR A 233 27.42 10.47 -43.42
CA THR A 233 26.41 10.07 -44.40
C THR A 233 24.97 10.20 -43.89
N GLY A 234 24.79 10.05 -42.57
CA GLY A 234 23.46 10.10 -41.96
C GLY A 234 22.81 8.73 -41.88
N LYS A 235 23.59 7.69 -42.13
CA LYS A 235 23.12 6.30 -42.01
C LYS A 235 23.08 5.85 -40.56
N ALA A 236 23.91 6.51 -39.73
CA ALA A 236 23.84 6.41 -38.29
C ALA A 236 23.73 7.84 -37.72
N GLY A 237 23.82 7.97 -36.39
CA GLY A 237 23.78 9.29 -35.80
C GLY A 237 22.43 9.70 -35.25
N PHE A 238 22.42 10.82 -34.54
CA PHE A 238 21.27 11.33 -33.83
C PHE A 238 20.00 11.45 -34.68
N MET A 239 20.16 11.92 -35.92
CA MET A 239 19.00 12.16 -36.77
C MET A 239 18.32 10.85 -37.15
N LYS A 240 19.11 9.84 -37.46
CA LYS A 240 18.56 8.53 -37.78
C LYS A 240 17.91 7.91 -36.53
N GLN A 241 18.48 8.18 -35.36
CA GLN A 241 17.90 7.68 -34.12
C GLN A 241 16.52 8.28 -33.90
N LEU A 242 16.39 9.58 -34.18
CA LEU A 242 15.12 10.28 -34.09
C LEU A 242 14.09 9.71 -35.05
N ASP A 243 14.56 9.08 -36.13
CA ASP A 243 13.67 8.54 -37.13
C ASP A 243 13.29 7.12 -36.79
N LYS A 244 14.20 6.41 -36.14
CA LYS A 244 14.09 4.97 -36.04
C LYS A 244 13.65 4.44 -34.68
N LEU A 245 14.02 5.15 -33.61
CA LEU A 245 13.78 4.65 -32.26
C LEU A 245 12.37 4.90 -31.74
N PHE A 246 11.68 5.89 -32.32
CA PHE A 246 10.28 6.19 -31.99
C PHE A 246 9.40 5.92 -33.19
N SER A 247 8.16 5.54 -32.92
CA SER A 247 7.10 5.58 -33.89
C SER A 247 6.70 7.05 -34.11
N PRO A 248 5.95 7.34 -35.19
CA PRO A 248 5.49 8.72 -35.45
C PRO A 248 4.78 9.38 -34.26
N ASP A 249 4.03 8.59 -33.47
CA ASP A 249 3.36 9.06 -32.25
C ASP A 249 4.29 9.24 -31.03
N GLY A 250 5.58 8.92 -31.17
CA GLY A 250 6.54 9.05 -30.07
C GLY A 250 6.64 7.85 -29.12
N TYR A 251 6.26 6.66 -29.58
CA TYR A 251 6.33 5.44 -28.79
C TYR A 251 7.64 4.71 -29.04
N TYR A 252 8.28 4.29 -27.95
CA TYR A 252 9.55 3.58 -27.99
C TYR A 252 9.28 2.06 -27.82
N THR A 253 9.77 1.24 -28.75
CA THR A 253 9.35 -0.17 -28.83
C THR A 253 9.57 -1.03 -27.57
N GLU A 254 10.62 -0.78 -26.81
CA GLU A 254 10.84 -1.57 -25.60
C GLU A 254 9.80 -1.37 -24.48
N GLY A 255 9.16 -0.22 -24.47
CA GLY A 255 8.14 0.08 -23.47
C GLY A 255 8.48 1.25 -22.60
N PRO A 256 7.52 1.70 -21.79
CA PRO A 256 7.68 2.90 -20.96
C PRO A 256 8.96 2.89 -20.11
N TYR A 257 9.29 1.75 -19.53
CA TYR A 257 10.40 1.64 -18.58
C TYR A 257 11.73 1.95 -19.27
N ALA A 258 11.85 1.52 -20.52
CA ALA A 258 13.01 1.84 -21.33
C ALA A 258 12.82 3.21 -21.93
N GLN A 259 11.58 3.54 -22.31
CA GLN A 259 11.28 4.87 -22.91
C GLN A 259 11.73 6.03 -22.02
N ARG A 260 11.43 5.96 -20.71
CA ARG A 260 11.86 7.01 -19.81
C ARG A 260 13.39 7.09 -19.70
N TYR A 261 14.09 5.98 -19.89
CA TYR A 261 15.57 6.02 -19.88
C TYR A 261 16.12 6.70 -21.12
N ALA A 262 15.65 6.27 -22.30
CA ALA A 262 15.98 6.93 -23.58
C ALA A 262 15.80 8.45 -23.57
N LEU A 263 14.80 8.91 -22.84
CA LEU A 263 14.39 10.30 -22.86
C LEU A 263 15.52 11.26 -22.48
N MET A 264 16.31 10.91 -21.46
CA MET A 264 17.38 11.77 -20.97
C MET A 264 18.41 12.17 -22.05
N PRO A 265 19.07 11.19 -22.70
CA PRO A 265 19.96 11.55 -23.81
C PRO A 265 19.24 12.16 -25.03
N PHE A 266 18.01 11.76 -25.31
CA PHE A 266 17.29 12.40 -26.40
C PHE A 266 17.00 13.87 -26.08
N ILE A 267 16.48 14.13 -24.88
CA ILE A 267 16.01 15.47 -24.54
C ILE A 267 17.18 16.38 -24.23
N TRP A 268 18.19 15.86 -23.54
CA TRP A 268 19.33 16.69 -23.18
C TRP A 268 20.14 17.13 -24.41
N PHE A 269 20.47 16.19 -25.30
CA PHE A 269 21.15 16.55 -26.54
C PHE A 269 20.33 17.51 -27.41
N ALA A 270 19.03 17.26 -27.57
CA ALA A 270 18.15 18.21 -28.28
C ALA A 270 18.15 19.62 -27.67
N LYS A 271 18.16 19.67 -26.33
CA LYS A 271 18.28 20.92 -25.61
C LYS A 271 19.59 21.62 -25.98
N ALA A 272 20.67 20.84 -25.99
CA ALA A 272 21.99 21.37 -26.31
C ALA A 272 21.97 21.91 -27.73
N ILE A 273 21.33 21.17 -28.64
CA ILE A 273 21.26 21.56 -30.04
C ILE A 273 20.46 22.85 -30.19
N GLU A 274 19.32 22.93 -29.52
CA GLU A 274 18.50 24.12 -29.56
C GLU A 274 19.24 25.34 -28.99
N THR A 275 19.96 25.15 -27.89
CA THR A 275 20.68 26.24 -27.23
C THR A 275 21.83 26.82 -28.07
N ASN A 276 22.33 26.04 -29.03
CA ASN A 276 23.52 26.41 -29.78
C ASN A 276 23.27 26.58 -31.27
N GLU A 277 22.33 25.81 -31.80
CA GLU A 277 21.99 25.91 -33.23
C GLU A 277 20.48 25.86 -33.43
N PRO A 278 19.76 26.85 -32.88
CA PRO A 278 18.31 26.97 -33.05
C PRO A 278 17.82 26.77 -34.50
N GLU A 279 18.69 27.04 -35.48
CA GLU A 279 18.33 27.02 -36.90
C GLU A 279 18.15 25.60 -37.44
N ARG A 280 18.57 24.60 -36.65
CA ARG A 280 18.30 23.20 -36.99
C ARG A 280 16.86 22.78 -36.70
N LYS A 281 16.14 23.58 -35.92
CA LYS A 281 14.73 23.34 -35.53
C LYS A 281 14.54 21.92 -34.92
N ILE A 282 15.47 21.54 -34.05
CA ILE A 282 15.50 20.23 -33.41
C ILE A 282 14.15 19.79 -32.82
N PHE A 283 13.46 20.69 -32.12
CA PHE A 283 12.17 20.36 -31.52
C PHE A 283 10.99 20.47 -32.51
N GLU A 284 11.31 20.68 -33.79
CA GLU A 284 10.29 20.59 -34.84
C GLU A 284 10.51 19.33 -35.67
N TYR A 285 11.70 18.76 -35.60
CA TYR A 285 12.06 17.61 -36.44
C TYR A 285 11.02 16.47 -36.37
N ARG A 286 10.66 15.97 -37.55
CA ARG A 286 9.73 14.84 -37.73
C ARG A 286 8.40 15.04 -37.00
N ASN A 287 7.73 16.14 -37.32
CA ASN A 287 6.50 16.59 -36.67
C ASN A 287 6.59 16.57 -35.16
N ASN A 288 7.63 17.21 -34.62
CA ASN A 288 7.76 17.38 -33.17
C ASN A 288 7.92 16.04 -32.43
N ILE A 289 8.72 15.16 -33.01
CA ILE A 289 8.90 13.83 -32.47
C ILE A 289 9.36 13.83 -31.01
N LEU A 290 10.12 14.87 -30.62
CA LEU A 290 10.66 14.95 -29.28
C LEU A 290 9.63 15.44 -28.30
N LEU A 291 8.74 16.33 -28.76
CA LEU A 291 7.61 16.72 -27.95
C LEU A 291 6.71 15.50 -27.74
N LYS A 292 6.41 14.79 -28.82
CA LYS A 292 5.46 13.67 -28.71
C LYS A 292 6.01 12.56 -27.80
N ALA A 293 7.32 12.34 -27.81
CA ALA A 293 7.96 11.33 -26.96
C ALA A 293 7.80 11.60 -25.46
N VAL A 294 7.81 12.88 -25.07
CA VAL A 294 7.59 13.26 -23.68
C VAL A 294 6.12 13.09 -23.27
N TYR A 295 5.20 13.62 -24.06
CA TYR A 295 3.78 13.40 -23.81
C TYR A 295 3.41 11.92 -23.77
N THR A 296 4.03 11.15 -24.65
CA THR A 296 3.76 9.72 -24.72
C THR A 296 4.27 9.03 -23.45
N THR A 297 5.40 9.48 -22.93
CA THR A 297 5.94 8.95 -21.69
C THR A 297 4.94 9.19 -20.55
N ILE A 298 4.33 10.36 -20.50
CA ILE A 298 3.24 10.60 -19.54
C ILE A 298 1.99 9.75 -19.77
N ASP A 299 1.60 9.63 -21.03
CA ASP A 299 0.46 8.85 -21.45
C ASP A 299 0.63 7.36 -21.20
N LEU A 300 1.85 6.94 -20.87
CA LEU A 300 2.17 5.56 -20.52
C LEU A 300 2.26 5.37 -19.00
N SER A 301 1.65 6.27 -18.23
CA SER A 301 1.65 6.07 -16.79
C SER A 301 0.26 6.14 -16.19
N TYR A 302 0.14 5.62 -14.98
CA TYR A 302 -1.10 5.74 -14.28
C TYR A 302 -0.83 5.92 -12.81
N ALA A 303 -1.47 6.94 -12.24
CA ALA A 303 -1.32 7.30 -10.82
C ALA A 303 0.15 7.47 -10.40
N GLY A 304 0.98 7.98 -11.30
CA GLY A 304 2.39 8.19 -10.98
C GLY A 304 3.38 7.14 -11.48
N TYR A 305 2.89 5.99 -11.96
CA TYR A 305 3.76 4.85 -12.33
C TYR A 305 3.52 4.38 -13.74
N PHE A 306 4.56 3.85 -14.39
CA PHE A 306 4.52 3.41 -15.77
C PHE A 306 3.96 2.01 -15.85
N PHE A 307 3.19 1.77 -16.89
CA PHE A 307 2.65 0.44 -17.15
C PHE A 307 3.79 -0.57 -17.22
N PRO A 308 3.78 -1.54 -16.30
CA PRO A 308 4.93 -2.43 -16.19
C PRO A 308 4.89 -3.56 -17.21
N ILE A 309 4.84 -3.21 -18.49
CA ILE A 309 4.82 -4.21 -19.57
C ILE A 309 6.26 -4.49 -20.03
N ASN A 310 6.53 -5.71 -20.50
CA ASN A 310 7.91 -6.11 -20.80
C ASN A 310 8.81 -6.03 -19.56
N ASP A 311 10.12 -5.85 -19.73
CA ASP A 311 11.03 -5.81 -18.57
C ASP A 311 10.97 -4.47 -17.86
N ALA A 312 10.31 -4.43 -16.71
CA ALA A 312 9.97 -3.17 -16.04
C ALA A 312 9.94 -3.41 -14.53
N LEU A 313 10.39 -2.46 -13.74
CA LEU A 313 10.23 -2.55 -12.28
C LEU A 313 9.09 -1.66 -11.92
N LYS A 314 8.26 -2.10 -10.99
CA LYS A 314 6.98 -1.45 -10.75
C LYS A 314 7.03 -0.15 -9.98
N ASP A 315 8.17 0.20 -9.40
CA ASP A 315 8.26 1.42 -8.59
C ASP A 315 8.81 2.59 -9.39
N LYS A 316 9.07 2.34 -10.66
CA LYS A 316 9.52 3.40 -11.52
C LYS A 316 8.31 4.19 -11.97
N GLY A 317 8.37 5.47 -11.69
CA GLY A 317 7.29 6.39 -11.99
C GLY A 317 7.74 7.75 -12.50
N ILE A 318 6.80 8.67 -12.54
CA ILE A 318 6.97 9.94 -13.24
C ILE A 318 7.97 10.89 -12.58
N ASP A 319 8.29 10.68 -11.30
CA ASP A 319 9.25 11.55 -10.62
C ASP A 319 10.69 11.15 -10.98
N THR A 320 10.79 10.17 -11.89
CA THR A 320 12.07 9.75 -12.43
C THR A 320 12.80 10.94 -13.08
N VAL A 321 14.11 11.03 -12.84
CA VAL A 321 14.85 12.23 -13.15
C VAL A 321 14.75 12.63 -14.65
N GLU A 322 14.75 11.62 -15.54
CA GLU A 322 14.62 11.88 -16.97
C GLU A 322 13.34 12.61 -17.34
N LEU A 323 12.21 12.22 -16.72
CA LEU A 323 10.92 12.83 -17.04
C LEU A 323 10.74 14.17 -16.35
N VAL A 324 11.40 14.35 -15.21
CA VAL A 324 11.41 15.61 -14.50
C VAL A 324 12.04 16.71 -15.39
N HIS A 325 13.24 16.43 -15.89
CA HIS A 325 13.90 17.34 -16.82
C HIS A 325 13.11 17.49 -18.12
N ALA A 326 12.62 16.38 -18.68
CA ALA A 326 11.99 16.42 -20.01
C ALA A 326 10.72 17.26 -20.01
N LEU A 327 10.04 17.29 -18.87
CA LEU A 327 8.78 18.02 -18.72
C LEU A 327 9.03 19.52 -18.65
N ALA A 328 10.02 19.90 -17.84
CA ALA A 328 10.43 21.29 -17.72
C ALA A 328 10.75 21.83 -19.12
N ILE A 329 11.53 21.05 -19.86
CA ILE A 329 11.95 21.43 -21.19
C ILE A 329 10.76 21.60 -22.13
N VAL A 330 9.83 20.64 -22.10
CA VAL A 330 8.64 20.69 -22.94
C VAL A 330 7.70 21.82 -22.53
N TYR A 331 7.59 22.09 -21.22
CA TYR A 331 6.79 23.22 -20.77
C TYR A 331 7.38 24.51 -21.33
N SER A 332 8.69 24.61 -21.16
CA SER A 332 9.48 25.74 -21.64
C SER A 332 9.27 25.99 -23.12
N ILE A 333 9.26 24.93 -23.92
CA ILE A 333 9.03 25.09 -25.36
C ILE A 333 7.58 25.50 -25.65
N THR A 334 6.63 24.91 -24.93
CA THR A 334 5.25 24.92 -25.37
C THR A 334 4.34 25.85 -24.60
N GLY A 335 4.65 26.11 -23.32
CA GLY A 335 3.71 26.79 -22.45
C GLY A 335 2.40 26.03 -22.22
N ASP A 336 2.41 24.70 -22.41
CA ASP A 336 1.23 23.87 -22.06
C ASP A 336 1.01 23.75 -20.54
N ASN A 337 -0.05 24.39 -20.06
CA ASN A 337 -0.33 24.48 -18.62
C ASN A 337 -0.96 23.22 -17.99
N THR A 338 -1.41 22.30 -18.84
CA THR A 338 -1.81 20.97 -18.38
C THR A 338 -0.60 20.19 -17.88
N LEU A 339 0.61 20.54 -18.32
CA LEU A 339 1.82 19.91 -17.83
C LEU A 339 2.17 20.29 -16.38
N LEU A 340 1.58 21.39 -15.89
CA LEU A 340 1.83 21.81 -14.51
C LEU A 340 1.18 20.83 -13.53
N ASP A 341 0.06 20.25 -13.95
CA ASP A 341 -0.65 19.20 -13.23
C ASP A 341 0.26 18.00 -12.99
N ILE A 342 0.79 17.46 -14.09
CA ILE A 342 1.73 16.37 -14.04
C ILE A 342 2.93 16.74 -13.19
N ALA A 343 3.43 17.96 -13.37
CA ALA A 343 4.59 18.44 -12.61
C ALA A 343 4.32 18.46 -11.12
N GLN A 344 3.09 18.79 -10.73
CA GLN A 344 2.71 18.70 -9.31
C GLN A 344 2.70 17.27 -8.82
N GLU A 345 2.10 16.35 -9.58
CA GLU A 345 2.12 14.94 -9.21
C GLU A 345 3.56 14.42 -9.12
N GLN A 346 4.47 14.91 -9.97
CA GLN A 346 5.87 14.52 -9.82
C GLN A 346 6.45 14.87 -8.47
N GLY A 347 6.07 16.04 -7.95
CA GLY A 347 6.58 16.54 -6.67
C GLY A 347 8.10 16.65 -6.62
N ARG A 348 8.72 16.94 -7.76
CA ARG A 348 10.16 17.04 -7.89
C ARG A 348 10.35 17.90 -9.11
N ILE A 349 11.24 18.89 -9.03
CA ILE A 349 11.39 19.84 -10.13
C ILE A 349 12.81 19.88 -10.72
N SER A 350 12.88 20.18 -12.01
CA SER A 350 14.17 20.30 -12.70
C SER A 350 14.89 21.59 -12.28
N LEU A 351 16.01 21.43 -11.58
CA LEU A 351 16.82 22.59 -11.16
C LEU A 351 17.57 23.17 -12.35
N THR A 352 16.81 23.86 -13.20
CA THR A 352 17.31 24.47 -14.43
C THR A 352 16.52 25.74 -14.74
N GLY A 353 16.84 26.35 -15.88
CA GLY A 353 16.09 27.51 -16.36
C GLY A 353 14.66 27.09 -16.66
N ASP A 354 14.52 26.01 -17.40
CA ASP A 354 13.21 25.44 -17.77
C ASP A 354 12.41 25.04 -16.52
N GLY A 355 13.07 24.46 -15.53
CA GLY A 355 12.41 24.12 -14.27
C GLY A 355 11.88 25.32 -13.51
N LEU A 356 12.66 26.41 -13.51
CA LEU A 356 12.24 27.62 -12.84
C LEU A 356 10.93 28.15 -13.41
N LYS A 357 10.82 28.12 -14.74
CA LYS A 357 9.60 28.48 -15.48
C LYS A 357 8.37 27.65 -15.06
N VAL A 358 8.59 26.36 -14.78
CA VAL A 358 7.55 25.51 -14.23
C VAL A 358 7.20 26.00 -12.81
N ALA A 359 8.23 26.30 -12.01
CA ALA A 359 7.98 26.72 -10.63
C ALA A 359 7.27 28.07 -10.59
N LYS A 360 7.71 28.98 -11.44
CA LYS A 360 7.06 30.26 -11.61
C LYS A 360 5.59 30.06 -12.00
N ALA A 361 5.35 29.37 -13.12
CA ALA A 361 3.98 29.17 -13.61
C ALA A 361 3.01 28.56 -12.59
N VAL A 362 3.48 27.59 -11.81
CA VAL A 362 2.67 26.94 -10.75
C VAL A 362 2.32 27.95 -9.66
N GLY A 363 3.30 28.77 -9.26
CA GLY A 363 3.11 29.84 -8.28
C GLY A 363 2.01 30.81 -8.68
N GLU A 364 2.04 31.25 -9.93
CA GLU A 364 1.01 32.11 -10.50
C GLU A 364 -0.39 31.49 -10.65
N GLY A 365 -0.57 30.23 -10.23
CA GLY A 365 -1.88 29.56 -10.32
C GLY A 365 -2.34 29.23 -11.74
N LEU A 366 -1.38 28.90 -12.63
CA LEU A 366 -1.69 28.62 -14.03
C LEU A 366 -2.08 27.15 -14.32
N THR A 367 -1.92 26.28 -13.31
CA THR A 367 -2.15 24.84 -13.49
C THR A 367 -3.54 24.49 -14.01
N GLN A 368 -3.57 23.87 -15.19
CA GLN A 368 -4.78 23.27 -15.74
C GLN A 368 -4.71 21.73 -15.61
N PRO A 369 -5.86 21.04 -15.53
CA PRO A 369 -5.87 19.58 -15.40
C PRO A 369 -5.31 18.86 -16.62
N TYR A 370 -4.58 17.75 -16.41
CA TYR A 370 -4.03 16.98 -17.51
C TYR A 370 -5.13 16.31 -18.31
N ASN A 371 -5.06 16.39 -19.63
CA ASN A 371 -6.06 15.71 -20.45
C ASN A 371 -5.58 14.32 -20.83
N TYR A 372 -6.10 13.34 -20.12
CA TYR A 372 -5.85 11.96 -20.42
C TYR A 372 -6.67 11.52 -21.63
N ARG A 373 -6.00 11.12 -22.70
CA ARG A 373 -6.68 10.74 -23.93
C ARG A 373 -6.58 9.24 -24.12
N SER A 374 -7.61 8.64 -24.71
CA SER A 374 -7.47 7.29 -25.22
C SER A 374 -6.70 7.36 -26.53
N ILE A 375 -5.68 6.52 -26.67
CA ILE A 375 -4.73 6.62 -27.79
C ILE A 375 -4.27 5.27 -28.34
N LEU A 376 -3.98 5.25 -29.63
CA LEU A 376 -3.40 4.10 -30.29
C LEU A 376 -1.95 4.44 -30.55
N LEU A 377 -1.04 3.80 -29.83
CA LEU A 377 0.37 3.98 -30.09
C LEU A 377 0.86 2.92 -31.03
N GLY A 378 0.98 3.28 -32.32
CA GLY A 378 1.54 2.40 -33.32
C GLY A 378 2.95 2.02 -32.92
N ASP A 379 3.31 0.76 -33.16
CA ASP A 379 4.64 0.25 -32.79
C ASP A 379 5.60 0.17 -33.99
N GLY A 380 6.89 0.35 -33.74
CA GLY A 380 7.94 0.31 -34.77
C GLY A 380 8.20 1.66 -35.40
N ALA A 381 9.31 1.77 -36.12
CA ALA A 381 9.69 3.10 -36.67
C ALA A 381 8.53 3.76 -37.41
N ASP A 382 7.72 2.97 -38.11
CA ASP A 382 6.62 3.54 -38.88
C ASP A 382 5.27 3.37 -38.24
N GLY A 383 5.25 2.87 -37.00
CA GLY A 383 4.01 2.68 -36.26
C GLY A 383 3.09 1.63 -36.86
N ASP A 384 3.66 0.64 -37.55
CA ASP A 384 2.87 -0.38 -38.25
C ASP A 384 3.11 -1.80 -37.76
N GLN A 385 3.86 -1.96 -36.68
CA GLN A 385 4.19 -3.29 -36.22
C GLN A 385 3.41 -3.60 -34.96
N GLY A 386 2.11 -3.54 -35.09
CA GLY A 386 1.22 -3.66 -33.97
C GLY A 386 1.04 -2.32 -33.32
N ALA A 387 0.53 -2.33 -32.08
CA ALA A 387 0.23 -1.10 -31.39
C ALA A 387 -0.03 -1.38 -29.94
N LEU A 388 0.19 -0.37 -29.12
CA LEU A 388 -0.24 -0.39 -27.73
C LEU A 388 -1.45 0.54 -27.63
N SER A 389 -2.58 0.06 -27.11
CA SER A 389 -3.75 0.91 -26.86
C SER A 389 -3.84 1.23 -25.39
N ILE A 390 -4.22 2.47 -25.12
CA ILE A 390 -4.47 2.93 -23.79
C ILE A 390 -5.83 3.56 -23.85
N HIS A 391 -6.78 2.98 -23.14
CA HIS A 391 -8.12 3.50 -23.04
C HIS A 391 -8.31 4.12 -21.65
N ARG A 392 -8.81 5.37 -21.64
CA ARG A 392 -9.01 6.15 -20.42
C ARG A 392 -10.46 6.59 -20.31
N LEU A 393 -10.97 6.57 -19.08
CA LEU A 393 -12.34 6.94 -18.83
C LEU A 393 -12.47 7.40 -17.38
N GLY A 394 -12.96 8.61 -17.17
CA GLY A 394 -13.20 9.14 -15.83
C GLY A 394 -12.38 10.39 -15.58
N GLU A 395 -12.66 11.08 -14.47
CA GLU A 395 -11.98 12.34 -14.20
C GLU A 395 -10.77 12.17 -13.30
N GLY A 396 -9.85 13.14 -13.36
CA GLY A 396 -8.70 13.19 -12.46
C GLY A 396 -7.67 12.10 -12.76
N HIS A 397 -6.75 11.88 -11.82
CA HIS A 397 -5.66 10.91 -12.01
C HIS A 397 -6.05 9.46 -11.75
N ASN A 398 -7.03 9.28 -10.86
CA ASN A 398 -7.47 7.95 -10.49
C ASN A 398 -8.67 7.47 -11.31
N HIS A 399 -8.52 7.51 -12.63
CA HIS A 399 -9.64 7.16 -13.50
C HIS A 399 -9.55 5.67 -13.83
N MET A 400 -10.26 5.22 -14.85
CA MET A 400 -10.18 3.84 -15.26
C MET A 400 -9.34 3.78 -16.53
N ALA A 401 -8.35 2.90 -16.55
CA ALA A 401 -7.49 2.77 -17.72
C ALA A 401 -7.29 1.32 -18.09
N LEU A 402 -7.49 1.02 -19.38
CA LEU A 402 -7.29 -0.31 -19.93
C LEU A 402 -6.15 -0.22 -20.90
N VAL A 403 -5.21 -1.15 -20.79
CA VAL A 403 -4.05 -1.20 -21.68
C VAL A 403 -4.15 -2.51 -22.44
N ALA A 404 -4.19 -2.42 -23.77
CA ALA A 404 -4.20 -3.57 -24.65
C ALA A 404 -2.86 -3.67 -25.37
N LYS A 405 -2.06 -4.65 -24.98
CA LYS A 405 -0.69 -4.75 -25.45
C LYS A 405 -0.63 -5.62 -26.70
N ASN A 406 -0.89 -4.97 -27.84
CA ASN A 406 -0.90 -5.66 -29.11
C ASN A 406 0.37 -5.31 -29.89
N THR A 407 1.49 -5.31 -29.17
CA THR A 407 2.75 -4.83 -29.73
C THR A 407 3.64 -5.92 -30.28
N SER A 408 4.65 -5.51 -31.02
CA SER A 408 5.73 -6.41 -31.49
C SER A 408 6.59 -6.84 -30.29
N GLN A 409 7.68 -7.55 -30.53
CA GLN A 409 8.37 -8.20 -29.43
C GLN A 409 9.14 -7.30 -28.49
N GLY A 410 9.81 -6.27 -29.03
CA GLY A 410 10.66 -5.40 -28.23
C GLY A 410 12.00 -6.02 -27.91
N MET A 411 12.33 -7.11 -28.58
CA MET A 411 13.64 -7.78 -28.48
C MET A 411 13.85 -8.43 -27.12
N GLY A 412 15.09 -8.47 -26.65
CA GLY A 412 15.46 -9.27 -25.49
C GLY A 412 14.67 -8.97 -24.22
N HIS A 413 14.29 -7.72 -24.05
CA HIS A 413 13.53 -7.33 -22.88
C HIS A 413 12.02 -7.60 -22.98
N GLY A 414 11.55 -7.98 -24.17
CA GLY A 414 10.14 -8.15 -24.43
C GLY A 414 9.58 -9.43 -23.83
N HIS A 415 8.30 -9.39 -23.45
CA HIS A 415 7.64 -10.55 -22.89
C HIS A 415 6.80 -11.34 -23.90
N PHE A 416 6.62 -12.63 -23.63
CA PHE A 416 5.86 -13.50 -24.52
C PHE A 416 4.36 -13.44 -24.26
N ASP A 417 3.77 -12.29 -24.57
CA ASP A 417 2.44 -11.97 -24.08
C ASP A 417 1.59 -11.20 -25.09
N LYS A 418 1.59 -11.65 -26.33
CA LYS A 418 0.81 -10.96 -27.34
C LYS A 418 -0.65 -10.84 -26.87
N LEU A 419 -1.25 -9.69 -27.15
CA LEU A 419 -2.66 -9.44 -26.86
C LEU A 419 -2.98 -9.35 -25.34
N ASN A 420 -1.93 -9.22 -24.54
CA ASN A 420 -2.07 -9.17 -23.10
C ASN A 420 -2.86 -7.90 -22.72
N TRP A 421 -3.43 -7.84 -21.53
CA TRP A 421 -4.03 -6.60 -21.09
C TRP A 421 -3.77 -6.39 -19.62
N LEU A 422 -3.94 -5.14 -19.19
CA LEU A 422 -3.88 -4.67 -17.81
C LEU A 422 -5.05 -3.74 -17.62
N LEU A 423 -5.46 -3.59 -16.38
CA LEU A 423 -6.52 -2.65 -16.04
C LEU A 423 -6.14 -1.94 -14.77
N TYR A 424 -6.39 -0.63 -14.75
CA TYR A 424 -6.20 0.24 -13.62
C TYR A 424 -7.50 0.94 -13.28
N ASP A 425 -7.74 1.12 -12.00
CA ASP A 425 -8.97 1.75 -11.53
C ASP A 425 -8.71 2.30 -10.14
N ASN A 426 -9.37 3.40 -9.77
CA ASN A 426 -9.34 3.87 -8.37
C ASN A 426 -7.92 4.05 -7.79
N GLY A 427 -6.97 4.44 -8.64
CA GLY A 427 -5.59 4.62 -8.24
C GLY A 427 -4.77 3.35 -8.07
N ASN A 428 -5.35 2.20 -8.41
CA ASN A 428 -4.72 0.89 -8.23
C ASN A 428 -4.62 0.07 -9.52
N GLU A 429 -3.68 -0.87 -9.54
CA GLU A 429 -3.67 -1.86 -10.58
C GLU A 429 -4.69 -2.91 -10.17
N ILE A 430 -5.55 -3.30 -11.10
CA ILE A 430 -6.58 -4.32 -10.83
C ILE A 430 -6.23 -5.63 -11.48
N VAL A 431 -6.01 -5.60 -12.80
CA VAL A 431 -5.56 -6.76 -13.55
C VAL A 431 -4.12 -6.43 -14.01
N THR A 432 -3.17 -7.29 -13.65
CA THR A 432 -1.80 -6.86 -13.51
C THR A 432 -0.79 -7.47 -14.45
N ASP A 433 0.36 -6.82 -14.56
CA ASP A 433 1.52 -7.35 -15.28
C ASP A 433 2.64 -7.44 -14.25
N TYR A 434 3.35 -8.55 -14.27
CA TYR A 434 4.34 -8.82 -13.24
C TYR A 434 5.56 -7.89 -13.32
N GLY A 435 5.90 -7.41 -14.51
CA GLY A 435 7.15 -6.67 -14.66
C GLY A 435 8.32 -7.64 -14.70
N ALA A 436 9.49 -7.16 -14.29
CA ALA A 436 10.67 -7.97 -14.28
C ALA A 436 10.90 -8.62 -12.92
N ALA A 437 11.62 -9.74 -12.94
CA ALA A 437 12.20 -10.33 -11.74
C ALA A 437 13.61 -9.76 -11.56
N ARG A 438 13.71 -8.75 -10.69
CA ARG A 438 14.96 -8.02 -10.42
C ARG A 438 14.80 -7.09 -9.23
N TYR A 439 15.85 -6.96 -8.43
CA TYR A 439 15.89 -6.03 -7.31
C TYR A 439 17.08 -5.12 -7.53
N LEU A 440 16.77 -3.89 -7.93
CA LEU A 440 17.75 -2.95 -8.42
C LEU A 440 18.81 -2.65 -7.36
N ASN A 441 20.08 -2.89 -7.70
CA ASN A 441 21.24 -2.60 -6.82
C ASN A 441 21.22 -3.27 -5.44
N VAL A 442 20.46 -4.34 -5.31
CA VAL A 442 20.52 -5.21 -4.16
C VAL A 442 21.50 -6.35 -4.46
N GLU A 443 22.70 -6.27 -3.91
CA GLU A 443 23.78 -7.23 -4.21
C GLU A 443 23.39 -8.69 -3.91
N ALA A 444 22.78 -8.91 -2.74
CA ALA A 444 22.42 -10.24 -2.31
C ALA A 444 21.37 -10.88 -3.23
N LYS A 445 20.62 -10.06 -3.97
CA LYS A 445 19.74 -10.57 -5.05
C LYS A 445 20.50 -10.61 -6.40
N TYR A 446 21.38 -11.61 -6.51
CA TYR A 446 22.14 -11.90 -7.73
C TYR A 446 22.83 -10.66 -8.31
N GLY A 447 23.54 -9.95 -7.45
CA GLY A 447 24.28 -8.75 -7.88
C GLY A 447 23.40 -7.64 -8.45
N GLY A 448 22.08 -7.74 -8.22
CA GLY A 448 21.11 -6.75 -8.71
C GLY A 448 20.78 -6.92 -10.18
N HIS A 449 21.15 -8.08 -10.73
CA HIS A 449 20.93 -8.37 -12.13
C HIS A 449 19.56 -9.00 -12.35
N TYR A 450 19.17 -9.12 -13.61
CA TYR A 450 18.01 -9.94 -13.94
C TYR A 450 18.17 -11.35 -13.37
N LEU A 451 17.14 -11.78 -12.65
CA LEU A 451 17.17 -13.05 -11.94
C LEU A 451 16.83 -14.19 -12.89
N ALA A 452 17.17 -15.43 -12.53
CA ALA A 452 16.87 -16.55 -13.40
C ALA A 452 15.37 -16.62 -13.62
N GLU A 453 14.61 -16.18 -12.63
CA GLU A 453 13.17 -16.25 -12.73
C GLU A 453 12.61 -15.23 -13.69
N ASN A 454 13.42 -14.24 -14.07
CA ASN A 454 13.03 -13.35 -15.16
C ASN A 454 12.69 -14.02 -16.49
N ASN A 455 13.52 -14.99 -16.91
CA ASN A 455 13.25 -15.83 -18.09
C ASN A 455 12.26 -16.93 -17.79
N THR A 456 12.50 -17.54 -16.66
CA THR A 456 11.76 -18.68 -16.21
C THR A 456 10.29 -18.38 -15.91
N TRP A 457 10.06 -17.18 -15.33
CA TRP A 457 8.70 -16.76 -15.08
C TRP A 457 8.22 -15.46 -15.74
N ALA A 458 8.89 -14.34 -15.44
CA ALA A 458 8.33 -13.04 -15.81
C ALA A 458 7.99 -12.91 -17.30
N LYS A 459 8.81 -13.48 -18.16
CA LYS A 459 8.61 -13.40 -19.62
C LYS A 459 7.54 -14.34 -20.15
N GLN A 460 7.23 -15.39 -19.40
CA GLN A 460 6.40 -16.47 -19.93
C GLN A 460 4.94 -16.07 -20.03
N THR A 461 4.28 -16.55 -21.07
CA THR A 461 2.87 -16.28 -21.33
C THR A 461 1.96 -16.61 -20.16
N ILE A 462 2.28 -17.67 -19.43
CA ILE A 462 1.45 -18.11 -18.30
C ILE A 462 1.43 -17.07 -17.18
N ALA A 463 2.45 -16.21 -17.14
CA ALA A 463 2.55 -15.14 -16.15
C ALA A 463 1.75 -13.92 -16.56
N HIS A 464 1.06 -14.00 -17.71
CA HIS A 464 0.38 -12.85 -18.30
C HIS A 464 -1.10 -13.15 -18.52
N ASN A 465 -1.91 -12.09 -18.67
CA ASN A 465 -3.35 -12.24 -18.87
C ASN A 465 -3.74 -12.51 -20.32
N THR A 466 -3.18 -13.54 -20.92
CA THR A 466 -3.40 -13.79 -22.34
C THR A 466 -3.39 -15.31 -22.61
N LEU A 467 -3.72 -15.73 -23.82
CA LEU A 467 -3.94 -17.14 -24.14
C LEU A 467 -2.66 -17.99 -24.13
N VAL A 468 -2.71 -19.11 -23.40
CA VAL A 468 -1.65 -20.11 -23.41
C VAL A 468 -2.22 -21.38 -24.06
N VAL A 469 -1.59 -21.80 -25.15
CA VAL A 469 -1.97 -23.00 -25.83
C VAL A 469 -0.98 -24.13 -25.46
N ASN A 470 -1.52 -25.25 -24.99
CA ASN A 470 -0.71 -26.43 -24.62
C ASN A 470 0.41 -26.15 -23.64
N GLU A 471 0.20 -25.25 -22.69
CA GLU A 471 1.24 -24.96 -21.67
C GLU A 471 2.58 -24.51 -22.25
N GLN A 472 2.52 -23.81 -23.37
CA GLN A 472 3.72 -23.31 -24.01
C GLN A 472 3.58 -21.84 -24.30
N SER A 473 4.68 -21.10 -24.19
CA SER A 473 4.63 -19.66 -24.42
C SER A 473 4.38 -19.34 -25.89
N HIS A 474 3.96 -18.12 -26.16
CA HIS A 474 3.92 -17.63 -27.54
C HIS A 474 5.29 -17.78 -28.15
N PHE A 475 5.32 -18.18 -29.43
CA PHE A 475 6.58 -18.42 -30.17
C PHE A 475 7.50 -19.41 -29.45
N TYR A 476 6.91 -20.28 -28.64
CA TYR A 476 7.65 -21.30 -27.89
C TYR A 476 8.78 -20.72 -27.02
N GLY A 477 8.64 -19.44 -26.68
CA GLY A 477 9.64 -18.78 -25.85
C GLY A 477 10.90 -18.41 -26.62
N ASP A 478 10.81 -18.43 -27.94
CA ASP A 478 11.93 -18.10 -28.80
C ASP A 478 11.92 -16.62 -29.22
N VAL A 479 12.91 -15.87 -28.75
CA VAL A 479 13.00 -14.43 -29.00
C VAL A 479 13.25 -14.15 -30.47
N THR A 480 13.98 -15.05 -31.13
CA THR A 480 14.30 -14.96 -32.55
C THR A 480 13.07 -15.12 -33.42
N THR A 481 12.25 -16.12 -33.13
CA THR A 481 10.97 -16.28 -33.79
C THR A 481 10.05 -15.08 -33.47
N ALA A 482 9.96 -14.72 -32.19
CA ALA A 482 9.11 -13.60 -31.78
C ALA A 482 9.48 -12.28 -32.46
N ASP A 483 10.78 -12.04 -32.65
CA ASP A 483 11.21 -10.82 -33.36
C ASP A 483 10.66 -10.71 -34.77
N LEU A 484 10.31 -11.84 -35.37
CA LEU A 484 9.87 -11.83 -36.76
C LEU A 484 8.44 -11.32 -36.96
N HIS A 485 7.63 -11.31 -35.92
CA HIS A 485 6.20 -11.07 -36.09
C HIS A 485 5.64 -10.03 -35.16
N HIS A 486 4.53 -9.43 -35.61
CA HIS A 486 3.76 -8.52 -34.76
C HIS A 486 2.28 -8.81 -34.89
N PRO A 487 1.47 -8.46 -33.88
CA PRO A 487 0.02 -8.62 -34.03
C PRO A 487 -0.57 -7.73 -35.12
N GLU A 488 -1.77 -8.05 -35.56
CA GLU A 488 -2.48 -7.21 -36.52
C GLU A 488 -3.64 -6.51 -35.83
N VAL A 489 -3.59 -5.18 -35.82
CA VAL A 489 -4.63 -4.33 -35.25
C VAL A 489 -5.81 -4.32 -36.21
N LEU A 490 -6.98 -4.66 -35.70
CA LEU A 490 -8.13 -4.79 -36.55
C LEU A 490 -9.04 -3.59 -36.41
N SER A 491 -9.05 -2.97 -35.24
CA SER A 491 -9.88 -1.78 -35.03
C SER A 491 -9.49 -1.09 -33.74
N PHE A 492 -9.58 0.24 -33.75
CA PHE A 492 -9.44 1.07 -32.56
C PHE A 492 -10.52 2.13 -32.63
N TYR A 493 -11.26 2.32 -31.54
CA TYR A 493 -12.35 3.30 -31.52
C TYR A 493 -12.52 3.81 -30.11
N SER A 494 -12.74 5.11 -29.98
CA SER A 494 -12.85 5.74 -28.67
C SER A 494 -13.89 6.83 -28.72
N GLY A 495 -15.11 6.53 -28.27
CA GLY A 495 -16.18 7.53 -28.22
C GLY A 495 -16.75 7.75 -26.83
N GLU A 496 -17.80 8.56 -26.75
CA GLU A 496 -18.53 8.76 -25.49
C GLU A 496 -19.33 7.53 -25.08
N ASP A 497 -19.67 6.69 -26.04
CA ASP A 497 -20.50 5.53 -25.75
C ASP A 497 -19.64 4.42 -25.17
N TYR A 498 -18.57 4.09 -25.89
CA TYR A 498 -17.69 3.03 -25.48
C TYR A 498 -16.34 3.21 -26.20
N GLN A 499 -15.43 2.28 -25.92
CA GLN A 499 -14.10 2.28 -26.52
C GLN A 499 -13.71 0.87 -26.84
N LEU A 500 -12.95 0.67 -27.90
CA LEU A 500 -12.63 -0.66 -28.38
C LEU A 500 -11.19 -0.80 -28.89
N SER A 501 -10.58 -1.95 -28.66
CA SER A 501 -9.39 -2.33 -29.40
C SER A 501 -9.55 -3.76 -29.85
N SER A 502 -9.23 -4.03 -31.12
CA SER A 502 -9.27 -5.41 -31.58
C SER A 502 -7.97 -5.78 -32.30
N ALA A 503 -7.44 -6.96 -32.02
CA ALA A 503 -6.22 -7.42 -32.70
C ALA A 503 -6.17 -8.94 -32.90
N LYS A 504 -5.44 -9.36 -33.94
CA LYS A 504 -5.28 -10.77 -34.32
C LYS A 504 -3.84 -11.22 -34.14
N GLU A 505 -3.65 -12.37 -33.50
CA GLU A 505 -2.34 -13.01 -33.46
C GLU A 505 -2.36 -14.32 -34.26
N ALA A 506 -1.67 -14.35 -35.40
CA ALA A 506 -1.74 -15.53 -36.28
C ALA A 506 -0.46 -16.35 -36.33
N ASN A 507 0.50 -16.02 -35.47
CA ASN A 507 1.84 -16.52 -35.60
C ASN A 507 2.47 -16.99 -34.30
N ALA A 508 1.71 -16.96 -33.21
CA ALA A 508 2.24 -17.33 -31.87
C ALA A 508 2.48 -18.81 -31.75
N TYR A 509 1.60 -19.58 -32.36
CA TYR A 509 1.73 -21.02 -32.38
C TYR A 509 1.39 -21.52 -33.77
N ASP A 510 1.97 -22.66 -34.15
CA ASP A 510 1.69 -23.32 -35.44
C ASP A 510 0.25 -23.74 -35.56
N GLY A 511 -0.38 -23.36 -36.68
CA GLY A 511 -1.76 -23.74 -36.93
C GLY A 511 -2.72 -23.31 -35.83
N VAL A 512 -2.41 -22.16 -35.21
CA VAL A 512 -3.30 -21.53 -34.23
C VAL A 512 -3.45 -20.06 -34.59
N GLU A 513 -4.66 -19.53 -34.53
CA GLU A 513 -4.90 -18.09 -34.66
C GLU A 513 -5.83 -17.63 -33.57
N PHE A 514 -5.46 -16.54 -32.88
CA PHE A 514 -6.40 -15.95 -31.95
C PHE A 514 -6.63 -14.47 -32.15
N VAL A 515 -7.81 -14.03 -31.71
CA VAL A 515 -8.28 -12.67 -31.89
C VAL A 515 -8.80 -12.22 -30.52
N ARG A 516 -8.44 -11.00 -30.11
CA ARG A 516 -9.00 -10.44 -28.90
C ARG A 516 -9.47 -9.05 -29.17
N SER A 517 -10.66 -8.76 -28.64
CA SER A 517 -11.22 -7.43 -28.65
C SER A 517 -11.54 -7.07 -27.20
N MET A 518 -11.18 -5.86 -26.83
CA MET A 518 -11.43 -5.39 -25.49
C MET A 518 -12.18 -4.09 -25.53
N LEU A 519 -13.20 -3.96 -24.70
CA LEU A 519 -14.01 -2.76 -24.71
C LEU A 519 -14.18 -2.20 -23.31
N LEU A 520 -14.17 -0.87 -23.23
CA LEU A 520 -14.60 -0.14 -22.07
C LEU A 520 -15.96 0.43 -22.45
N VAL A 521 -16.97 0.15 -21.63
CA VAL A 521 -18.35 0.55 -21.91
C VAL A 521 -18.97 1.45 -20.84
N ASN A 522 -19.51 2.60 -21.25
CA ASN A 522 -20.27 3.51 -20.37
C ASN A 522 -21.72 3.05 -20.23
N VAL A 523 -22.04 2.37 -19.14
CA VAL A 523 -23.41 1.96 -18.87
C VAL A 523 -24.05 2.94 -17.89
N PRO A 524 -24.93 3.83 -18.38
CA PRO A 524 -25.42 4.93 -17.54
C PRO A 524 -26.02 4.49 -16.19
N SER A 525 -26.69 3.35 -16.13
CA SER A 525 -27.22 2.88 -14.86
C SER A 525 -26.16 2.39 -13.84
N LEU A 526 -24.94 2.08 -14.28
CA LEU A 526 -23.89 1.57 -13.35
C LEU A 526 -22.95 2.70 -12.94
N GLU A 527 -22.39 2.61 -11.74
CA GLU A 527 -21.52 3.68 -11.22
C GLU A 527 -20.19 3.82 -11.95
N HIS A 528 -19.68 2.74 -12.52
CA HIS A 528 -18.38 2.77 -13.23
C HIS A 528 -18.48 2.04 -14.56
N PRO A 529 -17.60 2.39 -15.52
CA PRO A 529 -17.60 1.66 -16.78
C PRO A 529 -17.24 0.19 -16.57
N ILE A 530 -17.66 -0.69 -17.48
CA ILE A 530 -17.32 -2.09 -17.36
C ILE A 530 -16.38 -2.49 -18.47
N VAL A 531 -15.47 -3.43 -18.19
CA VAL A 531 -14.62 -3.97 -19.26
C VAL A 531 -15.37 -5.16 -19.86
N VAL A 532 -15.44 -5.21 -21.18
CA VAL A 532 -15.92 -6.38 -21.90
C VAL A 532 -14.80 -6.97 -22.77
N ASP A 533 -14.53 -8.26 -22.60
CA ASP A 533 -13.40 -8.95 -23.21
C ASP A 533 -13.96 -10.09 -24.05
N VAL A 534 -13.50 -10.19 -25.29
CA VAL A 534 -13.87 -11.31 -26.17
C VAL A 534 -12.65 -11.89 -26.86
N LEU A 535 -12.29 -13.11 -26.48
CA LEU A 535 -11.12 -13.74 -27.08
C LEU A 535 -11.42 -15.07 -27.82
N ASN A 536 -11.26 -15.03 -29.15
CA ASN A 536 -11.50 -16.18 -30.03
C ASN A 536 -10.22 -16.91 -30.41
N VAL A 537 -10.21 -18.23 -30.25
CA VAL A 537 -9.10 -19.04 -30.74
C VAL A 537 -9.52 -20.24 -31.61
N SER A 538 -8.84 -20.42 -32.74
CA SER A 538 -8.97 -21.62 -33.58
C SER A 538 -7.65 -22.36 -33.66
N ALA A 539 -7.66 -23.65 -33.31
CA ALA A 539 -6.50 -24.54 -33.51
C ALA A 539 -6.80 -25.60 -34.57
N ASP A 540 -5.75 -26.09 -35.23
CA ASP A 540 -5.84 -27.21 -36.18
C ASP A 540 -5.93 -28.55 -35.47
N LYS A 541 -5.32 -28.64 -34.30
CA LYS A 541 -5.29 -29.84 -33.50
C LYS A 541 -5.90 -29.57 -32.14
N ALA A 542 -6.54 -30.59 -31.57
CA ALA A 542 -7.06 -30.53 -30.21
C ALA A 542 -5.99 -29.97 -29.26
N SER A 543 -6.35 -28.97 -28.45
CA SER A 543 -5.36 -28.37 -27.54
C SER A 543 -5.95 -27.94 -26.19
N THR A 544 -5.06 -27.73 -25.22
CA THR A 544 -5.45 -27.02 -24.01
C THR A 544 -5.34 -25.52 -24.30
N PHE A 545 -6.34 -24.77 -23.87
CA PHE A 545 -6.37 -23.32 -23.94
C PHE A 545 -6.52 -22.79 -22.52
N ASP A 546 -5.51 -22.10 -22.00
CA ASP A 546 -5.59 -21.49 -20.65
C ASP A 546 -5.70 -19.97 -20.79
N LEU A 547 -6.57 -19.33 -20.01
CA LEU A 547 -6.61 -17.87 -20.02
C LEU A 547 -6.55 -17.30 -18.61
N PRO A 548 -5.36 -16.82 -18.18
CA PRO A 548 -5.18 -16.31 -16.84
C PRO A 548 -5.78 -14.93 -16.62
N LEU A 549 -6.02 -14.61 -15.34
CA LEU A 549 -6.30 -13.27 -14.89
C LEU A 549 -5.56 -13.05 -13.58
N TYR A 550 -4.55 -12.18 -13.61
CA TYR A 550 -3.81 -11.84 -12.39
C TYR A 550 -4.45 -10.64 -11.74
N PHE A 551 -5.22 -10.87 -10.69
CA PHE A 551 -5.97 -9.80 -10.04
C PHE A 551 -5.23 -9.39 -8.79
N ASN A 552 -5.49 -8.15 -8.39
CA ASN A 552 -4.97 -7.59 -7.18
C ASN A 552 -6.16 -7.41 -6.24
N GLY A 553 -6.09 -8.00 -5.05
CA GLY A 553 -7.18 -7.85 -4.09
C GLY A 553 -7.58 -9.11 -3.35
N GLN A 554 -8.53 -9.00 -2.43
CA GLN A 554 -8.90 -10.14 -1.61
C GLN A 554 -10.21 -10.76 -2.10
N ILE A 555 -10.21 -12.05 -2.40
CA ILE A 555 -11.41 -12.72 -2.88
C ILE A 555 -12.55 -12.70 -1.85
N ILE A 556 -13.74 -12.28 -2.31
CA ILE A 556 -14.94 -12.28 -1.50
C ILE A 556 -15.62 -13.64 -1.65
N ASP A 557 -16.14 -13.93 -2.84
CA ASP A 557 -16.73 -15.24 -3.11
C ASP A 557 -16.68 -15.62 -4.59
N PHE A 558 -16.85 -16.92 -4.85
CA PHE A 558 -17.01 -17.43 -6.21
C PHE A 558 -18.43 -17.90 -6.38
N SER A 559 -18.88 -18.04 -7.61
CA SER A 559 -20.19 -18.65 -7.89
C SER A 559 -20.01 -20.16 -8.06
N PHE A 560 -18.84 -20.59 -8.51
CA PHE A 560 -18.51 -21.99 -8.61
C PHE A 560 -18.10 -22.62 -7.26
N LYS A 561 -17.96 -23.96 -7.25
CA LYS A 561 -17.67 -24.72 -6.03
C LYS A 561 -16.33 -25.40 -6.20
N VAL A 562 -15.38 -25.02 -5.35
CA VAL A 562 -14.05 -25.60 -5.43
C VAL A 562 -14.06 -27.07 -5.01
N LYS A 563 -13.27 -27.89 -5.72
CA LYS A 563 -12.95 -29.25 -5.30
C LYS A 563 -11.98 -29.16 -4.15
N ASP A 564 -12.20 -29.97 -3.13
CA ASP A 564 -11.26 -30.06 -2.03
C ASP A 564 -9.83 -30.29 -2.55
N ASN A 565 -8.86 -29.55 -1.99
CA ASN A 565 -7.46 -29.70 -2.38
C ASN A 565 -6.71 -30.75 -1.57
N LYS A 566 -7.42 -31.34 -0.61
CA LYS A 566 -6.93 -32.47 0.20
C LYS A 566 -5.70 -32.09 1.03
N ASN A 567 -5.63 -30.82 1.41
CA ASN A 567 -4.51 -30.30 2.24
C ASN A 567 -3.11 -30.37 1.59
N VAL A 568 -3.08 -30.19 0.28
CA VAL A 568 -1.80 -30.12 -0.44
C VAL A 568 -1.92 -29.25 -1.68
N MET A 569 -0.86 -28.52 -2.00
CA MET A 569 -0.79 -27.85 -3.30
C MET A 569 0.42 -28.39 -4.06
N LYS A 570 0.17 -28.83 -5.28
CA LYS A 570 1.23 -29.34 -6.13
C LYS A 570 1.55 -28.31 -7.18
N MET A 571 2.81 -28.30 -7.60
CA MET A 571 3.21 -27.58 -8.81
C MET A 571 2.18 -27.80 -9.93
N LEU A 572 1.83 -26.71 -10.61
CA LEU A 572 0.73 -26.72 -11.57
C LEU A 572 1.03 -27.52 -12.83
N GLY A 573 2.14 -27.21 -13.47
CA GLY A 573 2.59 -27.91 -14.67
C GLY A 573 4.09 -27.88 -14.59
N LYS A 574 4.78 -28.29 -15.66
CA LYS A 574 6.23 -28.58 -15.57
C LYS A 574 7.16 -27.62 -16.29
N ARG A 575 6.67 -26.92 -17.31
CA ARG A 575 7.52 -26.06 -18.14
C ARG A 575 6.94 -24.66 -18.42
N ASN A 576 7.79 -23.74 -18.89
CA ASN A 576 7.32 -22.48 -19.46
C ASN A 576 6.56 -21.62 -18.43
N GLY A 577 7.01 -21.68 -17.19
CA GLY A 577 6.44 -20.85 -16.16
C GLY A 577 5.50 -21.57 -15.25
N TYR A 578 4.93 -22.68 -15.72
CA TYR A 578 3.91 -23.39 -14.93
C TYR A 578 4.56 -24.01 -13.72
N GLN A 579 5.87 -24.23 -13.81
CA GLN A 579 6.60 -24.80 -12.68
C GLN A 579 6.78 -23.81 -11.50
N HIS A 580 6.31 -22.57 -11.67
CA HIS A 580 6.37 -21.58 -10.57
C HIS A 580 5.07 -21.36 -9.86
N LEU A 581 4.00 -21.94 -10.39
CA LEU A 581 2.65 -21.81 -9.82
C LEU A 581 2.25 -23.02 -8.98
N TRP A 582 1.60 -22.77 -7.83
CA TRP A 582 0.97 -23.84 -7.05
C TRP A 582 -0.52 -23.92 -7.39
N LEU A 583 -1.06 -25.13 -7.51
CA LEU A 583 -2.49 -25.25 -7.71
C LEU A 583 -3.19 -25.26 -6.35
N ARG A 584 -3.99 -24.24 -6.09
CA ARG A 584 -4.73 -24.18 -4.83
C ARG A 584 -6.12 -24.85 -4.90
N ASN A 585 -6.84 -24.67 -6.00
CA ASN A 585 -8.12 -25.35 -6.21
C ASN A 585 -8.44 -25.45 -7.68
N THR A 586 -9.20 -26.50 -8.02
CA THR A 586 -9.90 -26.63 -9.29
C THR A 586 -11.37 -26.43 -8.99
N ALA A 587 -12.14 -26.11 -10.01
CA ALA A 587 -13.58 -26.04 -9.85
C ALA A 587 -14.22 -26.22 -11.22
N PRO A 588 -15.22 -27.10 -11.29
CA PRO A 588 -15.77 -27.43 -12.61
C PRO A 588 -16.61 -26.27 -13.11
N VAL A 589 -16.70 -26.16 -14.43
CA VAL A 589 -17.51 -25.12 -15.08
C VAL A 589 -18.21 -25.57 -16.37
N GLY A 590 -19.37 -24.98 -16.66
CA GLY A 590 -20.18 -25.38 -17.80
C GLY A 590 -20.74 -24.23 -18.63
N ASP A 591 -22.01 -24.35 -18.99
CA ASP A 591 -22.66 -23.45 -19.97
C ASP A 591 -22.93 -22.04 -19.46
N ALA A 592 -23.40 -21.94 -18.21
CA ALA A 592 -23.72 -20.65 -17.62
C ALA A 592 -22.45 -19.88 -17.20
N SER A 593 -22.47 -18.56 -17.38
CA SER A 593 -21.36 -17.74 -16.94
C SER A 593 -21.08 -17.99 -15.46
N GLU A 594 -19.82 -17.85 -15.06
CA GLU A 594 -19.49 -17.90 -13.64
C GLU A 594 -19.01 -16.51 -13.17
N ARG A 595 -18.67 -16.40 -11.90
CA ARG A 595 -18.35 -15.11 -11.34
C ARG A 595 -17.30 -15.25 -10.26
N ALA A 596 -16.37 -14.31 -10.23
CA ALA A 596 -15.53 -14.08 -9.05
C ALA A 596 -15.60 -12.60 -8.65
N THR A 597 -15.64 -12.35 -7.35
CA THR A 597 -15.76 -11.04 -6.80
C THR A 597 -14.69 -10.86 -5.74
N TRP A 598 -13.95 -9.76 -5.87
CA TRP A 598 -12.97 -9.38 -4.88
C TRP A 598 -13.10 -7.92 -4.47
N ILE A 599 -12.49 -7.58 -3.35
CA ILE A 599 -12.40 -6.21 -2.90
C ILE A 599 -10.94 -5.79 -3.05
N LEU A 600 -10.72 -4.52 -3.39
CA LEU A 600 -9.40 -3.90 -3.28
C LEU A 600 -9.58 -2.50 -2.73
N ASP A 601 -9.02 -2.26 -1.53
CA ASP A 601 -9.30 -1.04 -0.77
C ASP A 601 -10.80 -0.84 -0.63
N ASP A 602 -11.33 0.23 -1.18
CA ASP A 602 -12.75 0.57 -0.96
C ASP A 602 -13.69 0.21 -2.12
N ARG A 603 -13.25 -0.63 -3.04
CA ARG A 603 -14.09 -1.01 -4.17
C ARG A 603 -14.01 -2.51 -4.43
N PHE A 604 -15.13 -3.06 -4.92
CA PHE A 604 -15.25 -4.46 -5.33
C PHE A 604 -15.12 -4.53 -6.83
N TYR A 605 -14.67 -5.69 -7.30
CA TYR A 605 -14.51 -5.93 -8.73
C TYR A 605 -15.11 -7.29 -8.96
N SER A 606 -16.01 -7.39 -9.94
CA SER A 606 -16.58 -8.67 -10.29
C SER A 606 -16.19 -9.05 -11.70
N TYR A 607 -15.76 -10.31 -11.83
CA TYR A 607 -15.31 -10.87 -13.05
C TYR A 607 -16.25 -11.99 -13.38
N ALA A 608 -16.94 -11.80 -14.50
CA ALA A 608 -17.97 -12.71 -14.93
C ALA A 608 -17.52 -13.20 -16.29
N PHE A 609 -17.51 -14.53 -16.44
CA PHE A 609 -16.92 -15.13 -17.61
C PHE A 609 -17.67 -16.36 -18.11
N VAL A 610 -17.84 -16.44 -19.43
CA VAL A 610 -18.29 -17.66 -20.11
C VAL A 610 -17.34 -17.96 -21.22
N THR A 611 -17.18 -19.25 -21.46
CA THR A 611 -16.40 -19.74 -22.57
C THR A 611 -17.23 -20.68 -23.49
N SER A 612 -17.65 -20.18 -24.64
CA SER A 612 -18.28 -21.01 -25.70
C SER A 612 -17.22 -21.85 -26.37
N THR A 613 -17.44 -23.16 -26.36
CA THR A 613 -16.51 -24.12 -26.95
C THR A 613 -17.29 -25.43 -27.27
N PRO A 614 -16.96 -26.09 -28.40
CA PRO A 614 -17.51 -27.44 -28.67
C PRO A 614 -17.08 -28.51 -27.66
N SER A 615 -15.85 -28.41 -27.13
CA SER A 615 -15.41 -29.26 -26.02
C SER A 615 -16.32 -29.18 -24.78
N LYS A 616 -16.27 -30.21 -23.94
CA LYS A 616 -17.08 -30.29 -22.72
C LYS A 616 -16.21 -30.43 -21.47
N LYS A 617 -14.88 -30.30 -21.63
CA LYS A 617 -13.94 -30.32 -20.51
C LYS A 617 -13.44 -28.90 -20.21
N GLN A 618 -13.93 -28.33 -19.12
CA GLN A 618 -13.77 -26.91 -18.81
C GLN A 618 -13.65 -26.75 -17.31
N ASN A 619 -12.55 -26.13 -16.88
CA ASN A 619 -12.28 -25.92 -15.47
C ASN A 619 -11.87 -24.48 -15.15
N VAL A 620 -11.86 -24.18 -13.86
CA VAL A 620 -11.27 -22.96 -13.39
C VAL A 620 -10.19 -23.37 -12.40
N LEU A 621 -8.97 -22.87 -12.60
CA LEU A 621 -7.86 -23.17 -11.69
C LEU A 621 -7.51 -21.91 -10.92
N ILE A 622 -7.50 -22.00 -9.59
CA ILE A 622 -6.96 -20.92 -8.75
C ILE A 622 -5.54 -21.30 -8.37
N ALA A 623 -4.60 -20.47 -8.75
CA ALA A 623 -3.21 -20.79 -8.53
C ALA A 623 -2.48 -19.68 -7.77
N GLU A 624 -1.27 -19.97 -7.29
CA GLU A 624 -0.52 -19.08 -6.42
C GLU A 624 0.96 -19.16 -6.73
N LEU A 625 1.61 -18.02 -6.89
CA LEU A 625 3.01 -17.99 -7.20
C LEU A 625 3.88 -18.45 -6.03
N GLY A 626 4.92 -19.23 -6.33
CA GLY A 626 5.95 -19.54 -5.36
C GLY A 626 6.67 -20.87 -5.54
N ALA A 627 6.18 -21.71 -6.46
CA ALA A 627 6.86 -22.97 -6.78
C ALA A 627 8.20 -22.73 -7.47
N ASN A 628 9.14 -23.64 -7.24
CA ASN A 628 10.51 -23.51 -7.74
C ASN A 628 11.06 -22.13 -7.50
N ASP A 629 10.92 -21.64 -6.28
CA ASP A 629 11.45 -20.36 -5.90
C ASP A 629 12.29 -20.50 -4.65
N PRO A 630 13.36 -21.30 -4.72
CA PRO A 630 14.14 -21.58 -3.50
C PRO A 630 14.79 -20.33 -2.92
N ASN A 631 15.04 -19.32 -3.76
CA ASN A 631 15.66 -18.07 -3.30
C ASN A 631 14.67 -16.96 -2.89
N TYR A 632 13.39 -17.31 -2.79
CA TYR A 632 12.33 -16.34 -2.47
C TYR A 632 12.43 -15.08 -3.33
N ASN A 633 12.54 -15.29 -4.64
CA ASN A 633 12.70 -14.19 -5.57
C ASN A 633 11.37 -13.71 -6.09
N LEU A 634 10.41 -14.61 -6.14
CA LEU A 634 9.11 -14.29 -6.67
C LEU A 634 8.23 -13.74 -5.55
N ARG A 635 7.38 -12.78 -5.87
CA ARG A 635 6.54 -12.24 -4.82
C ARG A 635 5.22 -13.02 -4.78
N GLN A 636 4.44 -12.84 -3.72
CA GLN A 636 3.16 -13.55 -3.57
C GLN A 636 2.11 -13.01 -4.53
N GLN A 637 1.37 -13.92 -5.17
CA GLN A 637 0.39 -13.53 -6.20
C GLN A 637 -0.68 -14.61 -6.38
N GLN A 638 -1.94 -14.21 -6.62
CA GLN A 638 -2.96 -15.19 -7.05
C GLN A 638 -3.41 -14.96 -8.49
N VAL A 639 -3.94 -16.02 -9.12
CA VAL A 639 -4.45 -15.98 -10.48
C VAL A 639 -5.64 -16.93 -10.60
N LEU A 640 -6.56 -16.55 -11.47
CA LEU A 640 -7.69 -17.37 -11.82
C LEU A 640 -7.48 -17.71 -13.31
N ILE A 641 -7.36 -19.00 -13.61
CA ILE A 641 -7.11 -19.49 -14.95
C ILE A 641 -8.33 -20.26 -15.47
N ARG A 642 -8.84 -19.84 -16.63
CA ARG A 642 -9.91 -20.58 -17.29
C ARG A 642 -9.22 -21.59 -18.19
N ARG A 643 -9.55 -22.86 -18.00
CA ARG A 643 -8.98 -23.92 -18.80
C ARG A 643 -10.04 -24.58 -19.65
N VAL A 644 -9.67 -24.84 -20.90
CA VAL A 644 -10.45 -25.67 -21.78
C VAL A 644 -9.54 -26.76 -22.32
N GLU A 645 -9.92 -28.03 -22.15
CA GLU A 645 -9.12 -29.10 -22.74
C GLU A 645 -9.69 -29.64 -24.05
N LYS A 646 -8.80 -30.18 -24.88
CA LYS A 646 -9.16 -30.91 -26.11
C LYS A 646 -10.08 -30.13 -27.02
N ALA A 647 -9.66 -28.92 -27.39
CA ALA A 647 -10.50 -28.06 -28.17
C ALA A 647 -9.80 -27.62 -29.44
N LYS A 648 -10.61 -27.38 -30.47
CA LYS A 648 -10.16 -26.76 -31.70
C LYS A 648 -10.68 -25.34 -31.77
N GLN A 649 -11.69 -25.04 -30.96
CA GLN A 649 -12.29 -23.71 -30.90
C GLN A 649 -12.74 -23.35 -29.49
N ALA A 650 -12.77 -22.05 -29.21
CA ALA A 650 -13.19 -21.54 -27.90
C ALA A 650 -13.30 -20.02 -27.97
N SER A 651 -14.41 -19.49 -27.45
CA SER A 651 -14.60 -18.07 -27.24
C SER A 651 -14.64 -17.77 -25.76
N PHE A 652 -13.56 -17.14 -25.29
CA PHE A 652 -13.44 -16.69 -23.91
C PHE A 652 -14.06 -15.31 -23.81
N VAL A 653 -15.10 -15.19 -22.98
CA VAL A 653 -15.78 -13.93 -22.85
C VAL A 653 -15.80 -13.55 -21.38
N SER A 654 -15.69 -12.27 -21.09
CA SER A 654 -15.72 -11.83 -19.69
C SER A 654 -16.08 -10.39 -19.58
N VAL A 655 -16.60 -10.05 -18.43
CA VAL A 655 -16.92 -8.69 -18.04
C VAL A 655 -16.16 -8.47 -16.75
N LEU A 656 -15.51 -7.31 -16.64
CA LEU A 656 -14.91 -6.89 -15.41
C LEU A 656 -15.57 -5.59 -15.03
N GLU A 657 -16.17 -5.58 -13.85
CA GLU A 657 -17.05 -4.56 -13.39
C GLU A 657 -16.56 -4.07 -12.03
N PRO A 658 -16.15 -2.79 -11.92
CA PRO A 658 -15.96 -2.17 -10.62
C PRO A 658 -17.30 -1.72 -10.01
N HIS A 659 -17.47 -1.92 -8.71
CA HIS A 659 -18.73 -1.56 -8.07
C HIS A 659 -18.54 -1.47 -6.58
N GLY A 660 -19.40 -0.68 -5.95
CA GLY A 660 -19.56 -0.73 -4.52
C GLY A 660 -18.66 0.25 -3.81
N LYS A 661 -18.79 0.28 -2.49
CA LYS A 661 -18.02 1.17 -1.63
C LYS A 661 -17.88 0.44 -0.31
N TYR A 662 -16.65 0.24 0.12
CA TYR A 662 -16.41 -0.28 1.44
C TYR A 662 -15.65 0.83 2.16
N ASP A 663 -16.20 1.29 3.27
CA ASP A 663 -15.55 2.29 4.10
C ASP A 663 -15.36 1.71 5.50
N GLY A 664 -14.15 1.25 5.80
CA GLY A 664 -13.90 0.59 7.07
C GLY A 664 -13.75 1.59 8.19
N SER A 665 -13.52 2.84 7.82
CA SER A 665 -13.41 3.93 8.76
C SER A 665 -14.78 4.32 9.31
N LEU A 666 -15.71 4.67 8.41
CA LEU A 666 -17.09 5.05 8.78
C LEU A 666 -17.97 3.83 8.99
N GLU A 667 -17.43 2.65 8.72
CA GLU A 667 -18.15 1.39 8.88
C GLU A 667 -19.43 1.29 8.03
N THR A 668 -19.29 1.55 6.74
CA THR A 668 -20.37 1.39 5.76
C THR A 668 -19.92 0.55 4.57
N THR A 669 -20.83 -0.26 4.06
CA THR A 669 -20.64 -0.95 2.80
C THR A 669 -21.85 -0.63 1.94
N SER A 670 -21.74 -0.82 0.63
CA SER A 670 -22.89 -0.70 -0.26
C SER A 670 -22.49 -1.06 -1.68
N GLY A 671 -23.43 -1.65 -2.42
CA GLY A 671 -23.21 -2.03 -3.80
C GLY A 671 -22.24 -3.19 -3.88
N ALA A 672 -22.06 -3.89 -2.76
CA ALA A 672 -21.07 -4.96 -2.62
C ALA A 672 -21.37 -6.18 -3.45
N TYR A 673 -22.61 -6.30 -3.91
CA TYR A 673 -22.98 -7.37 -4.83
C TYR A 673 -22.84 -6.87 -6.23
N SER A 674 -22.43 -7.77 -7.12
CA SER A 674 -22.33 -7.46 -8.54
C SER A 674 -23.69 -7.04 -9.06
N ASN A 675 -23.73 -6.12 -10.02
CA ASN A 675 -24.98 -5.75 -10.72
C ASN A 675 -25.10 -6.51 -12.04
N VAL A 676 -24.23 -7.48 -12.26
CA VAL A 676 -24.25 -8.28 -13.49
C VAL A 676 -24.84 -9.63 -13.12
N LYS A 677 -26.08 -9.88 -13.58
CA LYS A 677 -26.78 -11.15 -13.30
C LYS A 677 -26.06 -12.31 -14.01
N SER A 678 -25.69 -12.08 -15.27
CA SER A 678 -25.07 -13.11 -16.12
C SER A 678 -24.55 -12.57 -17.47
N VAL A 679 -23.76 -13.38 -18.16
CA VAL A 679 -23.24 -13.00 -19.46
C VAL A 679 -23.42 -14.14 -20.46
N LYS A 680 -23.99 -13.82 -21.63
CA LYS A 680 -24.25 -14.80 -22.68
C LYS A 680 -23.47 -14.43 -23.91
N HIS A 681 -22.99 -15.45 -24.63
CA HIS A 681 -22.29 -15.25 -25.89
C HIS A 681 -22.85 -16.11 -27.03
N VAL A 682 -23.15 -15.48 -28.16
CA VAL A 682 -23.52 -16.23 -29.36
C VAL A 682 -22.72 -15.75 -30.57
N SER A 683 -22.30 -16.72 -31.37
CA SER A 683 -21.50 -16.49 -32.57
C SER A 683 -22.24 -16.95 -33.85
N GLU A 684 -22.20 -16.14 -34.91
CA GLU A 684 -22.85 -16.50 -36.19
C GLU A 684 -22.13 -15.94 -37.40
N ASN A 685 -21.66 -16.84 -38.28
CA ASN A 685 -20.92 -16.47 -39.49
C ASN A 685 -19.67 -15.65 -39.17
N GLY A 686 -18.92 -16.13 -38.18
CA GLY A 686 -17.74 -15.43 -37.67
C GLY A 686 -18.02 -14.14 -36.93
N LYS A 687 -19.31 -13.84 -36.67
CA LYS A 687 -19.72 -12.64 -35.92
C LYS A 687 -19.98 -12.96 -34.44
N ASP A 688 -19.71 -12.00 -33.57
CA ASP A 688 -19.89 -12.21 -32.14
C ASP A 688 -20.92 -11.28 -31.53
N VAL A 689 -21.72 -11.82 -30.61
CA VAL A 689 -22.67 -11.04 -29.83
C VAL A 689 -22.57 -11.44 -28.38
N VAL A 690 -22.51 -10.44 -27.51
CA VAL A 690 -22.42 -10.68 -26.09
C VAL A 690 -23.50 -9.91 -25.37
N VAL A 691 -24.30 -10.60 -24.60
CA VAL A 691 -25.34 -9.94 -23.86
C VAL A 691 -24.98 -9.95 -22.39
N VAL A 692 -24.91 -8.78 -21.79
CA VAL A 692 -24.62 -8.71 -20.37
C VAL A 692 -25.92 -8.45 -19.62
N ASP A 693 -26.47 -9.48 -18.99
CA ASP A 693 -27.74 -9.32 -18.28
C ASP A 693 -27.53 -8.62 -16.93
N LEU A 694 -28.03 -7.40 -16.81
CA LEU A 694 -27.99 -6.64 -15.53
C LEU A 694 -29.13 -6.94 -14.56
N LYS A 695 -28.81 -6.90 -13.27
CA LYS A 695 -29.76 -7.19 -12.18
C LYS A 695 -30.99 -6.27 -12.09
N ASP A 696 -30.92 -5.07 -12.68
CA ASP A 696 -32.06 -4.17 -12.66
C ASP A 696 -33.01 -4.48 -13.84
N GLY A 697 -32.80 -5.65 -14.45
CA GLY A 697 -33.61 -6.06 -15.59
C GLY A 697 -33.11 -5.60 -16.96
N SER A 698 -32.37 -4.49 -17.01
CA SER A 698 -31.76 -4.10 -18.29
C SER A 698 -30.57 -5.01 -18.70
N ASN A 699 -29.99 -4.72 -19.85
CA ASN A 699 -28.88 -5.53 -20.40
C ASN A 699 -28.08 -4.73 -21.42
N VAL A 700 -26.83 -5.13 -21.61
CA VAL A 700 -25.94 -4.46 -22.55
C VAL A 700 -25.61 -5.46 -23.64
N VAL A 701 -25.67 -5.01 -24.89
CA VAL A 701 -25.44 -5.87 -26.05
C VAL A 701 -24.22 -5.36 -26.80
N VAL A 702 -23.23 -6.23 -26.99
CA VAL A 702 -21.98 -5.86 -27.65
C VAL A 702 -21.89 -6.75 -28.87
N ALA A 703 -21.62 -6.13 -30.01
CA ALA A 703 -21.70 -6.82 -31.29
C ALA A 703 -20.45 -6.53 -32.12
N LEU A 704 -19.84 -7.58 -32.64
CA LEU A 704 -18.55 -7.49 -33.33
C LEU A 704 -18.60 -8.25 -34.62
N SER A 705 -18.41 -7.53 -35.72
CA SER A 705 -18.41 -8.13 -37.06
C SER A 705 -17.04 -8.52 -37.64
N TYR A 706 -15.97 -7.86 -37.17
CA TYR A 706 -14.60 -8.00 -37.71
C TYR A 706 -14.45 -7.50 -39.14
N ASN A 707 -15.30 -6.55 -39.52
CA ASN A 707 -15.30 -5.95 -40.84
C ASN A 707 -15.19 -4.43 -40.70
N ALA A 708 -14.14 -3.87 -41.29
CA ALA A 708 -13.80 -2.45 -41.12
C ALA A 708 -14.76 -1.44 -41.78
N ASN A 709 -15.50 -1.89 -42.79
CA ASN A 709 -16.43 -1.02 -43.51
C ASN A 709 -17.50 -0.51 -42.56
N SER A 710 -17.51 0.81 -42.35
CA SER A 710 -18.45 1.42 -41.41
C SER A 710 -19.92 1.43 -41.87
N GLU A 711 -20.17 1.19 -43.16
CA GLU A 711 -21.53 1.19 -43.68
C GLU A 711 -22.19 -0.20 -43.82
N GLN A 712 -21.36 -1.24 -43.90
CA GLN A 712 -21.84 -2.62 -43.91
C GLN A 712 -22.74 -2.91 -42.72
N VAL A 713 -23.86 -3.58 -42.98
CA VAL A 713 -24.88 -3.87 -41.98
C VAL A 713 -24.74 -5.35 -41.62
N HIS A 714 -25.11 -5.72 -40.38
CA HIS A 714 -24.92 -7.11 -39.89
C HIS A 714 -26.10 -7.62 -39.09
N LYS A 715 -26.33 -8.92 -39.19
CA LYS A 715 -27.51 -9.58 -38.61
C LYS A 715 -27.09 -10.86 -37.89
N VAL A 716 -27.51 -11.03 -36.65
CA VAL A 716 -27.11 -12.21 -35.87
C VAL A 716 -28.31 -12.81 -35.12
N ASN A 717 -28.68 -14.03 -35.49
CA ASN A 717 -29.72 -14.77 -34.78
C ASN A 717 -29.14 -15.40 -33.53
N ALA A 718 -29.49 -14.83 -32.38
CA ALA A 718 -29.06 -15.37 -31.09
C ALA A 718 -30.04 -16.44 -30.60
N GLY A 719 -29.90 -16.81 -29.32
CA GLY A 719 -30.95 -17.55 -28.65
C GLY A 719 -32.13 -16.61 -28.47
N GLU A 720 -33.19 -16.84 -29.25
CA GLU A 720 -34.47 -16.10 -29.15
C GLU A 720 -34.58 -14.83 -30.03
N GLU A 721 -33.51 -14.03 -30.09
CA GLU A 721 -33.59 -12.72 -30.74
C GLU A 721 -32.54 -12.48 -31.85
N ALA A 722 -32.89 -11.62 -32.80
CA ALA A 722 -31.97 -11.15 -33.82
C ALA A 722 -31.42 -9.76 -33.49
N ILE A 723 -30.13 -9.56 -33.75
CA ILE A 723 -29.45 -8.28 -33.48
C ILE A 723 -28.81 -7.76 -34.77
N GLU A 724 -28.82 -6.43 -34.92
CA GLU A 724 -28.45 -5.79 -36.19
C GLU A 724 -27.71 -4.46 -35.95
N TRP A 725 -26.67 -4.19 -36.73
CA TRP A 725 -25.85 -2.98 -36.54
C TRP A 725 -25.04 -2.59 -37.77
N LYS A 726 -24.55 -1.36 -37.77
CA LYS A 726 -23.56 -0.91 -38.73
C LYS A 726 -22.14 -0.99 -38.14
N GLY A 727 -21.23 -1.60 -38.91
CA GLY A 727 -19.80 -1.50 -38.64
C GLY A 727 -19.11 -2.69 -37.99
N PHE A 728 -17.82 -2.50 -37.69
CA PHE A 728 -17.01 -3.44 -36.92
C PHE A 728 -17.66 -3.84 -35.59
N SER A 729 -18.28 -2.85 -34.94
CA SER A 729 -18.80 -3.04 -33.61
C SER A 729 -19.96 -2.11 -33.35
N SER A 730 -20.77 -2.52 -32.38
CA SER A 730 -21.78 -1.68 -31.78
C SER A 730 -21.99 -2.15 -30.33
N VAL A 731 -22.40 -1.22 -29.49
CA VAL A 731 -22.75 -1.50 -28.11
C VAL A 731 -24.02 -0.72 -27.83
N VAL A 732 -25.09 -1.41 -27.46
CA VAL A 732 -26.34 -0.75 -27.10
C VAL A 732 -26.79 -1.24 -25.72
N VAL A 733 -27.37 -0.33 -24.96
CA VAL A 733 -28.09 -0.68 -23.72
C VAL A 733 -29.60 -0.84 -24.00
N ARG A 734 -30.13 -2.02 -23.73
CA ARG A 734 -31.57 -2.28 -23.87
C ARG A 734 -32.25 -2.42 -22.50
N ARG A 735 -33.38 -1.74 -22.35
CA ARG A 735 -34.16 -1.76 -21.10
C ARG A 735 -34.73 -3.14 -20.82
N PRO B 31 -30.83 23.23 22.50
CA PRO B 31 -29.61 22.42 22.49
C PRO B 31 -28.77 22.61 23.76
N ASN B 32 -28.81 21.61 24.62
CA ASN B 32 -27.96 21.59 25.81
C ASN B 32 -27.54 20.16 26.20
N LEU B 33 -26.87 19.48 25.26
CA LEU B 33 -26.41 18.10 25.46
C LEU B 33 -24.96 17.98 24.96
N ILE B 34 -24.79 17.57 23.71
CA ILE B 34 -23.47 17.46 23.10
C ILE B 34 -23.08 18.82 22.52
N VAL B 35 -24.05 19.48 21.93
CA VAL B 35 -23.89 20.90 21.55
C VAL B 35 -24.77 21.74 22.48
N THR B 36 -24.25 22.89 22.89
CA THR B 36 -25.02 23.84 23.67
C THR B 36 -25.49 24.98 22.76
N GLU B 37 -26.37 25.82 23.31
CA GLU B 37 -26.86 27.05 22.68
C GLU B 37 -25.72 27.97 22.27
N GLN B 38 -24.78 28.23 23.18
CA GLN B 38 -23.61 29.04 22.84
C GLN B 38 -22.81 28.39 21.71
N ASP B 39 -22.65 27.07 21.74
CA ASP B 39 -21.91 26.37 20.69
C ASP B 39 -22.47 26.71 19.32
N VAL B 40 -23.77 26.51 19.15
CA VAL B 40 -24.44 26.75 17.85
C VAL B 40 -24.21 28.17 17.36
N ALA B 41 -24.22 29.13 18.27
CA ALA B 41 -23.96 30.50 17.87
C ALA B 41 -22.54 30.63 17.33
N ASN B 42 -21.55 30.11 18.06
CA ASN B 42 -20.17 30.10 17.57
C ASN B 42 -20.01 29.45 16.20
N ILE B 43 -20.69 28.31 15.99
CA ILE B 43 -20.61 27.57 14.74
C ILE B 43 -21.30 28.34 13.61
N ALA B 44 -22.48 28.89 13.90
CA ALA B 44 -23.23 29.68 12.91
C ALA B 44 -22.40 30.88 12.45
N ALA B 45 -21.72 31.52 13.39
CA ALA B 45 -20.96 32.71 13.09
C ALA B 45 -19.74 32.42 12.23
N SER B 46 -19.07 31.30 12.45
CA SER B 46 -17.71 31.15 11.93
C SER B 46 -17.41 29.90 11.12
N TRP B 47 -18.35 28.96 11.06
CA TRP B 47 -18.08 27.68 10.39
C TRP B 47 -17.60 27.83 8.98
N GLU B 48 -18.07 28.87 8.30
CA GLU B 48 -17.72 29.05 6.91
C GLU B 48 -16.24 29.38 6.72
N SER B 49 -15.65 30.08 7.68
CA SER B 49 -14.27 30.56 7.56
C SER B 49 -13.17 29.49 7.79
N TYR B 50 -13.56 28.27 8.19
CA TYR B 50 -12.61 27.16 8.36
C TYR B 50 -12.82 26.08 7.30
N ASP B 51 -11.94 26.06 6.31
CA ASP B 51 -12.12 25.29 5.07
C ASP B 51 -12.49 23.83 5.27
N ALA B 52 -11.68 23.13 6.07
CA ALA B 52 -11.88 21.70 6.31
C ALA B 52 -13.20 21.43 7.05
N TYR B 53 -13.44 22.18 8.13
CA TYR B 53 -14.71 22.16 8.82
C TYR B 53 -15.85 22.42 7.83
N ALA B 54 -15.76 23.53 7.09
CA ALA B 54 -16.82 23.89 6.11
C ALA B 54 -17.06 22.79 5.07
N GLU B 55 -15.97 22.22 4.56
CA GLU B 55 -16.07 21.18 3.55
C GLU B 55 -16.85 20.00 4.10
N GLN B 56 -16.51 19.60 5.32
CA GLN B 56 -17.14 18.45 5.97
C GLN B 56 -18.57 18.76 6.36
N LEU B 57 -18.79 19.98 6.82
CA LEU B 57 -20.16 20.40 7.11
C LEU B 57 -21.00 20.43 5.83
N ASN B 58 -20.49 21.08 4.79
CA ASN B 58 -21.16 21.03 3.48
C ASN B 58 -21.40 19.62 2.98
N ALA B 59 -20.40 18.75 3.12
CA ALA B 59 -20.51 17.35 2.69
C ALA B 59 -21.63 16.64 3.46
N ASP B 60 -21.70 16.92 4.76
CA ASP B 60 -22.76 16.41 5.63
C ASP B 60 -24.12 16.93 5.16
N LYS B 61 -24.20 18.25 4.95
CA LYS B 61 -25.40 18.90 4.41
C LYS B 61 -25.81 18.34 3.05
N THR B 62 -24.88 18.28 2.09
CA THR B 62 -25.16 17.74 0.76
C THR B 62 -25.83 16.35 0.85
N ASN B 63 -25.28 15.49 1.72
CA ASN B 63 -25.73 14.11 1.86
C ASN B 63 -27.10 13.99 2.52
N LEU B 64 -27.34 14.81 3.54
CA LEU B 64 -28.62 14.81 4.23
C LEU B 64 -29.72 15.33 3.31
N ASP B 65 -29.37 16.34 2.51
CA ASP B 65 -30.24 16.86 1.48
C ASP B 65 -30.73 15.73 0.56
N ALA B 66 -29.78 14.93 0.07
CA ALA B 66 -30.07 13.80 -0.84
C ALA B 66 -30.92 12.71 -0.17
N PHE B 67 -30.66 12.45 1.11
CA PHE B 67 -31.44 11.50 1.89
C PHE B 67 -32.85 12.02 2.20
N MET B 68 -32.98 13.33 2.43
CA MET B 68 -34.29 13.95 2.60
C MET B 68 -35.16 13.73 1.37
N ALA B 69 -34.60 14.03 0.20
CA ALA B 69 -35.29 13.93 -1.09
C ALA B 69 -36.17 12.69 -1.20
N GLU B 70 -35.65 11.58 -0.67
CA GLU B 70 -36.32 10.27 -0.69
C GLU B 70 -37.47 10.15 0.32
N GLY B 71 -37.85 11.27 0.94
CA GLY B 71 -38.99 11.30 1.84
C GLY B 71 -38.75 10.73 3.22
N VAL B 72 -39.83 10.44 3.92
CA VAL B 72 -39.77 9.96 5.30
C VAL B 72 -40.07 8.47 5.36
N VAL B 73 -39.04 7.65 5.12
CA VAL B 73 -39.16 6.19 5.22
C VAL B 73 -38.92 5.74 6.67
N VAL B 74 -39.97 5.21 7.30
CA VAL B 74 -39.85 4.58 8.63
C VAL B 74 -40.56 3.21 8.63
N PRO B 75 -39.85 2.14 8.22
CA PRO B 75 -40.46 0.82 8.02
C PRO B 75 -40.63 0.01 9.29
N MET B 76 -41.56 -0.95 9.27
CA MET B 76 -41.81 -1.84 10.39
C MET B 76 -40.58 -2.72 10.67
N PRO B 77 -40.23 -2.90 11.95
CA PRO B 77 -39.04 -3.70 12.27
C PRO B 77 -39.13 -5.08 11.62
N LYS B 78 -38.11 -5.45 10.85
CA LYS B 78 -38.15 -6.69 10.07
C LYS B 78 -36.84 -7.49 10.13
N ASP B 79 -35.78 -6.94 9.54
CA ASP B 79 -34.50 -7.67 9.37
C ASP B 79 -33.32 -7.16 10.22
N ALA B 80 -32.19 -7.87 10.16
CA ALA B 80 -31.04 -7.66 11.07
C ALA B 80 -29.75 -7.11 10.41
N GLY B 81 -28.69 -7.03 11.20
CA GLY B 81 -27.41 -6.41 10.81
C GLY B 81 -27.01 -6.58 9.35
N GLY B 82 -27.15 -5.51 8.58
CA GLY B 82 -26.84 -5.54 7.16
C GLY B 82 -28.04 -5.69 6.24
N GLY B 83 -29.18 -6.10 6.80
CA GLY B 83 -30.45 -6.15 6.07
C GLY B 83 -30.99 -4.75 5.82
N TYR B 84 -32.18 -4.66 5.24
CA TYR B 84 -32.73 -3.35 4.88
C TYR B 84 -33.11 -2.50 6.09
N THR B 85 -34.14 -2.93 6.81
CA THR B 85 -34.69 -2.20 7.97
C THR B 85 -33.61 -1.79 8.96
N HIS B 86 -32.66 -2.68 9.20
CA HIS B 86 -31.55 -2.40 10.09
C HIS B 86 -30.73 -1.22 9.57
N GLU B 87 -30.46 -1.20 8.26
CA GLU B 87 -29.70 -0.11 7.66
C GLU B 87 -30.48 1.19 7.53
N GLN B 88 -31.81 1.07 7.44
CA GLN B 88 -32.70 2.22 7.30
C GLN B 88 -32.74 3.03 8.59
N HIS B 89 -33.09 2.36 9.69
CA HIS B 89 -33.18 2.97 11.00
C HIS B 89 -31.87 3.62 11.47
N LYS B 90 -30.75 3.01 11.06
CA LYS B 90 -29.41 3.59 11.25
C LYS B 90 -29.27 4.92 10.52
N ARG B 91 -29.71 4.96 9.27
CA ARG B 91 -29.69 6.19 8.48
C ARG B 91 -30.58 7.24 9.14
N ASN B 92 -31.77 6.81 9.60
CA ASN B 92 -32.68 7.70 10.31
C ASN B 92 -32.05 8.39 11.51
N TYR B 93 -31.57 7.62 12.50
CA TYR B 93 -31.02 8.24 13.72
C TYR B 93 -29.88 9.19 13.39
N LYS B 94 -29.06 8.83 12.41
CA LYS B 94 -28.01 9.73 11.92
C LYS B 94 -28.62 11.00 11.30
N ALA B 95 -29.70 10.82 10.54
CA ALA B 95 -30.38 11.95 9.88
C ALA B 95 -31.01 12.88 10.90
N ILE B 96 -31.70 12.28 11.87
CA ILE B 96 -32.36 13.02 12.94
C ILE B 96 -31.36 13.92 13.66
N ARG B 97 -30.22 13.35 14.05
CA ARG B 97 -29.15 14.13 14.70
C ARG B 97 -28.65 15.20 13.74
N ASN B 98 -28.41 14.82 12.49
CA ASN B 98 -27.85 15.75 11.53
C ASN B 98 -28.84 16.85 11.11
N ALA B 99 -30.10 16.47 10.93
CA ALA B 99 -31.15 17.45 10.63
C ALA B 99 -31.24 18.46 11.77
N GLY B 100 -31.33 17.93 13.00
CA GLY B 100 -31.43 18.76 14.19
C GLY B 100 -30.32 19.78 14.23
N PHE B 101 -29.11 19.30 13.97
CA PHE B 101 -27.92 20.12 14.09
C PHE B 101 -27.94 21.25 13.06
N LEU B 102 -28.28 20.89 11.82
CA LEU B 102 -28.26 21.83 10.70
C LEU B 102 -29.39 22.85 10.79
N TYR B 103 -30.52 22.41 11.31
CA TYR B 103 -31.59 23.34 11.61
C TYR B 103 -31.08 24.45 12.50
N GLN B 104 -30.45 24.07 13.61
CA GLN B 104 -29.87 25.03 14.54
C GLN B 104 -28.82 25.92 13.87
N VAL B 105 -27.94 25.32 13.07
CA VAL B 105 -26.84 26.08 12.47
C VAL B 105 -27.30 26.95 11.30
N THR B 106 -28.19 26.44 10.45
CA THR B 106 -28.66 27.20 9.27
C THR B 106 -29.99 27.97 9.42
N GLY B 107 -30.88 27.48 10.27
CA GLY B 107 -32.16 28.16 10.53
C GLY B 107 -33.25 27.70 9.57
N ASP B 108 -32.83 27.00 8.52
CA ASP B 108 -33.72 26.53 7.47
C ASP B 108 -34.72 25.51 8.00
N GLU B 109 -35.99 25.91 8.08
CA GLU B 109 -37.06 25.05 8.64
C GLU B 109 -37.21 23.69 7.96
N LYS B 110 -36.86 23.64 6.68
CA LYS B 110 -36.70 22.40 5.92
C LYS B 110 -36.13 21.26 6.79
N TYR B 111 -35.07 21.58 7.55
CA TYR B 111 -34.38 20.61 8.42
C TYR B 111 -35.18 20.25 9.68
N LEU B 112 -35.80 21.24 10.30
CA LEU B 112 -36.77 21.02 11.37
C LEU B 112 -37.92 20.09 10.94
N THR B 113 -38.50 20.36 9.77
CA THR B 113 -39.63 19.56 9.30
C THR B 113 -39.32 18.06 9.18
N PHE B 114 -38.22 17.76 8.48
CA PHE B 114 -37.79 16.37 8.28
C PHE B 114 -37.54 15.66 9.61
N ALA B 115 -36.81 16.32 10.51
CA ALA B 115 -36.56 15.78 11.85
C ALA B 115 -37.85 15.57 12.64
N LYS B 116 -38.74 16.57 12.62
CA LYS B 116 -40.05 16.45 13.24
C LYS B 116 -40.80 15.23 12.72
N ASP B 117 -40.94 15.13 11.40
CA ASP B 117 -41.74 14.06 10.80
C ASP B 117 -41.22 12.65 11.07
N LEU B 118 -39.88 12.48 11.00
CA LEU B 118 -39.25 11.19 11.28
C LEU B 118 -39.58 10.76 12.70
N LEU B 119 -39.34 11.66 13.64
CA LEU B 119 -39.65 11.43 15.04
C LEU B 119 -41.14 11.19 15.26
N LEU B 120 -41.97 11.86 14.46
CA LEU B 120 -43.42 11.73 14.57
C LEU B 120 -43.93 10.39 14.11
N ALA B 121 -43.29 9.82 13.08
CA ALA B 121 -43.62 8.47 12.61
C ALA B 121 -43.16 7.41 13.60
N TYR B 122 -42.00 7.65 14.21
CA TYR B 122 -41.47 6.83 15.31
C TYR B 122 -42.40 6.85 16.53
N ALA B 123 -42.95 8.03 16.84
CA ALA B 123 -43.93 8.14 17.92
C ALA B 123 -45.22 7.36 17.58
N LYS B 124 -45.60 7.37 16.30
CA LYS B 124 -46.83 6.71 15.81
C LYS B 124 -46.74 5.18 15.74
N MET B 125 -45.52 4.65 15.91
CA MET B 125 -45.28 3.23 15.66
C MET B 125 -44.73 2.48 16.89
N TYR B 126 -43.73 3.07 17.54
CA TYR B 126 -43.01 2.45 18.67
C TYR B 126 -43.89 1.89 19.81
N PRO B 127 -44.98 2.59 20.20
CA PRO B 127 -45.78 2.08 21.33
C PRO B 127 -46.38 0.69 21.08
N SER B 128 -46.85 0.44 19.87
CA SER B 128 -47.44 -0.86 19.54
C SER B 128 -46.39 -1.85 18.99
N LEU B 129 -45.26 -1.95 19.67
CA LEU B 129 -44.20 -2.86 19.27
C LEU B 129 -43.69 -3.73 20.41
N GLY B 130 -43.73 -5.04 20.20
CA GLY B 130 -43.05 -6.00 21.05
C GLY B 130 -41.66 -6.22 20.50
N GLU B 131 -40.97 -7.25 21.00
CA GLU B 131 -39.60 -7.53 20.57
C GLU B 131 -39.48 -7.81 19.07
N HIS B 132 -38.46 -7.21 18.46
CA HIS B 132 -38.11 -7.37 17.03
C HIS B 132 -38.35 -8.78 16.51
N PRO B 133 -38.95 -8.91 15.31
CA PRO B 133 -39.25 -10.22 14.69
C PRO B 133 -38.08 -11.20 14.58
N ASN B 134 -36.85 -10.71 14.79
CA ASN B 134 -35.66 -11.55 14.80
C ASN B 134 -34.94 -11.53 16.15
N ARG B 135 -35.74 -11.63 17.21
CA ARG B 135 -35.24 -11.65 18.59
C ARG B 135 -34.39 -12.87 18.90
N LYS B 136 -33.10 -12.65 19.20
CA LYS B 136 -32.17 -13.74 19.49
C LYS B 136 -32.04 -14.04 20.99
N GLU B 137 -31.23 -15.04 21.34
CA GLU B 137 -30.84 -15.28 22.73
C GLU B 137 -29.98 -14.10 23.22
N GLN B 138 -29.34 -13.43 22.26
CA GLN B 138 -28.76 -12.10 22.44
C GLN B 138 -29.88 -11.11 22.78
N SER B 139 -29.85 -10.59 24.01
CA SER B 139 -30.85 -9.63 24.50
C SER B 139 -31.41 -8.76 23.37
N PRO B 140 -32.73 -8.86 23.10
CA PRO B 140 -33.31 -8.26 21.90
C PRO B 140 -33.71 -6.78 22.00
N GLY B 141 -33.84 -6.14 20.84
CA GLY B 141 -34.40 -4.79 20.76
C GLY B 141 -35.84 -4.84 20.30
N ARG B 142 -36.37 -3.68 19.92
CA ARG B 142 -37.71 -3.58 19.34
C ARG B 142 -37.60 -3.05 17.93
N LEU B 143 -36.81 -1.99 17.77
CA LEU B 143 -36.51 -1.40 16.47
C LEU B 143 -35.44 -2.22 15.75
N PHE B 144 -34.54 -2.82 16.54
CA PHE B 144 -33.38 -3.57 16.03
C PHE B 144 -33.34 -4.98 16.61
N TRP B 145 -32.60 -5.87 15.96
CA TRP B 145 -32.50 -7.26 16.42
C TRP B 145 -31.87 -7.40 17.81
N GLN B 146 -31.01 -6.44 18.18
CA GLN B 146 -30.44 -6.37 19.53
C GLN B 146 -30.62 -4.96 20.14
N SER B 147 -30.69 -4.90 21.48
CA SER B 147 -30.90 -3.65 22.22
C SER B 147 -29.69 -2.68 22.22
N LEU B 148 -28.55 -3.12 21.70
CA LEU B 148 -27.39 -2.26 21.56
C LEU B 148 -27.66 -1.18 20.53
N ASN B 149 -28.16 -1.62 19.37
CA ASN B 149 -28.45 -0.71 18.26
C ASN B 149 -29.56 0.28 18.63
N GLU B 150 -30.48 -0.18 19.48
CA GLU B 150 -31.51 0.67 20.09
C GLU B 150 -30.91 1.81 20.92
N ALA B 151 -30.02 1.50 21.85
CA ALA B 151 -29.34 2.53 22.66
C ALA B 151 -28.59 3.52 21.77
N VAL B 152 -27.90 3.01 20.73
CA VAL B 152 -27.17 3.87 19.78
C VAL B 152 -28.14 4.79 19.06
N TRP B 153 -29.25 4.21 18.60
CA TRP B 153 -30.35 5.00 18.03
C TRP B 153 -30.72 6.16 18.94
N LEU B 154 -31.00 5.85 20.20
CA LEU B 154 -31.47 6.84 21.14
C LEU B 154 -30.43 7.90 21.45
N VAL B 155 -29.16 7.52 21.52
CA VAL B 155 -28.07 8.48 21.76
C VAL B 155 -27.96 9.50 20.60
N TYR B 156 -28.27 9.07 19.38
CA TYR B 156 -28.24 9.94 18.21
C TYR B 156 -29.53 10.75 18.07
N SER B 157 -30.67 10.04 18.10
CA SER B 157 -32.00 10.63 17.99
C SER B 157 -32.35 11.67 19.04
N ILE B 158 -31.93 11.46 20.29
CA ILE B 158 -32.23 12.41 21.37
C ILE B 158 -31.42 13.71 21.22
N GLN B 159 -30.35 13.67 20.42
CA GLN B 159 -29.49 14.85 20.19
C GLN B 159 -30.13 15.72 19.13
N GLY B 160 -30.85 15.07 18.21
CA GLY B 160 -31.58 15.75 17.16
C GLY B 160 -32.82 16.40 17.75
N TYR B 161 -33.53 15.66 18.59
CA TYR B 161 -34.67 16.20 19.31
C TYR B 161 -34.28 17.41 20.15
N ASP B 162 -33.15 17.34 20.82
CA ASP B 162 -32.66 18.45 21.65
C ASP B 162 -32.44 19.68 20.81
N ALA B 163 -32.13 19.48 19.54
CA ALA B 163 -31.80 20.58 18.64
C ALA B 163 -33.04 21.19 17.93
N ILE B 164 -34.14 20.43 17.95
CA ILE B 164 -35.40 20.72 17.26
C ILE B 164 -36.49 21.34 18.18
N ILE B 165 -36.32 21.19 19.49
CA ILE B 165 -37.27 21.66 20.53
C ILE B 165 -37.87 23.05 20.28
N ASP B 166 -36.99 24.03 20.07
CA ASP B 166 -37.38 25.40 19.73
C ASP B 166 -38.52 25.50 18.72
N GLY B 167 -38.35 24.88 17.57
CA GLY B 167 -39.35 24.95 16.52
C GLY B 167 -40.42 23.89 16.64
N LEU B 168 -40.77 23.55 17.88
CA LEU B 168 -41.87 22.61 18.14
C LEU B 168 -42.99 23.19 19.02
N ALA B 169 -44.21 22.72 18.76
CA ALA B 169 -45.39 23.09 19.53
C ALA B 169 -45.75 21.97 20.51
N ALA B 170 -46.17 22.36 21.72
CA ALA B 170 -46.46 21.45 22.84
C ALA B 170 -47.06 20.08 22.50
N GLU B 171 -48.03 20.04 21.60
CA GLU B 171 -48.74 18.79 21.25
C GLU B 171 -47.83 17.80 20.52
N GLU B 172 -46.89 18.34 19.75
CA GLU B 172 -45.87 17.54 19.06
C GLU B 172 -44.85 16.99 20.05
N LYS B 173 -44.34 17.87 20.93
CA LYS B 173 -43.43 17.46 21.99
C LYS B 173 -44.03 16.36 22.86
N GLN B 174 -45.32 16.48 23.16
CA GLN B 174 -46.07 15.47 23.93
C GLN B 174 -46.15 14.15 23.19
N GLU B 175 -46.50 14.22 21.90
CA GLU B 175 -46.58 13.04 21.05
C GLU B 175 -45.19 12.36 20.89
N ILE B 176 -44.13 13.17 20.78
CA ILE B 176 -42.76 12.66 20.61
C ILE B 176 -42.24 11.94 21.86
N GLU B 177 -42.31 12.63 23.00
CA GLU B 177 -41.82 12.09 24.27
C GLU B 177 -42.58 10.82 24.70
N SER B 178 -43.90 10.81 24.55
CA SER B 178 -44.74 9.68 24.97
C SER B 178 -44.72 8.51 23.98
N GLY B 179 -44.50 8.82 22.71
CA GLY B 179 -44.51 7.80 21.66
C GLY B 179 -43.21 7.02 21.52
N VAL B 180 -42.08 7.72 21.61
CA VAL B 180 -40.77 7.05 21.53
C VAL B 180 -39.89 7.16 22.77
N PHE B 181 -39.37 8.34 23.06
CA PHE B 181 -38.30 8.53 24.06
C PHE B 181 -38.53 7.86 25.43
N LEU B 182 -39.57 8.28 26.15
CA LEU B 182 -39.95 7.65 27.42
C LEU B 182 -40.23 6.13 27.34
N PRO B 183 -41.07 5.67 26.38
CA PRO B 183 -41.19 4.21 26.21
C PRO B 183 -39.85 3.51 25.99
N MET B 184 -39.10 3.96 24.98
CA MET B 184 -37.76 3.43 24.69
C MET B 184 -36.85 3.42 25.93
N ALA B 185 -36.83 4.52 26.67
CA ALA B 185 -36.02 4.63 27.89
C ALA B 185 -36.42 3.63 28.96
N LYS B 186 -37.71 3.32 29.05
CA LYS B 186 -38.23 2.35 30.01
C LYS B 186 -37.76 0.94 29.62
N PHE B 187 -37.82 0.67 28.32
CA PHE B 187 -37.44 -0.60 27.75
C PHE B 187 -35.96 -0.88 27.93
N LEU B 188 -35.15 0.11 27.58
CA LEU B 188 -33.69 -0.01 27.67
C LEU B 188 -33.17 -0.07 29.12
N SER B 189 -33.94 0.42 30.08
CA SER B 189 -33.53 0.36 31.50
C SER B 189 -34.33 -0.63 32.35
N VAL B 190 -35.49 -0.18 32.85
CA VAL B 190 -36.23 -0.92 33.87
C VAL B 190 -36.76 -2.25 33.35
N GLU B 191 -37.05 -2.33 32.06
CA GLU B 191 -37.51 -3.58 31.48
C GLU B 191 -36.38 -4.52 31.08
N SER B 192 -35.15 -4.00 31.08
CA SER B 192 -33.97 -4.79 30.71
C SER B 192 -32.83 -4.65 31.73
N PRO B 193 -33.05 -5.11 32.98
CA PRO B 193 -32.06 -4.92 34.07
C PRO B 193 -30.70 -5.58 33.81
N GLU B 194 -30.73 -6.73 33.14
CA GLU B 194 -29.53 -7.50 32.85
C GLU B 194 -28.56 -6.73 31.96
N THR B 195 -29.12 -5.98 31.01
CA THR B 195 -28.30 -5.17 30.12
C THR B 195 -27.96 -3.84 30.76
N PHE B 196 -28.94 -3.26 31.45
CA PHE B 196 -28.77 -1.96 32.09
C PHE B 196 -27.81 -1.92 33.30
N ASN B 197 -27.79 -2.99 34.10
CA ASN B 197 -26.87 -3.07 35.25
C ASN B 197 -25.55 -3.79 34.92
N LYS B 198 -25.36 -4.11 33.64
CA LYS B 198 -24.15 -4.77 33.17
C LYS B 198 -22.94 -3.86 33.29
N ILE B 199 -21.82 -4.45 33.69
CA ILE B 199 -20.56 -3.71 33.77
C ILE B 199 -19.78 -4.10 32.51
N HIS B 200 -20.16 -3.45 31.41
CA HIS B 200 -19.84 -3.87 30.05
C HIS B 200 -20.25 -2.75 29.12
N ASN B 201 -19.65 -2.71 27.94
CA ASN B 201 -20.02 -1.72 26.92
C ASN B 201 -21.54 -1.65 26.65
N HIS B 202 -22.22 -2.79 26.72
CA HIS B 202 -23.67 -2.82 26.55
C HIS B 202 -24.38 -1.96 27.60
N GLY B 203 -23.81 -1.93 28.80
CA GLY B 203 -24.33 -1.11 29.87
C GLY B 203 -23.97 0.34 29.61
N THR B 204 -22.77 0.60 29.07
CA THR B 204 -22.34 1.97 28.82
C THR B 204 -23.24 2.65 27.80
N TRP B 205 -23.63 1.93 26.74
CA TRP B 205 -24.55 2.46 25.72
C TRP B 205 -25.95 2.74 26.27
N ALA B 206 -26.48 1.77 27.01
CA ALA B 206 -27.80 1.87 27.63
C ALA B 206 -27.89 3.02 28.61
N VAL B 207 -26.94 3.13 29.55
CA VAL B 207 -26.99 4.26 30.47
C VAL B 207 -26.69 5.59 29.79
N ALA B 208 -25.98 5.55 28.67
CA ALA B 208 -25.73 6.78 27.93
C ALA B 208 -27.04 7.19 27.28
N ALA B 209 -27.78 6.23 26.75
CA ALA B 209 -29.03 6.51 26.06
C ALA B 209 -30.01 7.14 27.04
N VAL B 210 -30.32 6.39 28.09
CA VAL B 210 -31.33 6.77 29.06
C VAL B 210 -30.87 8.03 29.82
N GLY B 211 -29.59 8.10 30.15
CA GLY B 211 -29.04 9.25 30.85
C GLY B 211 -29.23 10.54 30.06
N MET B 212 -28.91 10.50 28.78
CA MET B 212 -29.12 11.68 27.92
C MET B 212 -30.60 11.92 27.57
N THR B 213 -31.40 10.87 27.45
CA THR B 213 -32.85 11.05 27.37
C THR B 213 -33.36 11.79 28.63
N GLY B 214 -32.78 11.46 29.77
CA GLY B 214 -33.15 12.08 31.02
C GLY B 214 -32.82 13.56 31.09
N TYR B 215 -31.70 13.97 30.48
CA TYR B 215 -31.30 15.36 30.55
C TYR B 215 -32.08 16.27 29.60
N VAL B 216 -32.42 15.73 28.44
CA VAL B 216 -33.13 16.47 27.41
C VAL B 216 -34.54 16.73 27.92
N LEU B 217 -35.20 15.64 28.32
CA LEU B 217 -36.58 15.64 28.84
C LEU B 217 -36.78 16.17 30.28
N GLY B 218 -35.70 16.63 30.92
CA GLY B 218 -35.74 17.11 32.32
C GLY B 218 -36.26 16.12 33.34
N ASN B 219 -36.02 14.82 33.11
CA ASN B 219 -36.55 13.72 33.93
C ASN B 219 -35.49 13.16 34.87
N ASP B 220 -35.55 13.59 36.14
CA ASP B 220 -34.47 13.30 37.08
C ASP B 220 -34.32 11.82 37.40
N GLU B 221 -35.43 11.09 37.39
CA GLU B 221 -35.37 9.64 37.60
C GLU B 221 -34.37 8.97 36.63
N LEU B 222 -34.47 9.30 35.35
CA LEU B 222 -33.67 8.66 34.31
C LEU B 222 -32.17 8.94 34.37
N VAL B 223 -31.80 10.15 34.79
CA VAL B 223 -30.42 10.53 35.01
C VAL B 223 -29.81 9.72 36.17
N GLU B 224 -30.51 9.66 37.31
CA GLU B 224 -30.02 8.98 38.51
C GLU B 224 -29.88 7.47 38.28
N ILE B 225 -30.91 6.89 37.69
CA ILE B 225 -30.87 5.50 37.24
C ILE B 225 -29.65 5.18 36.33
N SER B 226 -29.22 6.15 35.53
CA SER B 226 -28.13 5.93 34.63
C SER B 226 -26.78 6.12 35.32
N LEU B 227 -26.71 7.05 36.25
CA LEU B 227 -25.47 7.30 36.98
C LEU B 227 -25.19 6.24 38.04
N MET B 228 -26.25 5.68 38.63
CA MET B 228 -26.13 4.90 39.86
C MET B 228 -26.86 3.57 39.84
N GLY B 229 -27.44 3.20 38.70
CA GLY B 229 -28.09 1.88 38.60
C GLY B 229 -29.55 1.94 39.02
N LEU B 230 -30.33 0.93 38.65
CA LEU B 230 -31.75 0.86 39.01
C LEU B 230 -32.09 1.02 40.52
N ASP B 231 -31.20 0.62 41.41
CA ASP B 231 -31.39 0.89 42.86
C ASP B 231 -31.14 2.35 43.15
N LYS B 232 -30.12 2.91 42.49
CA LYS B 232 -29.53 4.20 42.84
C LYS B 232 -28.41 4.00 43.87
N THR B 233 -28.12 2.75 44.22
CA THR B 233 -27.10 2.44 45.23
C THR B 233 -25.65 2.75 44.81
N GLY B 234 -25.37 2.64 43.52
CA GLY B 234 -24.03 2.88 42.98
C GLY B 234 -23.28 1.60 42.62
N LYS B 235 -23.91 0.45 42.85
CA LYS B 235 -23.33 -0.87 42.57
C LYS B 235 -23.26 -1.16 41.07
N ALA B 236 -24.17 -0.56 40.30
CA ALA B 236 -24.09 -0.55 38.84
C ALA B 236 -24.16 0.90 38.29
N GLY B 237 -24.26 1.02 36.97
CA GLY B 237 -24.39 2.30 36.33
C GLY B 237 -23.07 3.00 36.03
N PHE B 238 -23.18 4.15 35.38
CA PHE B 238 -22.08 4.84 34.76
C PHE B 238 -20.88 5.06 35.68
N MET B 239 -21.16 5.28 36.96
CA MET B 239 -20.07 5.54 37.93
C MET B 239 -19.21 4.29 38.16
N LYS B 240 -19.84 3.12 38.26
CA LYS B 240 -19.07 1.89 38.37
C LYS B 240 -18.31 1.59 37.07
N GLN B 241 -19.02 1.73 35.95
CA GLN B 241 -18.41 1.55 34.65
C GLN B 241 -17.12 2.35 34.57
N LEU B 242 -17.13 3.59 35.06
CA LEU B 242 -15.90 4.38 35.06
C LEU B 242 -14.77 3.80 35.93
N ASP B 243 -15.10 3.18 37.06
CA ASP B 243 -14.09 2.57 37.94
C ASP B 243 -13.66 1.22 37.41
N LYS B 244 -14.58 0.49 36.79
CA LYS B 244 -14.38 -0.93 36.46
C LYS B 244 -13.83 -1.21 35.07
N LEU B 245 -14.30 -0.47 34.07
CA LEU B 245 -14.03 -0.83 32.68
C LEU B 245 -12.75 -0.24 32.16
N PHE B 246 -12.15 0.69 32.91
CA PHE B 246 -10.82 1.18 32.62
C PHE B 246 -9.85 0.84 33.72
N SER B 247 -8.60 0.66 33.35
CA SER B 247 -7.50 0.55 34.28
C SER B 247 -7.12 1.98 34.64
N PRO B 248 -6.40 2.19 35.75
CA PRO B 248 -6.10 3.58 36.16
C PRO B 248 -5.34 4.37 35.11
N ASP B 249 -4.73 3.70 34.14
CA ASP B 249 -4.00 4.40 33.10
C ASP B 249 -4.92 4.77 31.93
N GLY B 250 -6.12 4.20 31.91
CA GLY B 250 -7.10 4.55 30.91
C GLY B 250 -7.18 3.51 29.81
N TYR B 251 -6.85 2.27 30.18
CA TYR B 251 -6.79 1.17 29.26
C TYR B 251 -8.01 0.27 29.45
N TYR B 252 -8.61 -0.09 28.32
CA TYR B 252 -9.78 -0.93 28.25
C TYR B 252 -9.28 -2.31 27.92
N THR B 253 -9.75 -3.31 28.67
CA THR B 253 -9.12 -4.64 28.65
C THR B 253 -9.29 -5.44 27.34
N GLU B 254 -10.39 -5.23 26.62
CA GLU B 254 -10.55 -5.92 25.33
C GLU B 254 -9.58 -5.42 24.25
N GLY B 255 -8.95 -4.27 24.48
CA GLY B 255 -7.93 -3.73 23.58
C GLY B 255 -8.38 -2.52 22.78
N PRO B 256 -7.48 -1.98 21.96
CA PRO B 256 -7.68 -0.71 21.27
C PRO B 256 -8.94 -0.69 20.41
N TYR B 257 -9.24 -1.82 19.75
CA TYR B 257 -10.38 -1.91 18.85
C TYR B 257 -11.69 -1.79 19.62
N ALA B 258 -11.79 -2.49 20.75
CA ALA B 258 -12.95 -2.30 21.60
C ALA B 258 -12.92 -0.95 22.32
N GLN B 259 -11.73 -0.50 22.74
CA GLN B 259 -11.60 0.80 23.43
C GLN B 259 -12.14 2.02 22.63
N ARG B 260 -11.89 2.05 21.32
CA ARG B 260 -12.31 3.16 20.45
C ARG B 260 -13.84 3.25 20.44
N TYR B 261 -14.49 2.10 20.46
CA TYR B 261 -15.93 2.00 20.35
C TYR B 261 -16.61 2.33 21.68
N ALA B 262 -16.02 1.85 22.77
CA ALA B 262 -16.48 2.20 24.11
C ALA B 262 -16.39 3.71 24.33
N LEU B 263 -15.39 4.32 23.70
CA LEU B 263 -15.09 5.71 23.93
C LEU B 263 -16.28 6.62 23.66
N MET B 264 -17.14 6.26 22.69
CA MET B 264 -18.28 7.08 22.32
C MET B 264 -19.30 7.33 23.47
N PRO B 265 -20.05 6.30 23.87
CA PRO B 265 -20.98 6.51 24.97
C PRO B 265 -20.33 7.04 26.28
N PHE B 266 -19.10 6.66 26.59
CA PHE B 266 -18.45 7.23 27.78
C PHE B 266 -18.28 8.74 27.66
N ILE B 267 -17.75 9.17 26.52
CA ILE B 267 -17.42 10.57 26.32
C ILE B 267 -18.67 11.40 25.98
N TRP B 268 -19.65 10.80 25.31
CA TRP B 268 -20.88 11.54 25.02
C TRP B 268 -21.76 11.74 26.26
N PHE B 269 -21.97 10.68 27.03
CA PHE B 269 -22.66 10.85 28.33
C PHE B 269 -21.93 11.84 29.23
N ALA B 270 -20.62 11.70 29.38
CA ALA B 270 -19.85 12.66 30.17
C ALA B 270 -20.00 14.09 29.69
N LYS B 271 -20.10 14.27 28.37
CA LYS B 271 -20.38 15.58 27.78
C LYS B 271 -21.78 16.09 28.19
N ALA B 272 -22.78 15.22 28.10
CA ALA B 272 -24.10 15.58 28.55
C ALA B 272 -24.08 15.93 30.06
N ILE B 273 -23.42 15.10 30.87
CA ILE B 273 -23.26 15.33 32.32
C ILE B 273 -22.65 16.70 32.55
N GLU B 274 -21.53 16.97 31.86
CA GLU B 274 -20.78 18.20 32.09
C GLU B 274 -21.56 19.44 31.69
N THR B 275 -22.41 19.30 30.69
CA THR B 275 -23.14 20.41 30.12
C THR B 275 -24.31 20.82 31.01
N ASN B 276 -24.95 19.83 31.63
CA ASN B 276 -26.11 20.06 32.49
C ASN B 276 -25.76 20.21 33.97
N GLU B 277 -24.90 19.32 34.48
CA GLU B 277 -24.50 19.34 35.86
C GLU B 277 -22.97 19.39 35.97
N PRO B 278 -22.38 20.56 35.64
CA PRO B 278 -20.93 20.72 35.80
C PRO B 278 -20.44 20.45 37.21
N GLU B 279 -21.33 20.50 38.19
CA GLU B 279 -20.90 20.41 39.59
C GLU B 279 -20.45 18.97 39.93
N ARG B 280 -20.89 17.99 39.12
CA ARG B 280 -20.48 16.60 39.30
C ARG B 280 -19.02 16.36 38.92
N LYS B 281 -18.40 17.36 38.32
CA LYS B 281 -16.98 17.33 37.90
C LYS B 281 -16.59 15.99 37.25
N ILE B 282 -17.41 15.57 36.29
CA ILE B 282 -17.30 14.25 35.68
C ILE B 282 -15.95 14.01 34.98
N PHE B 283 -15.40 15.05 34.36
CA PHE B 283 -14.10 14.93 33.71
C PHE B 283 -12.95 15.00 34.70
N GLU B 284 -13.25 15.21 35.98
CA GLU B 284 -12.22 15.09 37.02
C GLU B 284 -12.24 13.72 37.66
N TYR B 285 -13.37 13.03 37.57
CA TYR B 285 -13.57 11.80 38.31
C TYR B 285 -12.48 10.74 38.08
N ARG B 286 -12.19 9.98 39.16
CA ARG B 286 -11.18 8.95 39.18
C ARG B 286 -9.89 9.48 38.56
N ASN B 287 -9.37 10.56 39.11
CA ASN B 287 -8.17 11.21 38.60
C ASN B 287 -8.20 11.40 37.10
N ASN B 288 -9.29 11.98 36.60
CA ASN B 288 -9.40 12.33 35.18
C ASN B 288 -9.41 11.07 34.31
N ILE B 289 -10.10 10.04 34.78
CA ILE B 289 -10.15 8.81 34.03
C ILE B 289 -10.53 8.99 32.56
N LEU B 290 -11.42 9.93 32.28
CA LEU B 290 -11.96 10.03 30.91
C LEU B 290 -10.98 10.67 29.97
N LEU B 291 -10.28 11.70 30.45
CA LEU B 291 -9.20 12.31 29.71
C LEU B 291 -8.13 11.27 29.34
N LYS B 292 -7.83 10.39 30.31
CA LYS B 292 -6.80 9.36 30.18
C LYS B 292 -7.17 8.30 29.17
N ALA B 293 -8.45 7.92 29.15
CA ALA B 293 -8.93 6.98 28.17
C ALA B 293 -8.80 7.51 26.73
N VAL B 294 -8.90 8.82 26.55
CA VAL B 294 -8.75 9.38 25.22
C VAL B 294 -7.27 9.45 24.81
N TYR B 295 -6.43 9.91 25.73
CA TYR B 295 -4.98 9.92 25.48
C TYR B 295 -4.41 8.53 25.23
N THR B 296 -4.96 7.52 25.92
CA THR B 296 -4.53 6.13 25.82
C THR B 296 -4.94 5.50 24.50
N THR B 297 -6.15 5.82 24.03
CA THR B 297 -6.59 5.39 22.71
C THR B 297 -5.62 5.86 21.61
N ILE B 298 -5.15 7.10 21.72
CA ILE B 298 -4.11 7.60 20.81
C ILE B 298 -2.77 6.87 20.99
N ASP B 299 -2.42 6.59 22.24
CA ASP B 299 -1.20 5.86 22.56
C ASP B 299 -1.29 4.38 22.12
N LEU B 300 -2.48 3.91 21.75
CA LEU B 300 -2.64 2.54 21.22
C LEU B 300 -2.70 2.46 19.69
N SER B 301 -2.05 3.41 19.02
CA SER B 301 -2.14 3.54 17.56
C SER B 301 -0.78 3.94 17.01
N TYR B 302 -0.57 3.68 15.71
CA TYR B 302 0.67 4.01 15.04
C TYR B 302 0.37 4.42 13.61
N ALA B 303 0.92 5.54 13.19
CA ALA B 303 0.72 6.07 11.83
C ALA B 303 -0.76 6.06 11.38
N GLY B 304 -1.65 6.37 12.31
CA GLY B 304 -3.06 6.42 12.02
C GLY B 304 -3.87 5.20 12.41
N TYR B 305 -3.22 4.07 12.74
CA TYR B 305 -3.99 2.84 12.97
C TYR B 305 -3.78 2.17 14.33
N PHE B 306 -4.81 1.48 14.78
CA PHE B 306 -4.81 0.87 16.10
C PHE B 306 -4.09 -0.45 16.07
N PHE B 307 -3.33 -0.73 17.13
CA PHE B 307 -2.59 -1.99 17.26
C PHE B 307 -3.60 -3.12 17.16
N PRO B 308 -3.48 -3.98 16.13
CA PRO B 308 -4.56 -4.92 15.90
C PRO B 308 -4.44 -6.16 16.76
N ILE B 309 -4.33 -5.96 18.07
CA ILE B 309 -4.27 -7.09 19.00
C ILE B 309 -5.67 -7.53 19.36
N ASN B 310 -5.85 -8.83 19.60
CA ASN B 310 -7.16 -9.42 19.91
C ASN B 310 -8.05 -9.25 18.71
N ASP B 311 -9.37 -9.41 18.87
CA ASP B 311 -10.27 -9.18 17.73
C ASP B 311 -10.27 -7.71 17.30
N ALA B 312 -9.88 -7.47 16.05
CA ALA B 312 -9.62 -6.11 15.55
C ALA B 312 -9.56 -6.17 14.03
N LEU B 313 -10.10 -5.16 13.36
CA LEU B 313 -9.90 -4.99 11.91
C LEU B 313 -8.73 -4.02 11.70
N LYS B 314 -7.85 -4.36 10.78
CA LYS B 314 -6.59 -3.64 10.67
C LYS B 314 -6.77 -2.29 10.00
N ASP B 315 -7.94 -2.06 9.38
CA ASP B 315 -8.20 -0.76 8.74
C ASP B 315 -8.91 0.25 9.68
N LYS B 316 -9.01 -0.10 10.95
CA LYS B 316 -9.59 0.80 11.97
C LYS B 316 -8.53 1.74 12.53
N GLY B 317 -8.71 3.02 12.27
CA GLY B 317 -7.77 4.01 12.72
C GLY B 317 -8.36 5.23 13.41
N ILE B 318 -7.49 6.17 13.72
CA ILE B 318 -7.78 7.31 14.55
C ILE B 318 -8.87 8.24 14.00
N ASP B 319 -9.19 8.08 12.71
CA ASP B 319 -10.27 8.87 12.10
C ASP B 319 -11.65 8.29 12.38
N THR B 320 -11.75 7.18 13.10
CA THR B 320 -13.06 6.74 13.59
C THR B 320 -13.77 7.87 14.30
N VAL B 321 -15.07 7.92 14.01
CA VAL B 321 -15.99 8.89 14.53
C VAL B 321 -15.90 9.02 16.08
N GLU B 322 -15.69 7.94 16.81
CA GLU B 322 -15.61 8.02 18.28
C GLU B 322 -14.40 8.82 18.77
N LEU B 323 -13.27 8.65 18.11
CA LEU B 323 -12.06 9.36 18.50
C LEU B 323 -12.01 10.80 17.98
N VAL B 324 -12.66 11.05 16.84
CA VAL B 324 -12.79 12.42 16.31
C VAL B 324 -13.53 13.34 17.31
N HIS B 325 -14.68 12.89 17.76
CA HIS B 325 -15.39 13.58 18.82
C HIS B 325 -14.56 13.68 20.13
N ALA B 326 -14.08 12.54 20.64
CA ALA B 326 -13.37 12.50 21.93
C ALA B 326 -12.13 13.36 21.95
N LEU B 327 -11.40 13.39 20.83
CA LEU B 327 -10.25 14.29 20.78
C LEU B 327 -10.73 15.74 20.89
N ALA B 328 -11.82 16.07 20.20
CA ALA B 328 -12.33 17.44 20.19
C ALA B 328 -12.78 17.88 21.60
N ILE B 329 -13.51 17.01 22.28
CA ILE B 329 -13.98 17.27 23.63
C ILE B 329 -12.82 17.49 24.57
N VAL B 330 -11.83 16.60 24.51
CA VAL B 330 -10.69 16.67 25.39
C VAL B 330 -9.85 17.90 25.09
N TYR B 331 -9.78 18.32 23.83
CA TYR B 331 -9.04 19.55 23.52
C TYR B 331 -9.69 20.78 24.16
N SER B 332 -11.02 20.85 24.07
CA SER B 332 -11.78 21.98 24.62
C SER B 332 -11.65 22.07 26.15
N ILE B 333 -11.48 20.91 26.80
CA ILE B 333 -11.27 20.90 28.23
C ILE B 333 -9.84 21.17 28.64
N THR B 334 -8.88 20.79 27.80
CA THR B 334 -7.48 20.83 28.21
C THR B 334 -6.67 21.95 27.56
N GLY B 335 -7.03 22.33 26.34
CA GLY B 335 -6.26 23.29 25.58
C GLY B 335 -4.90 22.74 25.17
N ASP B 336 -4.76 21.41 25.21
CA ASP B 336 -3.50 20.73 24.88
C ASP B 336 -3.26 20.73 23.36
N ASN B 337 -2.37 21.62 22.93
CA ASN B 337 -2.12 21.93 21.51
C ASN B 337 -1.43 20.79 20.77
N THR B 338 -0.91 19.89 21.59
CA THR B 338 -0.32 18.67 21.19
C THR B 338 -1.33 17.75 20.46
N LEU B 339 -2.61 17.85 20.86
CA LEU B 339 -3.66 17.05 20.25
C LEU B 339 -4.01 17.52 18.84
N LEU B 340 -3.59 18.74 18.51
CA LEU B 340 -3.86 19.33 17.21
C LEU B 340 -3.05 18.65 16.11
N ASP B 341 -1.93 18.05 16.51
CA ASP B 341 -1.07 17.25 15.65
C ASP B 341 -1.83 15.99 15.28
N ILE B 342 -2.45 15.37 16.27
CA ILE B 342 -3.27 14.20 16.01
C ILE B 342 -4.47 14.60 15.17
N ALA B 343 -5.07 15.74 15.51
CA ALA B 343 -6.27 16.19 14.83
C ALA B 343 -6.00 16.27 13.32
N GLN B 344 -4.85 16.82 12.96
CA GLN B 344 -4.44 16.89 11.56
C GLN B 344 -4.26 15.49 10.95
N GLU B 345 -3.58 14.59 11.66
CA GLU B 345 -3.44 13.23 11.14
C GLU B 345 -4.77 12.56 10.93
N GLN B 346 -5.79 12.93 11.72
CA GLN B 346 -7.12 12.33 11.54
C GLN B 346 -7.79 12.81 10.25
N GLY B 347 -7.47 14.05 9.85
CA GLY B 347 -8.07 14.72 8.70
C GLY B 347 -9.59 14.65 8.69
N ARG B 348 -10.17 14.66 9.88
CA ARG B 348 -11.61 14.59 10.05
C ARG B 348 -11.90 15.24 11.37
N ILE B 349 -12.71 16.30 11.32
CA ILE B 349 -12.98 17.15 12.49
C ILE B 349 -14.39 16.93 13.00
N SER B 350 -14.56 17.10 14.30
CA SER B 350 -15.86 16.87 14.92
C SER B 350 -16.79 18.06 14.63
N LEU B 351 -17.96 17.79 14.07
CA LEU B 351 -18.92 18.85 13.71
C LEU B 351 -19.74 19.24 14.92
N THR B 352 -19.06 19.94 15.82
CA THR B 352 -19.58 20.38 17.10
C THR B 352 -18.84 21.66 17.49
N GLY B 353 -19.11 22.16 18.68
CA GLY B 353 -18.46 23.38 19.14
C GLY B 353 -17.05 23.11 19.61
N ASP B 354 -16.87 21.97 20.25
CA ASP B 354 -15.53 21.49 20.64
C ASP B 354 -14.66 21.34 19.38
N GLY B 355 -15.22 20.69 18.35
CA GLY B 355 -14.57 20.54 17.05
C GLY B 355 -14.21 21.87 16.41
N LEU B 356 -15.16 22.81 16.46
CA LEU B 356 -14.90 24.19 16.08
C LEU B 356 -13.68 24.78 16.77
N LYS B 357 -13.52 24.54 18.08
CA LYS B 357 -12.36 25.06 18.82
C LYS B 357 -11.04 24.44 18.34
N VAL B 358 -11.08 23.17 17.96
CA VAL B 358 -9.93 22.54 17.33
C VAL B 358 -9.57 23.21 16.00
N ALA B 359 -10.56 23.38 15.12
CA ALA B 359 -10.33 24.01 13.82
C ALA B 359 -9.74 25.41 13.96
N LYS B 360 -10.28 26.18 14.89
CA LYS B 360 -9.76 27.52 15.18
C LYS B 360 -8.33 27.42 15.72
N ALA B 361 -8.10 26.59 16.75
CA ALA B 361 -6.73 26.36 17.25
C ALA B 361 -5.73 26.02 16.13
N VAL B 362 -6.14 25.16 15.20
CA VAL B 362 -5.27 24.74 14.09
C VAL B 362 -4.97 25.90 13.13
N GLY B 363 -5.99 26.71 12.84
CA GLY B 363 -5.88 27.90 11.99
C GLY B 363 -4.96 28.97 12.56
N GLU B 364 -4.84 29.02 13.88
CA GLU B 364 -3.96 29.99 14.54
C GLU B 364 -2.50 29.56 14.51
N GLY B 365 -2.24 28.33 14.07
CA GLY B 365 -0.89 27.80 14.05
C GLY B 365 -0.42 27.38 15.43
N LEU B 366 -1.36 26.89 16.25
CA LEU B 366 -1.08 26.47 17.62
C LEU B 366 -0.56 25.04 17.72
N THR B 367 -0.64 24.28 16.63
CA THR B 367 -0.26 22.87 16.64
C THR B 367 1.13 22.68 17.20
N GLN B 368 1.24 21.79 18.19
CA GLN B 368 2.52 21.27 18.70
C GLN B 368 2.66 19.80 18.28
N PRO B 369 3.91 19.30 18.10
CA PRO B 369 4.10 17.85 17.88
C PRO B 369 3.59 17.02 19.07
N TYR B 370 2.82 15.97 18.80
CA TYR B 370 2.36 15.04 19.85
C TYR B 370 3.59 14.39 20.45
N ASN B 371 3.50 14.15 21.74
CA ASN B 371 4.60 13.55 22.47
C ASN B 371 4.34 12.05 22.68
N TYR B 372 5.10 11.23 21.97
CA TYR B 372 4.97 9.78 22.05
C TYR B 372 5.87 9.26 23.15
N ARG B 373 5.27 8.77 24.23
CA ARG B 373 6.04 8.22 25.34
C ARG B 373 5.96 6.70 25.34
N SER B 374 7.02 6.02 25.79
CA SER B 374 6.93 4.57 26.07
C SER B 374 6.18 4.46 27.36
N ILE B 375 5.22 3.54 27.41
CA ILE B 375 4.37 3.45 28.58
C ILE B 375 4.07 2.01 28.94
N LEU B 376 3.85 1.78 30.22
CA LEU B 376 3.38 0.51 30.72
C LEU B 376 1.90 0.67 31.02
N LEU B 377 1.05 -0.01 30.27
CA LEU B 377 -0.39 0.08 30.51
C LEU B 377 -0.86 -1.12 31.28
N GLY B 378 -0.90 -0.96 32.60
CA GLY B 378 -1.49 -1.96 33.50
C GLY B 378 -2.88 -2.35 33.03
N ASP B 379 -3.18 -3.64 33.11
CA ASP B 379 -4.44 -4.18 32.64
C ASP B 379 -5.36 -4.53 33.81
N GLY B 380 -6.67 -4.62 33.56
CA GLY B 380 -7.70 -4.82 34.60
C GLY B 380 -8.11 -3.54 35.31
N ALA B 381 -9.24 -3.58 36.03
CA ALA B 381 -9.72 -2.45 36.86
C ALA B 381 -8.60 -1.72 37.62
N ASP B 382 -7.69 -2.50 38.22
CA ASP B 382 -6.61 -1.96 39.08
C ASP B 382 -5.21 -1.84 38.43
N GLY B 383 -5.09 -2.24 37.17
CA GLY B 383 -3.81 -2.16 36.46
C GLY B 383 -2.78 -3.18 36.93
N ASP B 384 -3.26 -4.34 37.38
CA ASP B 384 -2.41 -5.37 38.01
C ASP B 384 -2.43 -6.72 37.28
N GLN B 385 -3.41 -6.93 36.38
CA GLN B 385 -3.58 -8.19 35.63
C GLN B 385 -2.79 -8.22 34.32
N GLY B 386 -1.48 -8.15 34.45
CA GLY B 386 -0.64 -8.08 33.28
C GLY B 386 -0.56 -6.63 32.87
N ALA B 387 -0.08 -6.40 31.66
CA ALA B 387 0.17 -5.06 31.16
C ALA B 387 0.43 -5.14 29.67
N LEU B 388 0.30 -3.98 29.02
CA LEU B 388 0.65 -3.84 27.64
C LEU B 388 1.77 -2.82 27.57
N SER B 389 2.93 -3.25 27.08
CA SER B 389 4.01 -2.29 26.95
C SER B 389 3.96 -1.72 25.56
N ILE B 390 4.19 -0.44 25.48
CA ILE B 390 4.42 0.21 24.22
C ILE B 390 5.77 0.87 24.40
N HIS B 391 6.66 0.67 23.44
CA HIS B 391 7.97 1.29 23.47
C HIS B 391 8.13 2.08 22.19
N ARG B 392 8.49 3.34 22.32
CA ARG B 392 8.55 4.25 21.20
C ARG B 392 9.96 4.77 21.11
N LEU B 393 10.39 5.15 19.93
CA LEU B 393 11.72 5.65 19.78
C LEU B 393 11.81 6.30 18.41
N GLY B 394 12.21 7.57 18.37
CA GLY B 394 12.34 8.34 17.14
C GLY B 394 11.41 9.56 17.05
N GLU B 395 11.73 10.46 16.13
CA GLU B 395 10.93 11.67 15.95
C GLU B 395 9.71 11.42 15.06
N GLY B 396 8.72 12.32 15.11
CA GLY B 396 7.54 12.26 14.26
C GLY B 396 6.64 11.05 14.47
N HIS B 397 5.71 10.87 13.53
CA HIS B 397 4.72 9.79 13.61
C HIS B 397 5.26 8.43 13.12
N ASN B 398 6.26 8.47 12.24
CA ASN B 398 6.78 7.23 11.68
C ASN B 398 8.03 6.76 12.37
N HIS B 399 7.96 6.70 13.70
CA HIS B 399 9.07 6.25 14.52
C HIS B 399 9.05 4.72 14.60
N MET B 400 9.79 4.19 15.56
CA MET B 400 9.86 2.76 15.77
C MET B 400 9.06 2.44 17.03
N ALA B 401 8.16 1.45 16.93
CA ALA B 401 7.30 1.14 18.04
C ALA B 401 7.25 -0.34 18.27
N LEU B 402 7.49 -0.73 19.53
CA LEU B 402 7.45 -2.12 19.94
C LEU B 402 6.31 -2.37 20.91
N VAL B 403 5.51 -3.40 20.63
CA VAL B 403 4.36 -3.70 21.46
C VAL B 403 4.46 -5.08 22.05
N ALA B 404 4.56 -5.13 23.38
CA ALA B 404 4.64 -6.38 24.13
C ALA B 404 3.33 -6.62 24.86
N LYS B 405 2.68 -7.71 24.47
CA LYS B 405 1.34 -8.00 24.87
C LYS B 405 1.34 -8.99 26.04
N ASN B 406 1.59 -8.45 27.23
CA ASN B 406 1.71 -9.26 28.44
C ASN B 406 0.43 -9.09 29.26
N THR B 407 -0.69 -9.12 28.56
CA THR B 407 -1.97 -8.73 29.14
C THR B 407 -2.82 -9.97 29.40
N SER B 408 -3.93 -9.76 30.11
CA SER B 408 -4.85 -10.84 30.46
C SER B 408 -5.62 -11.17 29.23
N GLN B 409 -6.65 -11.99 29.37
CA GLN B 409 -7.30 -12.57 28.21
C GLN B 409 -8.17 -11.59 27.42
N GLY B 410 -8.98 -10.80 28.13
CA GLY B 410 -9.91 -9.88 27.47
C GLY B 410 -11.15 -10.61 26.97
N MET B 411 -11.42 -11.77 27.58
CA MET B 411 -12.62 -12.60 27.34
C MET B 411 -12.75 -13.17 25.92
N GLY B 412 -13.97 -13.29 25.41
CA GLY B 412 -14.23 -13.99 24.14
C GLY B 412 -13.61 -13.41 22.86
N HIS B 413 -13.22 -12.13 22.86
CA HIS B 413 -12.53 -11.54 21.72
C HIS B 413 -11.02 -11.58 21.90
N GLY B 414 -10.56 -12.10 23.04
CA GLY B 414 -9.15 -12.22 23.33
C GLY B 414 -8.47 -13.28 22.47
N HIS B 415 -7.17 -13.11 22.24
CA HIS B 415 -6.38 -14.06 21.46
C HIS B 415 -5.49 -14.90 22.36
N PHE B 416 -5.35 -16.17 22.02
CA PHE B 416 -4.47 -17.06 22.79
C PHE B 416 -3.01 -16.80 22.47
N ASP B 417 -2.49 -15.66 22.93
CA ASP B 417 -1.22 -15.14 22.43
C ASP B 417 -0.39 -14.43 23.51
N LYS B 418 -0.36 -15.02 24.70
CA LYS B 418 0.38 -14.44 25.82
C LYS B 418 1.82 -14.19 25.45
N LEU B 419 2.28 -12.97 25.73
CA LEU B 419 3.67 -12.56 25.49
C LEU B 419 4.02 -12.27 24.02
N ASN B 420 2.98 -12.27 23.17
CA ASN B 420 3.07 -11.86 21.76
C ASN B 420 3.74 -10.51 21.61
N TRP B 421 4.25 -10.23 20.42
CA TRP B 421 4.82 -8.92 20.20
C TRP B 421 4.55 -8.39 18.82
N LEU B 422 4.75 -7.08 18.67
CA LEU B 422 4.55 -6.40 17.41
C LEU B 422 5.66 -5.39 17.22
N LEU B 423 6.00 -5.15 15.96
CA LEU B 423 6.97 -4.11 15.70
C LEU B 423 6.50 -3.26 14.54
N TYR B 424 6.64 -1.94 14.68
CA TYR B 424 6.28 -0.97 13.67
C TYR B 424 7.50 -0.14 13.42
N ASP B 425 7.70 0.29 12.17
CA ASP B 425 8.84 1.12 11.84
C ASP B 425 8.58 1.82 10.53
N ASN B 426 9.19 3.01 10.36
CA ASN B 426 9.19 3.65 9.05
C ASN B 426 7.77 3.76 8.44
N GLY B 427 6.77 3.83 9.32
CA GLY B 427 5.39 4.04 8.89
C GLY B 427 4.67 2.75 8.57
N ASN B 428 5.34 1.61 8.77
CA ASN B 428 4.77 0.31 8.44
C ASN B 428 4.76 -0.63 9.64
N GLU B 429 3.97 -1.69 9.53
CA GLU B 429 4.07 -2.81 10.47
C GLU B 429 5.13 -3.79 9.96
N ILE B 430 6.05 -4.16 10.83
CA ILE B 430 7.16 -5.01 10.43
C ILE B 430 6.92 -6.41 10.93
N VAL B 431 6.57 -6.53 12.21
CA VAL B 431 6.24 -7.83 12.78
C VAL B 431 4.80 -7.71 13.26
N THR B 432 3.95 -8.58 12.78
CA THR B 432 2.56 -8.24 12.66
C THR B 432 1.64 -9.17 13.41
N ASP B 433 0.48 -8.62 13.73
CA ASP B 433 -0.63 -9.37 14.33
C ASP B 433 -1.74 -9.43 13.30
N TYR B 434 -2.38 -10.58 13.19
CA TYR B 434 -3.35 -10.83 12.12
C TYR B 434 -4.63 -10.01 12.29
N GLY B 435 -4.99 -9.71 13.54
CA GLY B 435 -6.30 -9.18 13.86
C GLY B 435 -7.32 -10.29 13.71
N ALA B 436 -8.57 -9.92 13.46
CA ALA B 436 -9.68 -10.85 13.34
C ALA B 436 -9.91 -11.26 11.90
N ALA B 437 -10.61 -12.38 11.70
CA ALA B 437 -11.04 -12.79 10.38
C ALA B 437 -12.47 -12.38 10.26
N ARG B 438 -12.70 -11.32 9.49
CA ARG B 438 -13.99 -10.67 9.42
C ARG B 438 -13.97 -9.61 8.33
N TYR B 439 -15.08 -9.48 7.61
CA TYR B 439 -15.23 -8.47 6.54
C TYR B 439 -16.47 -7.63 6.82
N LEU B 440 -16.27 -6.50 7.51
CA LEU B 440 -17.35 -5.71 8.09
C LEU B 440 -18.44 -5.34 7.08
N ASN B 441 -19.67 -5.75 7.39
CA ASN B 441 -20.86 -5.44 6.59
C ASN B 441 -20.80 -5.97 5.17
N VAL B 442 -19.92 -6.92 4.91
CA VAL B 442 -19.88 -7.56 3.60
C VAL B 442 -20.75 -8.79 3.72
N GLU B 443 -21.93 -8.71 3.09
CA GLU B 443 -22.92 -9.79 3.16
C GLU B 443 -22.42 -11.16 2.69
N ALA B 444 -21.75 -11.20 1.54
CA ALA B 444 -21.28 -12.46 0.97
C ALA B 444 -20.08 -13.07 1.74
N LYS B 445 -19.58 -12.39 2.76
CA LYS B 445 -18.65 -13.00 3.71
C LYS B 445 -19.38 -13.29 5.05
N TYR B 446 -20.24 -14.31 5.05
CA TYR B 446 -20.97 -14.79 6.25
C TYR B 446 -21.75 -13.69 6.98
N GLY B 447 -22.34 -12.78 6.20
CA GLY B 447 -23.14 -11.68 6.74
C GLY B 447 -22.39 -10.61 7.51
N GLY B 448 -21.08 -10.52 7.31
CA GLY B 448 -20.24 -9.56 8.05
C GLY B 448 -19.87 -10.05 9.44
N HIS B 449 -20.32 -11.27 9.76
CA HIS B 449 -20.03 -11.90 11.06
C HIS B 449 -18.59 -12.34 11.15
N TYR B 450 -18.12 -12.56 12.38
CA TYR B 450 -16.86 -13.25 12.62
C TYR B 450 -16.90 -14.63 11.94
N LEU B 451 -15.89 -14.91 11.12
CA LEU B 451 -15.89 -16.11 10.29
C LEU B 451 -15.38 -17.32 11.10
N ALA B 452 -15.60 -18.51 10.55
CA ALA B 452 -15.15 -19.77 11.18
C ALA B 452 -13.64 -19.76 11.46
N GLU B 453 -12.92 -19.09 10.58
CA GLU B 453 -11.48 -19.00 10.68
C GLU B 453 -11.04 -17.98 11.73
N ASN B 454 -11.99 -17.22 12.28
CA ASN B 454 -11.64 -16.36 13.39
C ASN B 454 -11.21 -17.16 14.63
N ASN B 455 -11.94 -18.25 14.87
CA ASN B 455 -11.63 -19.15 15.97
C ASN B 455 -10.49 -20.10 15.61
N THR B 456 -10.64 -20.70 14.44
CA THR B 456 -9.76 -21.73 13.95
C THR B 456 -8.36 -21.19 13.65
N TRP B 457 -8.27 -19.95 13.15
CA TRP B 457 -6.98 -19.30 12.90
C TRP B 457 -6.63 -18.08 13.74
N ALA B 458 -7.45 -17.05 13.67
CA ALA B 458 -7.04 -15.75 14.17
C ALA B 458 -6.66 -15.76 15.63
N LYS B 459 -7.36 -16.61 16.40
CA LYS B 459 -7.18 -16.69 17.86
C LYS B 459 -6.01 -17.56 18.31
N GLN B 460 -5.59 -18.48 17.45
CA GLN B 460 -4.65 -19.52 17.85
C GLN B 460 -3.27 -18.96 18.02
N THR B 461 -2.52 -19.56 18.94
CA THR B 461 -1.17 -19.10 19.26
C THR B 461 -0.25 -19.17 18.06
N ILE B 462 -0.45 -20.21 17.24
CA ILE B 462 0.38 -20.40 16.06
C ILE B 462 0.23 -19.24 15.08
N ALA B 463 -0.91 -18.52 15.16
CA ALA B 463 -1.09 -17.35 14.30
C ALA B 463 -0.29 -16.14 14.82
N HIS B 464 0.38 -16.28 15.96
CA HIS B 464 1.00 -15.13 16.62
C HIS B 464 2.51 -15.28 16.77
N ASN B 465 3.16 -14.15 17.01
CA ASN B 465 4.61 -14.09 17.24
C ASN B 465 5.03 -14.47 18.66
N THR B 466 4.58 -15.64 19.12
CA THR B 466 4.94 -16.10 20.46
C THR B 466 5.02 -17.64 20.52
N LEU B 467 5.36 -18.19 21.69
CA LEU B 467 5.64 -19.64 21.83
C LEU B 467 4.45 -20.61 21.68
N VAL B 468 4.60 -21.63 20.85
CA VAL B 468 3.60 -22.72 20.76
C VAL B 468 4.27 -24.04 21.20
N VAL B 469 3.75 -24.62 22.28
CA VAL B 469 4.20 -25.90 22.84
C VAL B 469 3.33 -27.07 22.30
N ASN B 470 4.01 -28.06 21.70
CA ASN B 470 3.39 -29.25 21.11
C ASN B 470 2.20 -28.97 20.20
N GLU B 471 2.38 -27.99 19.30
CA GLU B 471 1.32 -27.60 18.35
C GLU B 471 -0.02 -27.32 19.05
N GLN B 472 0.02 -26.76 20.25
CA GLN B 472 -1.22 -26.46 20.98
C GLN B 472 -1.23 -25.03 21.46
N SER B 473 -2.43 -24.46 21.53
CA SER B 473 -2.54 -23.06 21.91
C SER B 473 -2.39 -22.86 23.40
N HIS B 474 -1.96 -21.65 23.79
CA HIS B 474 -2.01 -21.20 25.18
C HIS B 474 -3.36 -21.58 25.80
N PHE B 475 -3.30 -22.04 27.06
CA PHE B 475 -4.50 -22.48 27.80
C PHE B 475 -5.37 -23.45 26.99
N TYR B 476 -4.71 -24.20 26.11
CA TYR B 476 -5.33 -25.21 25.23
C TYR B 476 -6.50 -24.69 24.43
N GLY B 477 -6.50 -23.37 24.18
CA GLY B 477 -7.54 -22.74 23.38
C GLY B 477 -8.89 -22.63 24.07
N ASP B 478 -8.86 -22.68 25.40
CA ASP B 478 -10.07 -22.59 26.25
C ASP B 478 -10.17 -21.21 26.93
N VAL B 479 -11.12 -20.39 26.48
CA VAL B 479 -11.40 -19.06 27.05
C VAL B 479 -11.59 -19.05 28.58
N THR B 480 -12.41 -19.98 29.08
CA THR B 480 -12.70 -20.05 30.53
C THR B 480 -11.43 -20.13 31.38
N THR B 481 -10.49 -20.99 30.97
CA THR B 481 -9.22 -21.17 31.67
C THR B 481 -8.33 -19.94 31.48
N ALA B 482 -8.25 -19.47 30.23
CA ALA B 482 -7.51 -18.27 29.89
C ALA B 482 -7.97 -17.06 30.73
N ASP B 483 -9.27 -17.02 31.03
CA ASP B 483 -9.86 -15.99 31.89
C ASP B 483 -9.33 -15.98 33.32
N LEU B 484 -8.88 -17.13 33.81
CA LEU B 484 -8.38 -17.27 35.20
C LEU B 484 -6.98 -16.70 35.47
N HIS B 485 -6.22 -16.43 34.41
CA HIS B 485 -4.79 -16.11 34.59
C HIS B 485 -4.33 -14.89 33.81
N HIS B 486 -3.30 -14.24 34.31
CA HIS B 486 -2.62 -13.18 33.58
C HIS B 486 -1.10 -13.38 33.67
N PRO B 487 -0.36 -12.96 32.64
CA PRO B 487 1.10 -12.91 32.74
C PRO B 487 1.58 -12.09 33.94
N GLU B 488 2.80 -12.34 34.39
CA GLU B 488 3.37 -11.57 35.46
C GLU B 488 4.44 -10.64 34.89
N VAL B 489 4.25 -9.34 35.04
CA VAL B 489 5.24 -8.38 34.60
C VAL B 489 6.45 -8.38 35.52
N LEU B 490 7.60 -8.81 35.02
CA LEU B 490 8.83 -8.79 35.82
C LEU B 490 9.49 -7.42 35.84
N SER B 491 9.45 -6.70 34.73
CA SER B 491 10.22 -5.48 34.61
C SER B 491 9.79 -4.59 33.45
N PHE B 492 9.83 -3.30 33.71
CA PHE B 492 9.65 -2.30 32.70
C PHE B 492 10.67 -1.21 32.94
N TYR B 493 11.34 -0.80 31.88
CA TYR B 493 12.30 0.29 31.92
C TYR B 493 12.33 1.00 30.57
N SER B 494 12.54 2.31 30.59
CA SER B 494 12.71 3.09 29.37
C SER B 494 13.69 4.24 29.61
N GLY B 495 14.87 4.19 29.00
CA GLY B 495 15.88 5.23 29.13
C GLY B 495 16.42 5.68 27.79
N GLU B 496 17.31 6.66 27.79
CA GLU B 496 18.01 7.11 26.57
C GLU B 496 18.89 5.99 26.00
N ASP B 497 19.39 5.15 26.90
CA ASP B 497 20.30 4.07 26.53
C ASP B 497 19.57 2.88 25.90
N TYR B 498 18.58 2.33 26.61
CA TYR B 498 17.74 1.28 26.06
C TYR B 498 16.36 1.27 26.68
N GLN B 499 15.56 0.26 26.33
CA GLN B 499 14.22 0.08 26.86
C GLN B 499 14.00 -1.40 26.96
N LEU B 500 13.16 -1.80 27.92
CA LEU B 500 12.93 -3.19 28.22
C LEU B 500 11.52 -3.39 28.74
N SER B 501 10.92 -4.53 28.38
CA SER B 501 9.79 -5.07 29.07
C SER B 501 10.06 -6.54 29.23
N SER B 502 9.85 -7.07 30.42
CA SER B 502 10.06 -8.48 30.66
C SER B 502 8.86 -9.05 31.39
N ALA B 503 8.45 -10.25 31.05
CA ALA B 503 7.24 -10.82 31.66
C ALA B 503 7.23 -12.35 31.65
N LYS B 504 6.58 -12.93 32.66
CA LYS B 504 6.58 -14.36 32.87
C LYS B 504 5.21 -14.90 32.62
N GLU B 505 5.14 -16.00 31.89
CA GLU B 505 3.90 -16.74 31.72
C GLU B 505 4.02 -18.15 32.27
N ALA B 506 3.36 -18.38 33.40
CA ALA B 506 3.49 -19.65 34.11
C ALA B 506 2.30 -20.63 33.93
N ASN B 507 1.24 -20.21 33.24
CA ASN B 507 0.00 -21.00 33.21
C ASN B 507 -0.54 -21.43 31.86
N ALA B 508 0.15 -21.04 30.80
CA ALA B 508 -0.25 -21.38 29.43
C ALA B 508 -0.42 -22.89 29.20
N TYR B 509 0.47 -23.68 29.79
CA TYR B 509 0.37 -25.13 29.68
C TYR B 509 0.81 -25.84 30.98
N ASP B 510 0.27 -27.04 31.18
CA ASP B 510 0.69 -27.88 32.30
C ASP B 510 2.16 -28.22 32.19
N GLY B 511 2.87 -28.02 33.31
CA GLY B 511 4.27 -28.36 33.42
C GLY B 511 5.20 -27.45 32.63
N VAL B 512 4.66 -26.37 32.06
CA VAL B 512 5.48 -25.45 31.27
C VAL B 512 5.49 -24.05 31.86
N GLU B 513 6.66 -23.42 31.81
CA GLU B 513 6.81 -22.06 32.27
C GLU B 513 7.65 -21.28 31.24
N PHE B 514 7.18 -20.12 30.78
CA PHE B 514 8.05 -19.26 29.93
C PHE B 514 8.11 -17.79 30.29
N VAL B 515 9.14 -17.11 29.82
CA VAL B 515 9.51 -15.78 30.26
C VAL B 515 10.12 -15.07 29.06
N ARG B 516 9.57 -13.91 28.69
CA ARG B 516 10.11 -13.17 27.55
C ARG B 516 10.65 -11.80 27.93
N SER B 517 11.72 -11.37 27.27
CA SER B 517 12.21 -10.02 27.50
C SER B 517 12.51 -9.36 26.16
N MET B 518 12.05 -8.13 26.01
CA MET B 518 12.14 -7.44 24.75
C MET B 518 12.84 -6.14 25.01
N LEU B 519 13.85 -5.85 24.21
CA LEU B 519 14.60 -4.63 24.39
C LEU B 519 14.65 -3.85 23.10
N LEU B 520 14.74 -2.54 23.23
CA LEU B 520 15.13 -1.69 22.13
C LEU B 520 16.39 -1.08 22.58
N VAL B 521 17.41 -1.16 21.75
CA VAL B 521 18.74 -0.76 22.16
C VAL B 521 19.24 0.28 21.19
N ASN B 522 19.67 1.42 21.72
CA ASN B 522 20.33 2.43 20.90
C ASN B 522 21.82 2.20 20.77
N VAL B 523 22.21 1.82 19.57
CA VAL B 523 23.62 1.66 19.23
C VAL B 523 24.02 2.86 18.39
N PRO B 524 24.78 3.80 18.97
CA PRO B 524 25.13 5.05 18.26
C PRO B 524 25.77 4.88 16.87
N SER B 525 26.47 3.77 16.65
CA SER B 525 27.10 3.53 15.34
C SER B 525 26.09 3.03 14.28
N LEU B 526 24.91 2.61 14.74
CA LEU B 526 23.92 2.03 13.85
C LEU B 526 22.92 3.10 13.44
N GLU B 527 22.32 2.91 12.28
CA GLU B 527 21.33 3.82 11.71
C GLU B 527 20.02 3.90 12.51
N HIS B 528 19.58 2.79 13.11
CA HIS B 528 18.25 2.71 13.77
C HIS B 528 18.35 1.87 15.04
N PRO B 529 17.42 2.07 16.00
CA PRO B 529 17.46 1.19 17.16
C PRO B 529 17.31 -0.27 16.79
N ILE B 530 17.56 -1.15 17.74
CA ILE B 530 17.69 -2.56 17.49
C ILE B 530 16.77 -3.26 18.46
N VAL B 531 16.12 -4.31 18.02
CA VAL B 531 15.33 -5.12 18.96
C VAL B 531 16.18 -6.31 19.41
N VAL B 532 16.22 -6.54 20.71
CA VAL B 532 16.75 -7.80 21.21
C VAL B 532 15.64 -8.55 21.96
N ASP B 533 15.55 -9.84 21.72
CA ASP B 533 14.44 -10.65 22.22
C ASP B 533 15.03 -11.91 22.86
N VAL B 534 14.55 -12.26 24.04
CA VAL B 534 14.95 -13.49 24.72
C VAL B 534 13.74 -14.18 25.30
N LEU B 535 13.41 -15.34 24.77
CA LEU B 535 12.34 -16.16 25.29
C LEU B 535 12.85 -17.52 25.80
N ASN B 536 12.90 -17.64 27.14
CA ASN B 536 13.22 -18.88 27.83
C ASN B 536 11.97 -19.71 28.02
N VAL B 537 12.06 -21.00 27.74
CA VAL B 537 11.00 -21.92 28.08
C VAL B 537 11.56 -23.08 28.92
N SER B 538 10.65 -23.76 29.61
CA SER B 538 11.01 -24.81 30.54
C SER B 538 9.80 -25.70 30.65
N ALA B 539 9.96 -26.98 30.31
CA ALA B 539 8.89 -27.96 30.47
C ALA B 539 9.33 -29.19 31.28
N ASP B 540 8.35 -29.87 31.89
CA ASP B 540 8.55 -31.14 32.58
C ASP B 540 8.92 -32.23 31.57
N LYS B 541 8.06 -32.42 30.57
CA LYS B 541 8.23 -33.43 29.53
C LYS B 541 8.94 -32.87 28.28
N ALA B 542 9.57 -33.75 27.51
CA ALA B 542 10.24 -33.35 26.27
C ALA B 542 9.20 -32.82 25.27
N SER B 543 9.51 -31.69 24.64
CA SER B 543 8.48 -30.93 23.92
C SER B 543 8.92 -30.39 22.57
N THR B 544 7.92 -30.09 21.72
CA THR B 544 8.11 -29.20 20.56
C THR B 544 7.88 -27.75 21.01
N PHE B 545 8.84 -26.88 20.67
CA PHE B 545 8.75 -25.46 20.92
C PHE B 545 8.78 -24.70 19.59
N ASP B 546 7.69 -23.98 19.28
CA ASP B 546 7.65 -23.16 18.06
C ASP B 546 7.56 -21.68 18.42
N LEU B 547 8.34 -20.85 17.72
CA LEU B 547 8.27 -19.41 17.88
C LEU B 547 8.15 -18.74 16.50
N PRO B 548 6.91 -18.40 16.08
CA PRO B 548 6.72 -17.75 14.79
C PRO B 548 7.19 -16.30 14.75
N LEU B 549 7.50 -15.84 13.55
CA LEU B 549 7.71 -14.44 13.25
C LEU B 549 6.96 -14.10 11.94
N TYR B 550 5.83 -13.42 12.08
CA TYR B 550 5.06 -12.96 10.94
C TYR B 550 5.59 -11.61 10.52
N PHE B 551 6.35 -11.62 9.45
CA PHE B 551 6.97 -10.41 8.96
C PHE B 551 6.19 -9.89 7.78
N ASN B 552 6.43 -8.64 7.47
CA ASN B 552 5.80 -8.03 6.37
C ASN B 552 6.95 -7.62 5.45
N GLY B 553 6.92 -8.11 4.22
CA GLY B 553 7.88 -7.68 3.19
C GLY B 553 8.34 -8.81 2.29
N GLN B 554 9.40 -8.55 1.53
CA GLN B 554 9.89 -9.53 0.56
C GLN B 554 11.27 -10.00 1.00
N ILE B 555 11.46 -11.32 1.07
CA ILE B 555 12.73 -11.88 1.44
C ILE B 555 13.85 -11.48 0.49
N ILE B 556 14.94 -10.95 1.04
CA ILE B 556 16.15 -10.76 0.26
C ILE B 556 16.89 -12.10 0.19
N ASP B 557 17.33 -12.63 1.34
CA ASP B 557 18.00 -13.93 1.41
C ASP B 557 18.03 -14.46 2.84
N PHE B 558 18.35 -15.74 2.97
CA PHE B 558 18.59 -16.39 4.25
C PHE B 558 20.04 -16.82 4.35
N SER B 559 20.50 -17.10 5.56
CA SER B 559 21.86 -17.59 5.76
C SER B 559 21.87 -19.13 5.71
N PHE B 560 20.75 -19.73 6.03
CA PHE B 560 20.65 -21.17 6.06
C PHE B 560 20.26 -21.72 4.68
N LYS B 561 20.32 -23.04 4.53
CA LYS B 561 20.02 -23.70 3.26
C LYS B 561 18.72 -24.51 3.33
N VAL B 562 17.75 -24.16 2.48
CA VAL B 562 16.46 -24.87 2.47
C VAL B 562 16.55 -26.25 1.82
N LYS B 563 15.85 -27.23 2.40
CA LYS B 563 15.68 -28.51 1.70
C LYS B 563 14.66 -28.28 0.60
N ASP B 564 14.89 -28.93 -0.54
CA ASP B 564 14.00 -28.83 -1.68
C ASP B 564 12.61 -29.32 -1.28
N ASN B 565 11.58 -28.51 -1.57
CA ASN B 565 10.20 -28.87 -1.24
C ASN B 565 9.59 -29.87 -2.20
N LYS B 566 10.37 -30.23 -3.23
CA LYS B 566 9.97 -31.26 -4.18
C LYS B 566 8.65 -30.92 -4.86
N ASN B 567 8.41 -29.62 -5.05
CA ASN B 567 7.27 -29.15 -5.85
C ASN B 567 5.90 -29.53 -5.27
N VAL B 568 5.84 -29.67 -3.96
CA VAL B 568 4.57 -29.72 -3.23
C VAL B 568 4.70 -28.94 -1.93
N MET B 569 3.63 -28.24 -1.56
CA MET B 569 3.49 -27.76 -0.19
C MET B 569 2.33 -28.50 0.42
N LYS B 570 2.57 -29.05 1.60
CA LYS B 570 1.52 -29.74 2.33
C LYS B 570 1.11 -28.90 3.52
N MET B 571 -0.08 -29.19 4.02
CA MET B 571 -0.51 -28.67 5.30
C MET B 571 0.51 -28.96 6.41
N LEU B 572 0.76 -27.95 7.23
CA LEU B 572 1.86 -27.98 8.20
C LEU B 572 1.58 -28.84 9.44
N GLY B 573 0.33 -28.90 9.86
CA GLY B 573 -0.05 -29.62 11.07
C GLY B 573 -1.54 -29.83 10.97
N LYS B 574 -2.15 -30.47 11.96
CA LYS B 574 -3.56 -30.94 11.83
C LYS B 574 -4.58 -30.16 12.68
N ARG B 575 -4.11 -29.50 13.74
CA ARG B 575 -5.00 -28.81 14.67
C ARG B 575 -4.47 -27.45 15.14
N ASN B 576 -5.38 -26.62 15.66
CA ASN B 576 -5.03 -25.41 16.40
C ASN B 576 -4.35 -24.30 15.56
N GLY B 577 -4.82 -24.15 14.33
CA GLY B 577 -4.24 -23.15 13.44
C GLY B 577 -3.26 -23.73 12.44
N TYR B 578 -2.51 -24.77 12.85
CA TYR B 578 -1.60 -25.49 11.96
C TYR B 578 -2.25 -26.00 10.66
N GLN B 579 -3.52 -26.38 10.71
CA GLN B 579 -4.20 -26.84 9.49
C GLN B 579 -4.45 -25.72 8.48
N HIS B 580 -4.12 -24.48 8.87
CA HIS B 580 -4.27 -23.34 7.99
C HIS B 580 -3.02 -22.93 7.22
N LEU B 581 -1.86 -23.46 7.63
CA LEU B 581 -0.58 -23.11 7.01
C LEU B 581 -0.03 -24.15 6.00
N TRP B 582 0.65 -23.66 4.97
CA TRP B 582 1.38 -24.52 4.03
C TRP B 582 2.86 -24.49 4.35
N LEU B 583 3.48 -25.67 4.32
CA LEU B 583 4.92 -25.73 4.51
C LEU B 583 5.57 -25.50 3.16
N ARG B 584 6.29 -24.40 3.03
CA ARG B 584 6.97 -24.10 1.78
C ARG B 584 8.40 -24.64 1.76
N ASN B 585 9.09 -24.57 2.90
CA ASN B 585 10.46 -25.04 3.01
C ASN B 585 10.82 -25.33 4.44
N THR B 586 11.70 -26.31 4.65
CA THR B 586 12.43 -26.48 5.92
C THR B 586 13.89 -26.15 5.66
N ALA B 587 14.63 -25.85 6.71
CA ALA B 587 16.05 -25.72 6.65
C ALA B 587 16.57 -26.14 8.00
N PRO B 588 17.79 -26.72 8.07
CA PRO B 588 18.27 -27.12 9.38
C PRO B 588 19.14 -26.03 9.98
N VAL B 589 19.14 -25.94 11.31
CA VAL B 589 19.99 -24.95 11.99
C VAL B 589 20.62 -25.60 13.23
N GLY B 590 21.65 -24.97 13.78
CA GLY B 590 22.28 -25.46 15.00
C GLY B 590 22.90 -24.37 15.85
N ASP B 591 24.16 -24.57 16.20
CA ASP B 591 24.89 -23.74 17.15
C ASP B 591 24.97 -22.29 16.75
N ALA B 592 25.33 -22.04 15.49
CA ALA B 592 25.58 -20.67 15.03
C ALA B 592 24.27 -19.89 14.81
N SER B 593 24.34 -18.56 14.93
CA SER B 593 23.18 -17.76 14.62
C SER B 593 22.91 -17.74 13.11
N GLU B 594 21.63 -17.62 12.75
CA GLU B 594 21.19 -17.53 11.36
C GLU B 594 20.61 -16.15 11.09
N ARG B 595 20.31 -15.85 9.83
CA ARG B 595 19.86 -14.55 9.42
C ARG B 595 18.78 -14.71 8.36
N ALA B 596 17.73 -13.89 8.48
CA ALA B 596 16.81 -13.60 7.37
C ALA B 596 16.76 -12.09 7.13
N THR B 597 16.97 -11.69 5.89
CA THR B 597 16.92 -10.29 5.53
C THR B 597 15.76 -10.09 4.59
N TRP B 598 14.99 -9.04 4.82
CA TRP B 598 13.89 -8.71 3.89
C TRP B 598 13.78 -7.22 3.65
N ILE B 599 13.03 -6.87 2.62
CA ILE B 599 12.85 -5.50 2.20
C ILE B 599 11.39 -5.13 2.43
N LEU B 600 11.16 -3.93 2.94
CA LEU B 600 9.80 -3.34 3.03
C LEU B 600 9.88 -1.86 2.67
N ASP B 601 9.24 -1.52 1.57
CA ASP B 601 9.35 -0.20 0.95
C ASP B 601 10.81 0.20 0.76
N ASP B 602 11.26 1.27 1.43
CA ASP B 602 12.64 1.78 1.25
C ASP B 602 13.59 1.29 2.34
N ARG B 603 13.18 0.30 3.12
CA ARG B 603 14.03 -0.17 4.19
C ARG B 603 14.19 -1.70 4.28
N PHE B 604 15.40 -2.13 4.68
CA PHE B 604 15.72 -3.56 4.94
C PHE B 604 15.58 -3.88 6.41
N TYR B 605 15.23 -5.14 6.68
CA TYR B 605 15.09 -5.65 8.02
C TYR B 605 15.79 -6.98 8.12
N SER B 606 16.71 -7.07 9.07
CA SER B 606 17.44 -8.33 9.26
C SER B 606 17.12 -8.89 10.62
N TYR B 607 16.63 -10.11 10.59
CA TYR B 607 16.37 -10.90 11.76
C TYR B 607 17.51 -11.96 11.92
N ALA B 608 18.33 -11.78 12.98
CA ALA B 608 19.38 -12.73 13.37
C ALA B 608 18.95 -13.52 14.58
N PHE B 609 19.12 -14.83 14.56
CA PHE B 609 18.54 -15.68 15.61
C PHE B 609 19.34 -16.94 16.00
N VAL B 610 19.30 -17.29 17.30
CA VAL B 610 19.89 -18.52 17.85
C VAL B 610 19.08 -19.07 19.01
N THR B 611 18.85 -20.36 18.99
CA THR B 611 18.21 -21.04 20.09
C THR B 611 19.22 -21.93 20.84
N SER B 612 19.51 -21.56 22.10
CA SER B 612 20.25 -22.42 23.02
C SER B 612 19.30 -23.45 23.55
N THR B 613 19.58 -24.70 23.26
CA THR B 613 18.80 -25.81 23.78
C THR B 613 19.75 -27.00 23.95
N PRO B 614 19.48 -27.88 24.94
CA PRO B 614 20.19 -29.18 25.00
C PRO B 614 19.92 -30.05 23.76
N SER B 615 18.71 -29.97 23.22
CA SER B 615 18.31 -30.71 22.02
C SER B 615 19.18 -30.38 20.81
N LYS B 616 19.37 -31.40 19.96
CA LYS B 616 20.16 -31.24 18.75
C LYS B 616 19.28 -31.18 17.50
N LYS B 617 17.96 -31.19 17.70
CA LYS B 617 16.99 -31.25 16.60
C LYS B 617 16.20 -29.93 16.39
N GLN B 618 16.87 -28.95 15.78
CA GLN B 618 16.32 -27.64 15.46
C GLN B 618 16.17 -27.46 13.96
N ASN B 619 15.03 -26.93 13.56
CA ASN B 619 14.80 -26.52 12.18
C ASN B 619 14.15 -25.15 12.11
N VAL B 620 14.19 -24.57 10.93
CA VAL B 620 13.49 -23.34 10.62
C VAL B 620 12.49 -23.72 9.55
N LEU B 621 11.28 -23.20 9.65
CA LEU B 621 10.22 -23.49 8.68
C LEU B 621 9.72 -22.18 8.08
N ILE B 622 9.60 -22.16 6.75
CA ILE B 622 8.96 -21.05 6.06
C ILE B 622 7.61 -21.55 5.64
N ALA B 623 6.56 -20.91 6.16
CA ALA B 623 5.23 -21.38 5.88
C ALA B 623 4.36 -20.25 5.36
N GLU B 624 3.21 -20.60 4.81
CA GLU B 624 2.39 -19.66 4.08
C GLU B 624 0.93 -19.90 4.41
N LEU B 625 0.17 -18.84 4.64
CA LEU B 625 -1.24 -19.00 5.04
C LEU B 625 -2.09 -19.35 3.84
N GLY B 626 -3.14 -20.13 4.05
CA GLY B 626 -4.07 -20.46 2.97
C GLY B 626 -4.64 -21.85 2.94
N ALA B 627 -4.11 -22.76 3.76
CA ALA B 627 -4.66 -24.14 3.81
C ALA B 627 -5.98 -24.17 4.56
N ASN B 628 -6.84 -25.15 4.23
CA ASN B 628 -8.16 -25.27 4.85
C ASN B 628 -8.90 -23.94 4.83
N ASP B 629 -8.89 -23.31 3.66
CA ASP B 629 -9.54 -22.03 3.45
C ASP B 629 -10.27 -22.06 2.11
N PRO B 630 -11.27 -22.95 1.97
CA PRO B 630 -11.97 -23.09 0.69
C PRO B 630 -12.77 -21.85 0.27
N ASN B 631 -13.10 -21.00 1.24
CA ASN B 631 -13.87 -19.78 0.97
C ASN B 631 -12.98 -18.54 0.76
N TYR B 632 -11.67 -18.73 0.75
CA TYR B 632 -10.73 -17.60 0.56
C TYR B 632 -10.92 -16.45 1.56
N ASN B 633 -11.05 -16.82 2.84
CA ASN B 633 -11.29 -15.85 3.89
C ASN B 633 -10.01 -15.31 4.50
N LEU B 634 -8.92 -16.03 4.26
CA LEU B 634 -7.65 -15.66 4.85
C LEU B 634 -6.75 -14.91 3.85
N ARG B 635 -5.96 -13.97 4.37
CA ARG B 635 -5.06 -13.20 3.53
C ARG B 635 -3.76 -13.96 3.25
N GLN B 636 -3.01 -13.50 2.26
CA GLN B 636 -1.71 -14.08 1.97
C GLN B 636 -0.70 -13.61 3.00
N GLN B 637 0.06 -14.53 3.55
CA GLN B 637 0.92 -14.22 4.71
C GLN B 637 2.04 -15.27 4.80
N GLN B 638 3.28 -14.80 4.97
CA GLN B 638 4.43 -15.69 5.20
C GLN B 638 4.87 -15.70 6.67
N VAL B 639 5.37 -16.86 7.13
CA VAL B 639 6.04 -16.95 8.44
C VAL B 639 7.39 -17.62 8.47
N LEU B 640 8.27 -17.12 9.33
CA LEU B 640 9.46 -17.84 9.68
C LEU B 640 9.22 -18.50 11.04
N ILE B 641 9.14 -19.83 11.09
CA ILE B 641 8.93 -20.54 12.36
C ILE B 641 10.20 -21.25 12.81
N ARG B 642 10.66 -20.92 14.01
CA ARG B 642 11.82 -21.54 14.64
C ARG B 642 11.32 -22.71 15.48
N ARG B 643 11.65 -23.92 15.06
CA ARG B 643 11.22 -25.13 15.75
C ARG B 643 12.34 -25.84 16.49
N VAL B 644 11.96 -26.38 17.66
CA VAL B 644 12.84 -27.15 18.53
C VAL B 644 12.05 -28.34 19.01
N GLU B 645 12.48 -29.54 18.63
CA GLU B 645 11.81 -30.76 19.07
C GLU B 645 12.54 -31.44 20.25
N LYS B 646 11.84 -32.38 20.90
CA LYS B 646 12.37 -33.15 22.03
C LYS B 646 13.25 -32.32 22.97
N ALA B 647 12.64 -31.29 23.54
CA ALA B 647 13.35 -30.35 24.39
C ALA B 647 12.59 -30.08 25.67
N LYS B 648 13.34 -29.73 26.72
CA LYS B 648 12.79 -29.39 28.01
C LYS B 648 13.23 -27.98 28.40
N GLN B 649 14.36 -27.55 27.83
CA GLN B 649 14.80 -26.16 27.92
C GLN B 649 15.07 -25.62 26.52
N ALA B 650 14.79 -24.32 26.35
CA ALA B 650 15.21 -23.54 25.17
C ALA B 650 15.26 -22.05 25.48
N SER B 651 16.30 -21.39 24.96
CA SER B 651 16.34 -19.94 24.89
C SER B 651 16.35 -19.57 23.42
N PHE B 652 15.26 -18.94 22.97
CA PHE B 652 15.23 -18.37 21.62
C PHE B 652 15.70 -16.96 21.77
N VAL B 653 16.74 -16.59 21.05
CA VAL B 653 17.28 -15.23 21.10
C VAL B 653 17.22 -14.61 19.70
N SER B 654 16.83 -13.33 19.61
CA SER B 654 16.71 -12.63 18.32
C SER B 654 17.28 -11.23 18.36
N VAL B 655 17.63 -10.77 17.18
CA VAL B 655 17.86 -9.38 16.92
C VAL B 655 17.03 -9.04 15.66
N LEU B 656 16.18 -8.03 15.77
CA LEU B 656 15.54 -7.45 14.62
C LEU B 656 16.21 -6.11 14.33
N GLU B 657 16.81 -6.00 13.16
CA GLU B 657 17.63 -4.87 12.82
C GLU B 657 17.11 -4.19 11.56
N PRO B 658 16.68 -2.93 11.66
CA PRO B 658 16.30 -2.21 10.44
C PRO B 658 17.52 -1.52 9.86
N HIS B 659 17.69 -1.54 8.55
CA HIS B 659 18.89 -0.92 7.96
C HIS B 659 18.75 -0.56 6.51
N GLY B 660 19.55 0.42 6.08
CA GLY B 660 19.74 0.69 4.68
C GLY B 660 18.66 1.57 4.10
N LYS B 661 18.74 1.77 2.80
CA LYS B 661 17.83 2.61 2.06
C LYS B 661 17.76 2.12 0.63
N TYR B 662 16.54 1.84 0.18
CA TYR B 662 16.33 1.45 -1.20
C TYR B 662 15.49 2.55 -1.83
N ASP B 663 16.02 3.19 -2.87
CA ASP B 663 15.27 4.24 -3.57
C ASP B 663 15.04 3.88 -5.05
N GLY B 664 13.83 3.42 -5.37
CA GLY B 664 13.52 3.01 -6.74
C GLY B 664 13.32 4.17 -7.70
N SER B 665 13.11 5.35 -7.16
CA SER B 665 12.91 6.53 -7.98
C SER B 665 14.23 7.07 -8.50
N LEU B 666 15.20 7.21 -7.59
CA LEU B 666 16.52 7.74 -7.91
C LEU B 666 17.50 6.63 -8.24
N GLU B 667 17.09 5.39 -7.96
CA GLU B 667 17.89 4.20 -8.26
C GLU B 667 19.21 4.23 -7.51
N THR B 668 19.11 4.24 -6.18
CA THR B 668 20.26 4.09 -5.30
C THR B 668 19.87 3.09 -4.25
N THR B 669 20.83 2.30 -3.80
CA THR B 669 20.68 1.42 -2.63
C THR B 669 21.85 1.64 -1.71
N SER B 670 21.58 1.67 -0.41
CA SER B 670 22.61 1.75 0.62
C SER B 670 22.37 0.75 1.71
N GLY B 671 23.44 0.26 2.33
CA GLY B 671 23.37 -0.62 3.50
C GLY B 671 22.36 -1.74 3.43
N ALA B 672 22.15 -2.32 2.26
CA ALA B 672 21.31 -3.52 2.10
C ALA B 672 21.74 -4.74 2.95
N TYR B 673 23.03 -4.79 3.33
CA TYR B 673 23.55 -5.91 4.14
C TYR B 673 23.40 -5.60 5.60
N SER B 674 22.99 -6.60 6.37
CA SER B 674 22.97 -6.54 7.83
C SER B 674 24.30 -6.01 8.35
N ASN B 675 24.26 -5.25 9.45
CA ASN B 675 25.46 -4.83 10.15
C ASN B 675 25.74 -5.76 11.32
N VAL B 676 24.88 -6.77 11.49
CA VAL B 676 25.07 -7.77 12.53
C VAL B 676 25.82 -8.99 11.99
N LYS B 677 27.07 -9.15 12.44
CA LYS B 677 27.87 -10.31 12.10
C LYS B 677 27.27 -11.59 12.65
N SER B 678 26.98 -11.62 13.95
CA SER B 678 26.43 -12.83 14.59
C SER B 678 25.77 -12.51 15.92
N VAL B 679 25.07 -13.51 16.45
CA VAL B 679 24.38 -13.39 17.72
C VAL B 679 24.67 -14.62 18.57
N LYS B 680 25.26 -14.36 19.74
CA LYS B 680 25.63 -15.41 20.69
C LYS B 680 24.93 -15.24 22.04
N HIS B 681 24.47 -16.37 22.56
CA HIS B 681 23.80 -16.38 23.83
C HIS B 681 24.41 -17.43 24.76
N VAL B 682 24.47 -17.09 26.05
CA VAL B 682 24.95 -17.99 27.11
C VAL B 682 24.08 -17.85 28.37
N SER B 683 23.69 -19.00 28.91
CA SER B 683 22.91 -19.05 30.15
C SER B 683 23.80 -19.56 31.31
N GLU B 684 23.77 -18.85 32.44
CA GLU B 684 24.53 -19.24 33.63
C GLU B 684 23.61 -19.87 34.68
N ASN B 685 23.48 -19.21 35.85
CA ASN B 685 22.68 -19.72 36.96
C ASN B 685 21.26 -19.16 36.85
N GLY B 686 20.56 -19.56 35.78
CA GLY B 686 19.29 -18.94 35.38
C GLY B 686 19.41 -17.49 34.91
N LYS B 687 20.63 -17.04 34.62
CA LYS B 687 20.87 -15.71 34.04
C LYS B 687 21.18 -15.85 32.54
N ASP B 688 21.16 -14.75 31.80
CA ASP B 688 21.35 -14.76 30.35
C ASP B 688 22.23 -13.61 29.92
N VAL B 689 23.22 -13.91 29.10
CA VAL B 689 24.03 -12.87 28.49
C VAL B 689 23.90 -13.05 26.97
N VAL B 690 23.71 -11.94 26.27
CA VAL B 690 23.55 -11.96 24.82
C VAL B 690 24.58 -11.03 24.23
N VAL B 691 25.33 -11.57 23.26
CA VAL B 691 26.35 -10.79 22.60
C VAL B 691 26.04 -10.75 21.10
N VAL B 692 26.03 -9.54 20.58
CA VAL B 692 25.69 -9.26 19.22
C VAL B 692 26.93 -8.61 18.63
N ASP B 693 27.61 -9.36 17.77
CA ASP B 693 28.86 -8.91 17.17
C ASP B 693 28.54 -8.15 15.91
N LEU B 694 29.07 -6.94 15.82
CA LEU B 694 28.87 -6.12 14.64
C LEU B 694 29.97 -6.33 13.61
N LYS B 695 29.60 -6.21 12.33
CA LYS B 695 30.55 -6.32 11.21
C LYS B 695 31.79 -5.40 11.33
N ASP B 696 31.67 -4.31 12.07
CA ASP B 696 32.76 -3.33 12.20
C ASP B 696 33.71 -3.65 13.38
N GLY B 697 33.54 -4.81 13.98
CA GLY B 697 34.41 -5.27 15.05
C GLY B 697 33.93 -4.96 16.46
N SER B 698 33.03 -3.99 16.60
CA SER B 698 32.39 -3.70 17.89
C SER B 698 31.33 -4.75 18.24
N ASN B 699 30.83 -4.68 19.49
CA ASN B 699 29.75 -5.55 19.92
C ASN B 699 28.86 -4.88 20.96
N VAL B 700 27.73 -5.53 21.23
CA VAL B 700 26.75 -5.07 22.18
C VAL B 700 26.52 -6.23 23.11
N VAL B 701 26.53 -5.95 24.42
CA VAL B 701 26.28 -6.96 25.43
C VAL B 701 25.01 -6.66 26.19
N VAL B 702 24.09 -7.61 26.16
CA VAL B 702 22.84 -7.50 26.87
C VAL B 702 22.84 -8.56 27.96
N ALA B 703 22.61 -8.14 29.20
CA ALA B 703 22.63 -9.07 30.34
C ALA B 703 21.37 -9.01 31.19
N LEU B 704 20.80 -10.19 31.42
CA LEU B 704 19.55 -10.35 32.13
C LEU B 704 19.65 -11.20 33.38
N SER B 705 19.49 -10.59 34.55
CA SER B 705 19.48 -11.32 35.81
C SER B 705 18.13 -11.88 36.29
N TYR B 706 17.03 -11.19 35.96
CA TYR B 706 15.68 -11.55 36.46
C TYR B 706 15.47 -11.26 37.94
N ASN B 707 16.40 -10.49 38.50
CA ASN B 707 16.30 -10.05 39.87
C ASN B 707 16.00 -8.56 39.92
N ALA B 708 14.89 -8.21 40.59
CA ALA B 708 14.43 -6.81 40.73
C ALA B 708 15.38 -5.85 41.47
N ASN B 709 16.08 -6.34 42.49
CA ASN B 709 17.00 -5.52 43.28
C ASN B 709 18.12 -4.92 42.42
N SER B 710 18.09 -3.59 42.30
CA SER B 710 19.05 -2.83 41.49
C SER B 710 20.50 -2.75 42.01
N GLU B 711 20.72 -3.23 43.24
CA GLU B 711 22.07 -3.17 43.81
C GLU B 711 22.82 -4.49 43.68
N GLN B 712 22.06 -5.58 43.64
CA GLN B 712 22.60 -6.92 43.44
C GLN B 712 23.51 -6.99 42.21
N VAL B 713 24.73 -7.48 42.43
CA VAL B 713 25.74 -7.64 41.39
C VAL B 713 25.62 -9.06 40.81
N HIS B 714 25.94 -9.21 39.51
CA HIS B 714 25.78 -10.49 38.79
C HIS B 714 26.98 -10.86 37.93
N LYS B 715 27.19 -12.17 37.77
CA LYS B 715 28.40 -12.71 37.13
C LYS B 715 28.06 -13.82 36.13
N VAL B 716 28.44 -13.62 34.88
CA VAL B 716 28.37 -14.69 33.89
C VAL B 716 29.70 -14.78 33.14
N ASN B 717 30.05 -15.98 32.68
CA ASN B 717 31.22 -16.18 31.82
C ASN B 717 30.83 -16.53 30.38
N ALA B 718 31.26 -15.69 29.43
CA ALA B 718 30.97 -15.85 28.00
C ALA B 718 31.91 -16.87 27.37
N GLY B 719 32.60 -16.46 26.29
CA GLY B 719 33.68 -17.25 25.70
C GLY B 719 34.89 -17.17 26.61
N GLU B 720 34.69 -17.62 27.85
CA GLU B 720 35.59 -17.37 28.99
C GLU B 720 36.08 -15.92 29.13
N GLU B 721 35.18 -15.00 28.80
CA GLU B 721 35.26 -13.61 29.18
C GLU B 721 34.12 -13.41 30.19
N ALA B 722 34.39 -12.67 31.27
CA ALA B 722 33.43 -12.54 32.38
C ALA B 722 32.60 -11.26 32.33
N ILE B 723 31.28 -11.41 32.36
CA ILE B 723 30.36 -10.26 32.35
C ILE B 723 29.67 -10.08 33.70
N GLU B 724 29.91 -8.89 34.27
CA GLU B 724 29.43 -8.51 35.58
C GLU B 724 28.63 -7.22 35.46
N TRP B 725 27.45 -7.18 36.08
CA TRP B 725 26.57 -6.00 36.05
C TRP B 725 25.68 -5.94 37.29
N LYS B 726 25.04 -4.79 37.48
CA LYS B 726 24.05 -4.60 38.54
C LYS B 726 22.63 -4.53 37.96
N GLY B 727 21.67 -5.06 38.71
CA GLY B 727 20.25 -4.88 38.40
C GLY B 727 19.62 -6.00 37.59
N PHE B 728 18.37 -5.75 37.19
CA PHE B 728 17.60 -6.67 36.34
C PHE B 728 18.26 -6.86 34.97
N SER B 729 18.86 -5.79 34.44
CA SER B 729 19.39 -5.80 33.09
C SER B 729 20.51 -4.78 32.93
N SER B 730 21.29 -4.96 31.88
CA SER B 730 22.38 -4.09 31.56
C SER B 730 22.62 -4.24 30.06
N VAL B 731 22.93 -3.13 29.41
CA VAL B 731 23.28 -3.16 28.00
C VAL B 731 24.57 -2.37 27.84
N VAL B 732 25.62 -3.00 27.28
CA VAL B 732 26.86 -2.27 26.98
C VAL B 732 27.20 -2.33 25.51
N VAL B 733 27.62 -1.19 24.97
CA VAL B 733 28.17 -1.07 23.61
C VAL B 733 29.68 -0.90 23.73
N ARG B 734 30.44 -1.85 23.18
CA ARG B 734 31.90 -1.86 23.34
C ARG B 734 32.75 -1.46 22.11
N ARG B 735 34.04 -1.84 22.14
CA ARG B 735 35.07 -1.24 21.28
C ARG B 735 35.11 -1.85 19.88
ZN ZN C . 5.19 -8.87 -18.40
ZN ZN D . -4.06 -11.49 17.44
#